data_9QCN
#
_entry.id   9QCN
#
_cell.length_a   1.00
_cell.length_b   1.00
_cell.length_c   1.00
_cell.angle_alpha   90.00
_cell.angle_beta   90.00
_cell.angle_gamma   90.00
#
_symmetry.space_group_name_H-M   'P 1'
#
_entity_poly.entity_id   1
_entity_poly.type   'polypeptide(L)'
_entity_poly.pdbx_seq_one_letter_code
;MNSSIKKIYNHIQEKVINYSDTIDLADGNYVVSRGDGWILSRQNQILGGSVISNGSTGIVGDLRVNDNAIPYYYPTPSFN
EEYIKNNIQTVFANFTEANQIPIGFEFSKTAPSNKNLYMYLQYTYIRYEIIKVLQHEIIERAVLYVPSLGYVKSIEFNPG
EKINKDFYFLTNDKCILNEQFLYKKILETTKNIPTNNIFNSKVSSTQRVLPYSNGLYVINKGDGYIRTNDKDLIGTLLIE
AGSSGSIIQPRLRNTTRPLFTTSNDAKFSQQYTEERLKDAFNVQLFNTSTSLFKFVEEAPSNKNICIKAYNTYEKYELID
YQNGSIVNKAEYYLPSLGYCEVTNAPSPESEVVKTQVAEDGFIQNGPEEEIVVGVIDPSENIQEINTAISDNYTYNIPGI
VNNNPFYILFTVNTTGIYKINAQNNLPSLKIYEAIGSGNRNFQSGNLCDDDIKAINYITGFDSPNAKSYLVVLLNKDKNY
YIRVPQTSSNIENQIKFKREEGDLRNLMNSSVNIIDNLNSTGAHYYTRQSPDVHDYISYEFTIPGNFNNKDTSNIRLYTS
YNQGIGTLFRVTETIDGYNLINIQQNLNLLNSTKSIRLLNGAIYILKVEVTELNNYNIKLHIDITN
;
_entity_poly.pdbx_strand_id   A,B,C
#
# COMPACT_ATOMS: atom_id res chain seq x y z
N ASP A 21 35.95 27.95 -12.61
CA ASP A 21 36.46 28.03 -11.21
C ASP A 21 36.49 29.49 -10.74
N THR A 22 35.87 30.40 -11.49
CA THR A 22 35.88 31.85 -11.23
C THR A 22 34.47 32.27 -10.82
N ILE A 23 34.36 33.11 -9.80
CA ILE A 23 33.06 33.61 -9.30
C ILE A 23 33.10 35.14 -9.19
N ASP A 24 31.92 35.75 -9.13
CA ASP A 24 31.80 37.22 -9.00
C ASP A 24 31.51 37.63 -7.55
N LEU A 25 31.47 36.66 -6.64
CA LEU A 25 31.14 36.94 -5.23
C LEU A 25 32.31 37.66 -4.55
N ALA A 26 31.97 38.50 -3.56
CA ALA A 26 32.99 39.20 -2.75
C ALA A 26 33.73 38.18 -1.88
N ASP A 27 34.88 38.60 -1.37
CA ASP A 27 35.72 37.71 -0.52
C ASP A 27 34.98 37.37 0.76
N GLY A 28 34.95 36.08 1.09
CA GLY A 28 34.34 35.58 2.32
C GLY A 28 33.92 34.14 2.17
N ASN A 29 33.02 33.70 3.04
CA ASN A 29 32.51 32.31 3.05
C ASN A 29 31.04 32.33 2.68
N TYR A 30 30.63 31.35 1.87
CA TYR A 30 29.25 31.26 1.37
C TYR A 30 28.72 29.86 1.57
N VAL A 31 27.40 29.77 1.69
CA VAL A 31 26.67 28.47 1.73
C VAL A 31 25.99 28.28 0.38
N VAL A 32 26.33 27.19 -0.29
CA VAL A 32 25.88 26.97 -1.69
C VAL A 32 25.02 25.71 -1.74
N SER A 33 23.88 25.80 -2.40
CA SER A 33 23.01 24.65 -2.70
C SER A 33 23.05 24.40 -4.20
N ARG A 34 23.45 23.19 -4.60
CA ARG A 34 23.51 22.81 -6.03
C ARG A 34 22.23 22.11 -6.45
N GLY A 35 21.22 22.02 -5.58
CA GLY A 35 19.90 21.46 -5.88
C GLY A 35 19.86 19.96 -5.72
N ASP A 36 18.67 19.42 -5.93
CA ASP A 36 18.41 17.97 -5.80
C ASP A 36 18.70 17.29 -7.14
N GLY A 37 18.67 15.96 -7.14
CA GLY A 37 18.83 15.12 -8.33
C GLY A 37 20.28 14.73 -8.60
N TRP A 38 21.15 14.83 -7.60
CA TRP A 38 22.57 14.44 -7.77
C TRP A 38 22.69 12.94 -7.57
N ILE A 39 23.39 12.28 -8.50
CA ILE A 39 23.72 10.85 -8.37
C ILE A 39 25.23 10.73 -8.22
N LEU A 40 25.67 9.73 -7.46
CA LEU A 40 27.11 9.57 -7.12
C LEU A 40 27.75 8.55 -8.04
N SER A 41 29.04 8.69 -8.25
CA SER A 41 29.82 7.85 -9.18
C SER A 41 29.95 6.43 -8.64
N ARG A 42 29.81 5.46 -9.53
CA ARG A 42 30.13 4.03 -9.32
C ARG A 42 29.06 3.34 -8.47
N GLN A 43 28.15 4.06 -7.85
CA GLN A 43 27.08 3.44 -7.02
C GLN A 43 25.78 3.45 -7.82
N ASN A 44 25.83 2.94 -9.03
CA ASN A 44 24.67 2.99 -9.95
C ASN A 44 23.79 1.76 -9.75
N GLN A 45 24.38 0.58 -9.78
CA GLN A 45 23.63 -0.68 -9.82
C GLN A 45 23.67 -1.41 -8.48
N ILE A 46 24.09 -0.78 -7.40
CA ILE A 46 24.37 -1.52 -6.13
C ILE A 46 23.08 -1.77 -5.35
N LEU A 47 21.96 -1.21 -5.76
CA LEU A 47 20.66 -1.43 -5.07
C LEU A 47 19.87 -2.56 -5.73
N GLY A 48 20.19 -2.91 -6.97
CA GLY A 48 19.50 -4.00 -7.70
C GLY A 48 18.71 -3.47 -8.88
N GLY A 49 18.32 -4.41 -9.73
CA GLY A 49 17.53 -4.12 -10.93
C GLY A 49 16.47 -5.16 -11.17
N SER A 50 15.41 -4.76 -11.86
CA SER A 50 14.29 -5.65 -12.22
C SER A 50 14.29 -5.91 -13.72
N VAL A 51 13.99 -7.14 -14.11
CA VAL A 51 13.77 -7.54 -15.52
C VAL A 51 12.30 -7.93 -15.69
N ILE A 52 11.66 -7.35 -16.68
CA ILE A 52 10.23 -7.60 -17.00
C ILE A 52 10.13 -7.91 -18.49
N SER A 53 9.04 -8.55 -18.87
CA SER A 53 8.84 -8.99 -20.27
C SER A 53 7.36 -9.11 -20.60
N ASN A 54 7.01 -8.80 -21.86
CA ASN A 54 5.71 -9.13 -22.48
C ASN A 54 4.57 -8.51 -21.68
N GLY A 55 4.52 -7.19 -21.60
CA GLY A 55 3.38 -6.46 -21.05
C GLY A 55 3.33 -6.42 -19.54
N SER A 56 4.32 -6.98 -18.84
CA SER A 56 4.40 -6.91 -17.36
C SER A 56 4.67 -5.47 -16.91
N THR A 57 4.23 -5.14 -15.72
CA THR A 57 4.49 -3.83 -15.09
C THR A 57 5.49 -4.05 -13.95
N GLY A 58 6.62 -3.36 -14.04
CA GLY A 58 7.68 -3.37 -13.01
C GLY A 58 7.58 -2.15 -12.12
N ILE A 59 7.36 -2.35 -10.82
CA ILE A 59 7.33 -1.22 -9.86
C ILE A 59 8.46 -1.40 -8.87
N VAL A 60 9.33 -0.40 -8.79
CA VAL A 60 10.50 -0.41 -7.87
C VAL A 60 10.41 0.84 -7.00
N GLY A 61 10.62 0.65 -5.71
CA GLY A 61 10.49 1.72 -4.71
C GLY A 61 11.49 1.55 -3.59
N ASP A 62 11.50 2.50 -2.68
CA ASP A 62 12.33 2.44 -1.47
C ASP A 62 11.77 3.38 -0.42
N LEU A 63 12.26 3.26 0.80
CA LEU A 63 11.85 4.12 1.92
C LEU A 63 13.08 4.76 2.54
N ARG A 64 13.03 6.09 2.67
CA ARG A 64 14.20 6.87 3.15
C ARG A 64 14.10 7.03 4.67
N VAL A 65 14.82 6.21 5.41
CA VAL A 65 14.82 6.23 6.90
C VAL A 65 16.03 5.46 7.39
N ASN A 66 16.56 5.86 8.54
CA ASN A 66 17.68 5.17 9.21
C ASN A 66 18.94 5.23 8.36
N ASP A 67 19.39 4.12 7.77
CA ASP A 67 20.74 4.04 7.18
C ASP A 67 20.77 4.82 5.86
N ASN A 68 19.70 4.74 5.07
CA ASN A 68 19.72 5.39 3.73
C ASN A 68 19.31 6.85 3.89
N ALA A 69 19.26 7.39 5.10
CA ALA A 69 19.00 8.84 5.34
C ALA A 69 20.21 9.52 6.00
N ILE A 70 21.39 8.90 5.93
CA ILE A 70 22.60 9.45 6.59
C ILE A 70 23.31 10.33 5.58
N PRO A 71 23.51 11.63 5.88
CA PRO A 71 24.28 12.48 5.01
C PRO A 71 25.76 12.07 4.95
N TYR A 72 26.40 12.38 3.83
CA TYR A 72 27.84 12.10 3.60
C TYR A 72 28.58 13.44 3.58
N TYR A 73 29.50 13.59 4.53
CA TYR A 73 30.29 14.83 4.71
C TYR A 73 31.65 14.64 4.04
N TYR A 74 32.12 15.72 3.42
CA TYR A 74 33.47 15.81 2.82
C TYR A 74 34.10 17.08 3.36
N PRO A 75 34.63 17.06 4.60
CA PRO A 75 35.09 18.27 5.24
C PRO A 75 36.41 18.80 4.67
N THR A 76 36.68 20.06 4.99
CA THR A 76 37.94 20.75 4.64
C THR A 76 38.58 21.29 5.90
N PRO A 77 39.90 21.57 5.90
CA PRO A 77 40.57 22.11 7.08
C PRO A 77 39.91 23.34 7.72
N SER A 78 39.35 24.23 6.92
CA SER A 78 38.69 25.45 7.44
C SER A 78 37.20 25.22 7.71
N PHE A 79 36.59 24.22 7.09
CA PHE A 79 35.15 23.90 7.26
C PHE A 79 35.00 22.46 7.69
N ASN A 80 34.72 22.25 8.97
CA ASN A 80 34.55 20.90 9.55
C ASN A 80 33.09 20.46 9.37
N GLU A 81 32.78 19.28 9.84
CA GLU A 81 31.44 18.68 9.69
C GLU A 81 30.40 19.54 10.40
N GLU A 82 30.68 19.97 11.62
CA GLU A 82 29.74 20.84 12.37
C GLU A 82 29.55 22.17 11.63
N TYR A 83 30.63 22.76 11.14
CA TYR A 83 30.57 24.06 10.44
C TYR A 83 29.70 23.93 9.19
N ILE A 84 29.75 22.79 8.52
CA ILE A 84 28.92 22.55 7.30
C ILE A 84 27.47 22.38 7.74
N LYS A 85 27.23 21.47 8.68
CA LYS A 85 25.85 21.07 9.04
C LYS A 85 25.10 22.28 9.59
N ASN A 86 25.71 23.02 10.52
CA ASN A 86 25.02 24.14 11.18
C ASN A 86 24.60 25.19 10.16
N ASN A 87 25.49 25.58 9.26
CA ASN A 87 25.20 26.63 8.27
C ASN A 87 24.15 26.13 7.28
N ILE A 88 24.26 24.87 6.86
CA ILE A 88 23.29 24.31 5.89
C ILE A 88 21.90 24.31 6.52
N GLN A 89 21.80 23.89 7.78
CA GLN A 89 20.48 23.80 8.44
C GLN A 89 19.99 25.19 8.86
N THR A 90 20.87 26.16 9.02
CA THR A 90 20.45 27.54 9.36
C THR A 90 19.79 28.17 8.13
N VAL A 91 20.37 27.99 6.94
CA VAL A 91 19.85 28.67 5.72
C VAL A 91 18.82 27.80 4.99
N PHE A 92 19.16 26.56 4.74
CA PHE A 92 18.33 25.63 3.93
C PHE A 92 17.56 24.70 4.86
N ALA A 93 16.88 23.72 4.28
CA ALA A 93 16.04 22.74 5.01
C ALA A 93 16.86 22.01 6.07
N ASN A 94 16.26 21.85 7.24
CA ASN A 94 16.86 21.09 8.36
C ASN A 94 16.72 19.61 8.05
N PHE A 95 17.78 18.98 7.57
CA PHE A 95 17.73 17.57 7.15
C PHE A 95 17.71 16.63 8.36
N THR A 96 18.35 17.02 9.46
CA THR A 96 18.41 16.15 10.66
C THR A 96 17.01 15.90 11.20
N GLU A 97 16.19 16.94 11.28
CA GLU A 97 14.79 16.78 11.74
C GLU A 97 13.96 16.08 10.65
N ALA A 98 14.27 16.34 9.38
CA ALA A 98 13.47 15.81 8.25
C ALA A 98 13.77 14.32 8.04
N ASN A 99 15.01 13.90 8.28
CA ASN A 99 15.44 12.50 8.05
C ASN A 99 14.83 11.53 9.07
N GLN A 100 14.19 12.02 10.13
CA GLN A 100 13.56 11.13 11.13
C GLN A 100 12.16 10.69 10.68
N ILE A 101 11.60 11.30 9.65
CA ILE A 101 10.25 10.90 9.16
C ILE A 101 10.44 10.09 7.89
N PRO A 102 9.98 8.82 7.86
CA PRO A 102 10.13 8.00 6.67
C PRO A 102 9.30 8.53 5.48
N ILE A 103 9.95 8.67 4.35
CA ILE A 103 9.33 9.11 3.08
C ILE A 103 9.61 8.05 2.03
N GLY A 104 8.56 7.64 1.31
CA GLY A 104 8.63 6.60 0.28
C GLY A 104 8.52 7.18 -1.12
N PHE A 105 9.22 6.59 -2.07
CA PHE A 105 9.13 6.94 -3.50
C PHE A 105 9.01 5.66 -4.30
N GLU A 106 8.30 5.74 -5.42
CA GLU A 106 8.03 4.57 -6.28
C GLU A 106 8.18 4.96 -7.74
N PHE A 107 8.67 4.04 -8.54
CA PHE A 107 8.77 4.18 -10.00
C PHE A 107 8.13 2.96 -10.66
N SER A 108 7.25 3.21 -11.62
CA SER A 108 6.47 2.18 -12.33
C SER A 108 6.80 2.23 -13.82
N LYS A 109 7.02 1.07 -14.41
CA LYS A 109 7.32 0.97 -15.85
C LYS A 109 6.70 -0.31 -16.41
N THR A 110 6.20 -0.25 -17.63
CA THR A 110 5.60 -1.40 -18.32
C THR A 110 6.46 -1.79 -19.51
N ALA A 111 6.69 -3.08 -19.69
CA ALA A 111 7.47 -3.60 -20.84
C ALA A 111 6.51 -3.77 -22.02
N PRO A 112 6.92 -3.40 -23.25
CA PRO A 112 6.11 -3.70 -24.43
C PRO A 112 6.06 -5.20 -24.75
N SER A 113 5.08 -5.59 -25.52
CA SER A 113 4.85 -7.01 -25.91
C SER A 113 6.06 -7.55 -26.67
N ASN A 114 6.45 -8.78 -26.37
CA ASN A 114 7.57 -9.49 -27.04
C ASN A 114 8.86 -8.68 -26.90
N LYS A 115 9.10 -8.12 -25.73
CA LYS A 115 10.33 -7.32 -25.48
C LYS A 115 10.73 -7.48 -24.02
N ASN A 116 12.00 -7.24 -23.75
CA ASN A 116 12.59 -7.34 -22.39
C ASN A 116 12.99 -5.94 -21.95
N LEU A 117 12.53 -5.56 -20.76
CA LEU A 117 12.87 -4.25 -20.17
C LEU A 117 13.66 -4.47 -18.87
N TYR A 118 14.75 -3.75 -18.74
CA TYR A 118 15.59 -3.74 -17.52
C TYR A 118 15.59 -2.34 -16.92
N MET A 119 15.44 -2.28 -15.61
CA MET A 119 15.46 -1.00 -14.88
C MET A 119 16.20 -1.21 -13.56
N TYR A 120 17.02 -0.24 -13.16
CA TYR A 120 17.79 -0.29 -11.90
C TYR A 120 17.62 1.01 -11.15
N LEU A 121 17.60 0.89 -9.83
CA LEU A 121 17.30 1.98 -8.90
C LEU A 121 18.59 2.66 -8.45
N GLN A 122 18.49 3.97 -8.23
CA GLN A 122 19.59 4.77 -7.68
C GLN A 122 19.05 5.60 -6.52
N TYR A 123 19.93 6.35 -5.89
CA TYR A 123 19.57 7.34 -4.87
C TYR A 123 20.00 8.71 -5.36
N THR A 124 19.14 9.68 -5.11
CA THR A 124 19.41 11.09 -5.46
C THR A 124 19.76 11.85 -4.19
N TYR A 125 20.59 12.88 -4.35
CA TYR A 125 21.10 13.66 -3.22
C TYR A 125 20.94 15.12 -3.51
N ILE A 126 20.91 15.90 -2.44
CA ILE A 126 20.96 17.39 -2.53
C ILE A 126 22.41 17.77 -2.22
N ARG A 127 23.07 18.34 -3.21
CA ARG A 127 24.48 18.75 -3.06
C ARG A 127 24.53 20.14 -2.44
N TYR A 128 25.06 20.21 -1.22
CA TYR A 128 25.38 21.49 -0.54
C TYR A 128 26.89 21.66 -0.54
N GLU A 129 27.34 22.89 -0.74
CA GLU A 129 28.78 23.21 -0.70
C GLU A 129 29.04 24.41 0.22
N ILE A 130 30.10 24.32 1.00
CA ILE A 130 30.66 25.48 1.73
C ILE A 130 31.93 25.91 0.99
N ILE A 131 31.89 27.12 0.44
CA ILE A 131 33.02 27.62 -0.40
C ILE A 131 33.66 28.82 0.27
N LYS A 132 34.95 29.00 0.00
CA LYS A 132 35.76 30.14 0.48
C LYS A 132 36.20 30.94 -0.73
N VAL A 133 35.96 32.26 -0.69
CA VAL A 133 36.23 33.14 -1.86
C VAL A 133 37.40 34.05 -1.49
N LEU A 134 38.38 34.10 -2.38
CA LEU A 134 39.52 35.04 -2.24
C LEU A 134 39.97 35.48 -3.62
N GLN A 135 39.99 36.80 -3.85
CA GLN A 135 40.39 37.42 -5.13
C GLN A 135 39.57 36.82 -6.27
N HIS A 136 38.25 36.73 -6.09
CA HIS A 136 37.31 36.26 -7.13
C HIS A 136 37.70 34.85 -7.59
N GLU A 137 37.88 33.95 -6.63
CA GLU A 137 38.17 32.53 -6.95
C GLU A 137 37.78 31.67 -5.75
N ILE A 138 37.45 30.42 -6.03
CA ILE A 138 37.14 29.42 -4.98
C ILE A 138 38.46 28.75 -4.60
N ILE A 139 38.98 29.10 -3.44
CA ILE A 139 40.26 28.52 -2.95
C ILE A 139 39.96 27.27 -2.11
N GLU A 140 38.75 27.14 -1.57
CA GLU A 140 38.39 25.98 -0.72
C GLU A 140 36.92 25.67 -0.92
N ARG A 141 36.59 24.38 -0.93
CA ARG A 141 35.20 23.93 -1.13
C ARG A 141 34.95 22.68 -0.30
N ALA A 142 33.91 22.73 0.53
CA ALA A 142 33.40 21.55 1.25
C ALA A 142 32.14 21.05 0.53
N VAL A 143 31.84 19.77 0.72
CA VAL A 143 30.68 19.11 0.06
C VAL A 143 29.89 18.33 1.09
N LEU A 144 28.57 18.44 1.00
CA LEU A 144 27.63 17.62 1.79
C LEU A 144 26.57 17.04 0.85
N TYR A 145 26.34 15.75 0.96
CA TYR A 145 25.32 15.03 0.16
C TYR A 145 24.23 14.54 1.10
N VAL A 146 23.07 15.19 1.04
CA VAL A 146 21.89 14.81 1.83
C VAL A 146 21.02 13.96 0.95
N PRO A 147 20.70 12.72 1.35
CA PRO A 147 19.81 11.86 0.55
C PRO A 147 18.37 12.38 0.54
N SER A 148 17.78 12.44 -0.64
CA SER A 148 16.41 12.97 -0.83
C SER A 148 15.50 11.88 -1.36
N LEU A 149 15.75 11.39 -2.56
CA LEU A 149 14.85 10.41 -3.22
C LEU A 149 15.68 9.48 -4.09
N GLY A 150 15.07 8.79 -5.03
CA GLY A 150 15.77 7.91 -5.96
C GLY A 150 15.51 8.24 -7.39
N TYR A 151 16.12 7.43 -8.26
CA TYR A 151 15.98 7.59 -9.72
C TYR A 151 16.06 6.22 -10.35
N VAL A 152 15.07 5.90 -11.19
CA VAL A 152 15.05 4.62 -11.94
C VAL A 152 15.45 4.90 -13.39
N LYS A 153 16.43 4.17 -13.86
CA LYS A 153 16.87 4.23 -15.26
C LYS A 153 16.52 2.90 -15.91
N SER A 154 15.81 2.97 -17.04
CA SER A 154 15.31 1.78 -17.76
C SER A 154 15.88 1.72 -19.16
N ILE A 155 15.82 0.54 -19.73
CA ILE A 155 16.24 0.30 -21.13
C ILE A 155 15.48 -0.92 -21.64
N GLU A 156 15.40 -1.03 -22.96
CA GLU A 156 14.85 -2.20 -23.65
C GLU A 156 16.01 -2.91 -24.33
N PHE A 157 16.16 -4.19 -24.07
CA PHE A 157 17.31 -4.97 -24.57
C PHE A 157 16.81 -6.25 -25.24
N ASN A 158 17.72 -6.83 -26.01
CA ASN A 158 17.54 -8.12 -26.69
C ASN A 158 18.71 -9.02 -26.32
N PRO A 159 18.53 -10.35 -26.37
CA PRO A 159 19.63 -11.26 -26.06
C PRO A 159 20.83 -11.02 -26.99
N GLY A 160 21.99 -10.81 -26.37
CA GLY A 160 23.26 -10.56 -27.08
C GLY A 160 23.44 -9.10 -27.50
N GLU A 161 22.49 -8.21 -27.18
CA GLU A 161 22.65 -6.77 -27.49
C GLU A 161 23.76 -6.19 -26.62
N LYS A 162 24.64 -5.40 -27.23
CA LYS A 162 25.76 -4.76 -26.54
C LYS A 162 25.28 -3.40 -26.04
N ILE A 163 25.12 -3.27 -24.73
CA ILE A 163 24.65 -2.02 -24.10
C ILE A 163 25.84 -1.11 -23.86
N ASN A 164 25.64 0.18 -24.00
CA ASN A 164 26.72 1.18 -23.78
C ASN A 164 27.09 1.18 -22.29
N LYS A 165 28.38 1.28 -21.99
CA LYS A 165 28.86 1.30 -20.58
C LYS A 165 28.29 2.50 -19.82
N ASP A 166 28.01 3.62 -20.50
CA ASP A 166 27.46 4.83 -19.84
C ASP A 166 26.09 4.54 -19.22
N PHE A 167 25.34 3.57 -19.76
CA PHE A 167 24.04 3.20 -19.19
C PHE A 167 24.24 2.57 -17.82
N TYR A 168 25.25 1.74 -17.67
CA TYR A 168 25.49 1.01 -16.39
C TYR A 168 26.31 1.87 -15.43
N PHE A 169 27.38 2.48 -15.91
CA PHE A 169 28.46 3.01 -15.04
C PHE A 169 28.53 4.53 -15.14
N LEU A 170 28.63 5.20 -14.00
CA LEU A 170 28.86 6.66 -13.95
C LEU A 170 30.26 6.90 -13.41
N THR A 171 31.03 7.73 -14.09
CA THR A 171 32.44 7.99 -13.69
C THR A 171 32.50 9.15 -12.71
N ASN A 172 31.78 10.23 -12.98
CA ASN A 172 31.82 11.45 -12.14
C ASN A 172 30.41 11.83 -11.70
N ASP A 173 30.30 12.49 -10.57
CA ASP A 173 28.99 12.92 -10.04
C ASP A 173 28.31 13.88 -11.04
N LYS A 174 27.01 13.73 -11.16
CA LYS A 174 26.20 14.49 -12.14
C LYS A 174 24.85 14.83 -11.53
N CYS A 175 24.23 15.85 -12.08
CA CYS A 175 22.84 16.24 -11.73
C CYS A 175 21.92 15.80 -12.86
N ILE A 176 21.00 14.91 -12.57
CA ILE A 176 20.01 14.43 -13.58
C ILE A 176 19.07 15.60 -13.96
N LEU A 177 18.83 16.51 -13.03
CA LEU A 177 18.07 17.75 -13.34
C LEU A 177 19.04 18.83 -13.80
N ASN A 178 18.56 20.07 -13.88
CA ASN A 178 19.44 21.23 -14.17
C ASN A 178 19.96 21.77 -12.84
N GLU A 179 21.26 21.97 -12.75
CA GLU A 179 21.89 22.42 -11.50
C GLU A 179 21.53 23.88 -11.24
N GLN A 180 21.58 24.27 -9.96
CA GLN A 180 21.37 25.67 -9.54
C GLN A 180 22.50 26.11 -8.62
N PHE A 181 22.58 27.40 -8.35
CA PHE A 181 23.62 28.00 -7.49
C PHE A 181 22.96 29.00 -6.56
N LEU A 182 22.53 28.54 -5.40
CA LEU A 182 21.92 29.40 -4.36
C LEU A 182 22.94 29.65 -3.27
N TYR A 183 23.36 30.90 -3.11
CA TYR A 183 24.44 31.26 -2.16
C TYR A 183 23.90 32.21 -1.09
N LYS A 184 24.50 32.12 0.09
CA LYS A 184 24.32 33.13 1.15
C LYS A 184 25.63 33.31 1.89
N LYS A 185 26.03 34.55 2.12
CA LYS A 185 27.30 34.85 2.81
C LYS A 185 27.18 34.46 4.28
N ILE A 186 28.22 33.84 4.83
CA ILE A 186 28.27 33.47 6.26
C ILE A 186 28.88 34.62 7.05
N LEU A 187 28.15 35.09 8.07
CA LEU A 187 28.65 36.19 8.94
C LEU A 187 29.03 35.62 10.31
N ARG A 208 -7.39 47.96 4.63
CA ARG A 208 -8.66 47.23 4.87
C ARG A 208 -9.32 47.76 6.15
N VAL A 209 -10.62 48.02 6.09
CA VAL A 209 -11.41 48.41 7.29
C VAL A 209 -12.13 47.18 7.81
N LEU A 210 -11.76 46.73 9.01
CA LEU A 210 -12.43 45.56 9.63
C LEU A 210 -13.52 46.07 10.55
N PRO A 211 -14.81 45.74 10.27
CA PRO A 211 -15.92 46.12 11.14
C PRO A 211 -16.16 45.10 12.26
N TYR A 212 -15.09 44.71 12.95
CA TYR A 212 -15.15 43.67 13.99
C TYR A 212 -15.51 44.30 15.33
N SER A 213 -16.00 43.46 16.23
CA SER A 213 -16.21 43.83 17.64
C SER A 213 -14.94 43.52 18.42
N ASN A 214 -14.84 44.12 19.59
CA ASN A 214 -13.69 43.90 20.47
C ASN A 214 -13.71 42.46 20.96
N GLY A 215 -12.56 41.78 20.85
CA GLY A 215 -12.43 40.41 21.31
C GLY A 215 -11.46 39.64 20.47
N LEU A 216 -11.47 38.32 20.64
CA LEU A 216 -10.47 37.44 20.00
C LEU A 216 -11.07 36.84 18.74
N TYR A 217 -10.22 36.64 17.74
CA TYR A 217 -10.63 35.99 16.47
C TYR A 217 -9.56 35.01 16.05
N VAL A 218 -9.99 33.89 15.49
CA VAL A 218 -9.11 32.93 14.82
C VAL A 218 -9.46 32.91 13.34
N ILE A 219 -8.48 33.21 12.49
CA ILE A 219 -8.69 33.39 11.04
C ILE A 219 -7.96 32.27 10.32
N ASN A 220 -8.70 31.48 9.55
CA ASN A 220 -8.10 30.51 8.59
C ASN A 220 -7.68 31.30 7.36
N LYS A 221 -6.39 31.51 7.18
CA LYS A 221 -5.87 32.36 6.09
C LYS A 221 -5.54 31.54 4.85
N GLY A 222 -5.79 30.24 4.86
CA GLY A 222 -5.57 29.42 3.66
C GLY A 222 -4.75 28.19 3.94
N ASP A 223 -4.59 27.36 2.93
CA ASP A 223 -3.88 26.08 2.99
C ASP A 223 -2.81 26.07 1.91
N GLY A 224 -1.92 25.10 1.97
CA GLY A 224 -0.84 24.95 0.98
C GLY A 224 0.32 25.90 1.21
N TYR A 225 0.47 26.45 2.41
CA TYR A 225 1.61 27.36 2.71
C TYR A 225 2.90 26.54 2.73
N ILE A 226 3.95 27.11 2.15
CA ILE A 226 5.30 26.50 2.18
C ILE A 226 6.29 27.55 2.65
N ARG A 227 7.56 27.17 2.71
CA ARG A 227 8.63 28.10 3.13
C ARG A 227 9.62 28.27 1.98
N THR A 228 10.26 29.44 1.98
CA THR A 228 11.20 29.83 0.90
C THR A 228 12.45 28.96 0.96
N ASN A 229 13.26 29.03 -0.08
CA ASN A 229 14.58 28.37 -0.15
C ASN A 229 14.41 26.85 0.03
N ASP A 230 13.31 26.28 -0.46
CA ASP A 230 13.09 24.80 -0.45
C ASP A 230 13.22 24.24 0.96
N LYS A 231 12.75 24.99 1.96
CA LYS A 231 12.86 24.56 3.37
C LYS A 231 11.84 23.46 3.69
N ASP A 232 10.87 23.20 2.80
CA ASP A 232 9.84 22.17 3.03
C ASP A 232 9.84 21.12 1.92
N LEU A 233 10.82 21.15 1.03
CA LEU A 233 10.82 20.25 -0.14
C LEU A 233 11.03 18.83 0.33
N ILE A 234 10.06 17.95 0.09
CA ILE A 234 10.21 16.51 0.38
C ILE A 234 11.26 15.94 -0.58
N GLY A 235 11.14 16.22 -1.86
CA GLY A 235 12.09 15.71 -2.85
C GLY A 235 11.58 15.90 -4.25
N THR A 236 12.47 15.68 -5.21
CA THR A 236 12.16 15.78 -6.65
C THR A 236 12.33 14.41 -7.29
N LEU A 237 11.34 14.02 -8.09
CA LEU A 237 11.39 12.76 -8.86
C LEU A 237 11.48 13.07 -10.34
N LEU A 238 12.53 12.60 -11.01
CA LEU A 238 12.66 12.71 -12.48
C LEU A 238 12.06 11.45 -13.10
N ILE A 239 10.97 11.64 -13.83
CA ILE A 239 10.22 10.51 -14.44
C ILE A 239 10.54 10.50 -15.92
N GLU A 240 11.09 9.41 -16.40
CA GLU A 240 11.38 9.25 -17.85
C GLU A 240 10.07 9.08 -18.62
N ALA A 241 10.11 9.37 -19.91
CA ALA A 241 8.92 9.31 -20.79
C ALA A 241 8.35 7.89 -20.78
N GLY A 242 7.04 7.78 -20.59
CA GLY A 242 6.34 6.49 -20.63
C GLY A 242 6.38 5.72 -19.31
N SER A 243 6.95 6.30 -18.26
CA SER A 243 6.98 5.67 -16.92
C SER A 243 6.15 6.48 -15.93
N SER A 244 6.01 5.93 -14.74
CA SER A 244 5.27 6.58 -13.63
C SER A 244 6.20 6.70 -12.43
N GLY A 245 5.99 7.78 -11.67
CA GLY A 245 6.73 8.04 -10.43
C GLY A 245 5.82 8.59 -9.36
N SER A 246 5.96 8.12 -8.13
CA SER A 246 5.13 8.58 -7.01
C SER A 246 5.98 8.91 -5.80
N ILE A 247 5.61 9.96 -5.09
CA ILE A 247 6.17 10.30 -3.77
C ILE A 247 5.10 10.01 -2.72
N ILE A 248 5.45 9.18 -1.76
CA ILE A 248 4.47 8.67 -0.74
C ILE A 248 4.89 9.22 0.62
N GLN A 249 3.91 9.69 1.38
CA GLN A 249 4.08 10.06 2.80
C GLN A 249 3.23 9.11 3.63
N PRO A 250 3.75 7.93 3.99
CA PRO A 250 3.01 7.07 4.91
C PRO A 250 3.18 7.60 6.34
N ARG A 251 2.28 7.19 7.21
CA ARG A 251 2.36 7.58 8.64
C ARG A 251 3.08 6.48 9.41
N LEU A 252 4.31 6.19 9.01
CA LEU A 252 5.18 5.30 9.81
C LEU A 252 5.52 5.99 11.12
N ARG A 253 5.75 7.30 11.07
CA ARG A 253 5.90 8.11 12.29
C ARG A 253 4.78 9.15 12.32
N ASN A 254 3.88 9.04 13.29
CA ASN A 254 2.73 9.96 13.44
C ASN A 254 3.15 11.23 14.16
N THR A 255 3.91 12.06 13.46
CA THR A 255 4.53 13.24 14.09
C THR A 255 4.68 14.36 13.06
N THR A 256 4.31 15.57 13.48
CA THR A 256 4.43 16.78 12.64
C THR A 256 5.26 17.81 13.38
N ARG A 257 5.64 18.86 12.66
CA ARG A 257 6.44 19.98 13.22
C ARG A 257 5.73 21.29 12.92
N PRO A 258 4.72 21.67 13.75
CA PRO A 258 4.08 22.96 13.59
C PRO A 258 5.03 24.14 13.82
N LEU A 259 4.78 25.23 13.10
CA LEU A 259 5.58 26.47 13.23
C LEU A 259 4.69 27.54 13.83
N PHE A 260 5.21 28.27 14.80
CA PHE A 260 4.43 29.23 15.60
C PHE A 260 5.25 30.51 15.78
N THR A 261 4.56 31.63 15.72
CA THR A 261 5.17 32.98 15.91
C THR A 261 4.12 33.87 16.56
N THR A 262 4.55 34.68 17.51
CA THR A 262 3.64 35.56 18.28
C THR A 262 4.31 36.90 18.51
N SER A 263 3.49 37.90 18.81
CA SER A 263 3.95 39.28 19.12
C SER A 263 3.93 39.54 20.62
N ASN A 264 3.28 38.68 21.40
CA ASN A 264 3.21 38.84 22.87
C ASN A 264 3.14 37.46 23.48
N ASP A 265 4.28 36.90 23.85
CA ASP A 265 4.33 35.52 24.39
C ASP A 265 3.71 35.48 25.79
N ALA A 266 3.63 36.60 26.50
CA ALA A 266 2.99 36.64 27.83
C ALA A 266 1.52 36.25 27.70
N LYS A 267 0.82 36.81 26.72
CA LYS A 267 -0.63 36.54 26.53
C LYS A 267 -0.81 35.43 25.48
N PHE A 268 -0.29 35.63 24.28
CA PHE A 268 -0.46 34.67 23.16
C PHE A 268 0.72 33.73 23.13
N SER A 269 0.71 32.75 24.02
CA SER A 269 1.70 31.66 24.03
C SER A 269 1.32 30.61 22.98
N GLN A 270 2.11 29.58 22.85
CA GLN A 270 1.80 28.48 21.90
C GLN A 270 0.60 27.68 22.42
N GLN A 271 0.58 27.34 23.70
CA GLN A 271 -0.53 26.58 24.31
C GLN A 271 -1.82 27.40 24.24
N TYR A 272 -1.73 28.70 24.49
CA TYR A 272 -2.92 29.59 24.42
C TYR A 272 -3.46 29.58 22.98
N THR A 273 -2.57 29.67 22.01
CA THR A 273 -2.98 29.68 20.58
C THR A 273 -3.64 28.34 20.23
N GLU A 274 -3.08 27.24 20.69
CA GLU A 274 -3.66 25.91 20.39
C GLU A 274 -5.04 25.77 21.05
N GLU A 275 -5.19 26.28 22.27
CA GLU A 275 -6.50 26.24 22.96
C GLU A 275 -7.52 27.08 22.17
N ARG A 276 -7.13 28.24 21.69
CA ARG A 276 -8.06 29.09 20.90
C ARG A 276 -8.37 28.43 19.56
N LEU A 277 -7.41 27.77 18.94
CA LEU A 277 -7.68 27.02 17.68
C LEU A 277 -8.68 25.91 17.96
N LYS A 278 -8.55 25.22 19.09
CA LYS A 278 -9.52 24.16 19.47
C LYS A 278 -10.89 24.79 19.72
N ASP A 279 -10.93 25.96 20.33
CA ASP A 279 -12.22 26.67 20.57
C ASP A 279 -12.88 27.00 19.23
N ALA A 280 -12.10 27.47 18.25
CA ALA A 280 -12.65 28.00 16.98
C ALA A 280 -13.01 26.84 16.05
N PHE A 281 -12.03 26.04 15.63
CA PHE A 281 -12.21 25.05 14.56
C PHE A 281 -12.17 23.63 15.10
N ASN A 282 -12.11 23.46 16.43
CA ASN A 282 -12.08 22.10 17.06
C ASN A 282 -10.87 21.30 16.57
N VAL A 283 -9.74 21.96 16.39
CA VAL A 283 -8.47 21.26 16.07
C VAL A 283 -8.02 20.50 17.31
N GLN A 284 -7.75 19.21 17.13
CA GLN A 284 -7.35 18.34 18.28
C GLN A 284 -5.86 17.98 18.19
N LEU A 285 -5.40 17.57 17.02
CA LEU A 285 -4.04 17.02 16.86
C LEU A 285 -3.14 18.05 16.20
N PHE A 286 -2.12 18.52 16.91
CA PHE A 286 -1.20 19.55 16.37
C PHE A 286 0.11 18.94 15.85
N ASN A 287 0.81 18.23 16.71
CA ASN A 287 2.15 17.70 16.39
C ASN A 287 2.03 16.24 15.96
N THR A 288 0.83 15.72 15.77
CA THR A 288 0.62 14.32 15.37
C THR A 288 -0.42 14.30 14.26
N SER A 289 -0.18 13.52 13.21
CA SER A 289 -1.14 13.36 12.09
C SER A 289 -1.25 11.88 11.72
N THR A 290 -2.42 11.47 11.26
CA THR A 290 -2.66 10.07 10.81
C THR A 290 -3.01 10.03 9.32
N SER A 291 -3.39 11.15 8.73
CA SER A 291 -3.77 11.26 7.31
C SER A 291 -2.56 10.91 6.43
N LEU A 292 -2.79 10.21 5.33
CA LEU A 292 -1.72 9.87 4.35
C LEU A 292 -1.97 10.65 3.05
N PHE A 293 -0.95 11.27 2.51
CA PHE A 293 -1.05 11.93 1.18
C PHE A 293 0.01 11.35 0.25
N LYS A 294 -0.31 11.33 -1.04
CA LYS A 294 0.56 10.72 -2.06
C LYS A 294 0.31 11.39 -3.41
N PHE A 295 1.39 11.69 -4.11
CA PHE A 295 1.35 12.33 -5.44
C PHE A 295 1.92 11.34 -6.45
N VAL A 296 1.18 11.14 -7.53
CA VAL A 296 1.55 10.21 -8.62
C VAL A 296 1.46 10.98 -9.93
N GLU A 297 2.51 10.88 -10.74
CA GLU A 297 2.52 11.52 -12.07
C GLU A 297 3.01 10.50 -13.10
N GLU A 298 2.30 10.41 -14.21
CA GLU A 298 2.66 9.53 -15.35
C GLU A 298 3.23 10.41 -16.45
N ALA A 299 4.42 10.09 -16.92
CA ALA A 299 5.07 10.94 -17.93
C ALA A 299 4.50 10.60 -19.30
N PRO A 300 4.24 11.61 -20.16
CA PRO A 300 3.91 11.36 -21.55
C PRO A 300 5.07 10.68 -22.28
N SER A 301 4.74 9.87 -23.28
CA SER A 301 5.72 9.06 -24.04
C SER A 301 6.65 9.95 -24.89
N ASN A 302 6.48 11.27 -24.89
CA ASN A 302 7.21 12.19 -25.78
C ASN A 302 8.21 13.06 -25.00
N LYS A 303 8.01 13.26 -23.70
CA LYS A 303 8.89 14.19 -22.94
C LYS A 303 9.15 13.62 -21.56
N ASN A 304 10.29 14.00 -20.99
CA ASN A 304 10.64 13.73 -19.58
C ASN A 304 10.11 14.85 -18.70
N ILE A 305 9.55 14.49 -17.56
CA ILE A 305 9.03 15.48 -16.59
C ILE A 305 9.53 15.16 -15.21
N CYS A 306 9.59 16.20 -14.39
CA CYS A 306 9.98 16.12 -12.97
C CYS A 306 8.82 16.62 -12.10
N ILE A 307 8.72 16.08 -10.90
CA ILE A 307 7.72 16.49 -9.90
C ILE A 307 8.44 16.86 -8.61
N LYS A 308 7.99 17.94 -7.99
CA LYS A 308 8.49 18.40 -6.67
C LYS A 308 7.36 18.27 -5.66
N ALA A 309 7.65 17.66 -4.53
CA ALA A 309 6.70 17.51 -3.41
C ALA A 309 7.20 18.34 -2.23
N TYR A 310 6.26 18.99 -1.57
CA TYR A 310 6.55 19.86 -0.41
C TYR A 310 5.67 19.44 0.77
N ASN A 311 6.11 19.85 1.95
CA ASN A 311 5.28 19.80 3.17
C ASN A 311 4.56 21.13 3.27
N THR A 312 3.27 21.08 3.52
CA THR A 312 2.42 22.29 3.59
C THR A 312 1.95 22.56 5.00
N TYR A 313 1.61 23.81 5.23
CA TYR A 313 1.05 24.27 6.51
C TYR A 313 -0.24 25.03 6.24
N GLU A 314 -1.14 24.97 7.21
CA GLU A 314 -2.43 25.69 7.18
C GLU A 314 -2.29 26.89 8.13
N LYS A 315 -2.29 28.09 7.57
CA LYS A 315 -2.01 29.30 8.34
C LYS A 315 -3.22 29.65 9.19
N TYR A 316 -2.99 29.89 10.48
CA TYR A 316 -4.01 30.41 11.42
C TYR A 316 -3.46 31.68 12.06
N GLU A 317 -4.34 32.64 12.26
CA GLU A 317 -4.01 33.90 12.94
C GLU A 317 -4.93 34.08 14.14
N LEU A 318 -4.34 34.31 15.30
CA LEU A 318 -5.10 34.67 16.51
C LEU A 318 -4.87 36.16 16.76
N ILE A 319 -5.92 36.95 16.64
CA ILE A 319 -5.81 38.43 16.77
C ILE A 319 -6.63 38.89 17.97
N ASP A 320 -6.27 40.04 18.48
CA ASP A 320 -7.02 40.73 19.56
C ASP A 320 -7.41 42.10 19.03
N TYR A 321 -8.54 42.17 18.35
CA TYR A 321 -9.03 43.41 17.74
C TYR A 321 -9.67 44.26 18.84
N GLN A 322 -9.10 45.43 19.11
CA GLN A 322 -9.57 46.32 20.19
C GLN A 322 -9.64 47.75 19.68
N ASN A 323 -10.81 48.37 19.81
CA ASN A 323 -11.06 49.80 19.51
C ASN A 323 -10.70 50.09 18.05
N GLY A 324 -10.74 49.11 17.16
CA GLY A 324 -10.51 49.34 15.73
C GLY A 324 -9.11 48.99 15.26
N SER A 325 -8.23 48.53 16.13
CA SER A 325 -6.85 48.18 15.73
C SER A 325 -6.49 46.81 16.28
N ILE A 326 -5.58 46.13 15.58
CA ILE A 326 -5.03 44.82 16.05
C ILE A 326 -4.00 45.11 17.13
N VAL A 327 -4.22 44.55 18.32
CA VAL A 327 -3.33 44.79 19.49
C VAL A 327 -2.39 43.59 19.64
N ASN A 328 -2.90 42.39 19.44
CA ASN A 328 -2.10 41.15 19.57
C ASN A 328 -2.25 40.33 18.31
N LYS A 329 -1.23 39.56 17.97
CA LYS A 329 -1.29 38.66 16.80
C LYS A 329 -0.38 37.47 17.05
N ALA A 330 -0.84 36.31 16.66
CA ALA A 330 -0.08 35.05 16.77
C ALA A 330 -0.35 34.24 15.51
N GLU A 331 0.70 33.90 14.77
CA GLU A 331 0.57 33.08 13.56
C GLU A 331 0.85 31.62 13.89
N TYR A 332 -0.09 30.76 13.59
CA TYR A 332 0.06 29.30 13.81
C TYR A 332 -0.06 28.58 12.47
N TYR A 333 0.93 27.75 12.17
CA TYR A 333 1.00 27.04 10.88
C TYR A 333 0.82 25.54 11.16
N LEU A 334 -0.44 25.09 11.14
CA LEU A 334 -0.73 23.66 11.32
C LEU A 334 -0.30 22.92 10.08
N PRO A 335 0.50 21.83 10.21
CA PRO A 335 0.96 21.08 9.04
C PRO A 335 -0.18 20.44 8.23
N SER A 336 -0.18 20.75 6.94
CA SER A 336 -1.24 20.32 5.99
C SER A 336 -0.81 19.04 5.27
N LEU A 337 -1.50 18.68 4.18
CA LEU A 337 -1.30 17.39 3.49
C LEU A 337 -0.56 17.55 2.16
N GLY A 338 0.37 18.50 2.09
CA GLY A 338 1.36 18.49 1.00
C GLY A 338 0.93 19.26 -0.23
N TYR A 339 1.89 19.54 -1.10
CA TYR A 339 1.70 20.27 -2.37
C TYR A 339 2.69 19.74 -3.38
N CYS A 340 2.19 19.40 -4.57
CA CYS A 340 2.98 18.82 -5.66
C CYS A 340 3.02 19.82 -6.81
N GLU A 341 4.21 20.06 -7.32
CA GLU A 341 4.42 20.91 -8.51
C GLU A 341 4.95 20.02 -9.64
N VAL A 342 4.29 20.06 -10.77
CA VAL A 342 4.62 19.21 -11.93
C VAL A 342 5.06 20.11 -13.06
N THR A 343 6.29 19.93 -13.54
CA THR A 343 6.86 20.74 -14.62
C THR A 343 7.64 19.83 -15.56
N ASN A 344 7.76 20.26 -16.82
CA ASN A 344 8.58 19.53 -17.81
C ASN A 344 10.04 19.59 -17.38
N ALA A 345 10.72 18.44 -17.47
CA ALA A 345 12.13 18.35 -17.06
C ALA A 345 12.98 19.15 -18.06
N PRO A 346 13.74 20.16 -17.60
CA PRO A 346 14.61 20.90 -18.51
C PRO A 346 15.87 20.10 -18.84
N SER A 347 16.60 20.57 -19.84
CA SER A 347 17.87 19.93 -20.27
C SER A 347 18.84 19.98 -19.10
N PRO A 348 19.52 18.86 -18.74
CA PRO A 348 20.56 18.89 -17.71
C PRO A 348 21.69 19.85 -18.06
N GLU A 349 21.94 20.08 -19.34
CA GLU A 349 22.98 21.03 -19.80
C GLU A 349 22.30 22.37 -20.08
N SER A 350 22.35 23.30 -19.13
CA SER A 350 21.72 24.64 -19.30
C SER A 350 22.56 25.66 -18.55
N GLU A 351 22.38 26.94 -18.88
CA GLU A 351 23.10 28.05 -18.22
C GLU A 351 22.81 28.00 -16.72
N VAL A 352 23.84 27.98 -15.89
CA VAL A 352 23.68 28.13 -14.42
C VAL A 352 23.83 29.60 -14.06
N VAL A 353 22.78 30.20 -13.53
CA VAL A 353 22.81 31.61 -13.06
C VAL A 353 22.94 31.57 -11.54
N LYS A 354 24.03 32.10 -11.03
CA LYS A 354 24.28 32.10 -9.57
C LYS A 354 23.27 33.04 -8.89
N THR A 355 22.55 32.52 -7.91
CA THR A 355 21.40 33.21 -7.30
C THR A 355 21.58 33.35 -5.80
N GLN A 356 21.11 34.47 -5.25
CA GLN A 356 21.08 34.67 -3.80
C GLN A 356 19.81 34.04 -3.24
N VAL A 357 19.93 33.43 -2.08
CA VAL A 357 18.76 32.79 -1.42
C VAL A 357 17.77 33.88 -1.03
N ALA A 358 16.49 33.59 -1.20
CA ALA A 358 15.41 34.54 -0.86
C ALA A 358 15.34 34.70 0.65
N GLU A 359 14.79 35.83 1.09
CA GLU A 359 14.52 36.08 2.53
C GLU A 359 13.53 35.05 3.07
N ASP A 360 13.71 34.65 4.33
CA ASP A 360 12.80 33.66 4.97
C ASP A 360 11.38 34.20 4.98
N GLY A 361 10.44 33.36 4.61
CA GLY A 361 9.02 33.73 4.50
C GLY A 361 8.16 32.56 4.10
N PHE A 362 6.93 32.86 3.73
CA PHE A 362 5.93 31.82 3.34
C PHE A 362 5.36 32.16 1.97
N ILE A 363 5.00 31.11 1.25
CA ILE A 363 4.31 31.20 -0.06
C ILE A 363 3.04 30.37 0.06
N GLN A 364 1.92 30.93 -0.39
CA GLN A 364 0.64 30.19 -0.41
C GLN A 364 0.41 29.63 -1.81
N ASN A 365 0.35 28.31 -1.94
CA ASN A 365 0.09 27.64 -3.22
C ASN A 365 -1.34 27.13 -3.30
N GLY A 366 -2.11 27.17 -2.21
CA GLY A 366 -3.52 26.77 -2.19
C GLY A 366 -4.42 27.94 -2.57
N PRO A 367 -5.74 27.74 -2.57
CA PRO A 367 -6.65 28.83 -2.90
C PRO A 367 -6.76 29.87 -1.79
N GLU A 368 -7.27 31.04 -2.15
CA GLU A 368 -7.45 32.16 -1.18
C GLU A 368 -8.56 31.81 -0.19
N GLU A 369 -8.31 32.04 1.08
CA GLU A 369 -9.32 31.77 2.13
C GLU A 369 -9.20 32.78 3.26
N GLU A 370 -10.34 33.16 3.81
CA GLU A 370 -10.38 33.97 5.04
C GLU A 370 -11.68 33.63 5.77
N ILE A 371 -11.59 32.76 6.76
CA ILE A 371 -12.74 32.42 7.63
C ILE A 371 -12.44 33.05 8.99
N VAL A 372 -13.31 33.94 9.42
CA VAL A 372 -13.17 34.66 10.70
C VAL A 372 -14.17 34.05 11.69
N VAL A 373 -13.64 33.49 12.77
CA VAL A 373 -14.48 32.88 13.83
C VAL A 373 -14.11 33.53 15.15
N GLY A 374 -15.05 34.30 15.70
CA GLY A 374 -14.88 34.90 17.03
C GLY A 374 -14.88 33.82 18.09
N VAL A 375 -14.05 33.96 19.10
CA VAL A 375 -13.95 32.96 20.19
C VAL A 375 -14.22 33.68 21.51
N ILE A 376 -14.72 32.91 22.45
CA ILE A 376 -15.00 33.43 23.81
C ILE A 376 -13.66 33.71 24.48
N ASP A 377 -13.59 34.88 25.13
CA ASP A 377 -12.41 35.24 25.92
C ASP A 377 -12.29 34.25 27.08
N PRO A 378 -11.17 33.51 27.21
CA PRO A 378 -11.03 32.55 28.31
C PRO A 378 -10.84 33.20 29.68
N SER A 379 -10.53 34.50 29.71
CA SER A 379 -10.28 35.25 30.98
C SER A 379 -11.56 35.93 31.47
N GLU A 380 -12.74 35.42 31.13
CA GLU A 380 -14.01 36.03 31.56
C GLU A 380 -14.97 34.94 32.00
N ASN A 381 -15.87 35.31 32.90
CA ASN A 381 -16.83 34.36 33.51
C ASN A 381 -17.98 34.09 32.55
N ILE A 382 -18.43 32.85 32.50
CA ILE A 382 -19.60 32.44 31.69
C ILE A 382 -20.71 32.06 32.65
N GLN A 383 -21.68 32.94 32.81
CA GLN A 383 -22.91 32.63 33.57
C GLN A 383 -23.95 32.02 32.64
N GLU A 384 -24.92 31.32 33.22
CA GLU A 384 -25.90 30.56 32.42
C GLU A 384 -27.31 30.80 32.94
N ILE A 385 -28.28 30.76 32.04
CA ILE A 385 -29.71 30.81 32.39
C ILE A 385 -30.32 29.48 31.99
N ASN A 386 -30.52 28.59 32.95
CA ASN A 386 -30.82 27.17 32.66
C ASN A 386 -32.23 27.03 32.06
N THR A 387 -33.18 27.81 32.54
CA THR A 387 -34.57 27.75 32.02
C THR A 387 -34.68 28.69 30.82
N ALA A 388 -35.13 28.14 29.69
CA ALA A 388 -35.21 28.90 28.42
C ALA A 388 -36.19 30.06 28.59
N ILE A 389 -35.87 31.17 27.98
CA ILE A 389 -36.72 32.39 28.01
C ILE A 389 -37.92 32.14 27.10
N SER A 390 -39.11 32.43 27.57
CA SER A 390 -40.37 32.30 26.81
C SER A 390 -40.88 33.66 26.33
N ASP A 391 -41.22 34.54 27.26
CA ASP A 391 -41.83 35.86 26.90
C ASP A 391 -41.24 36.97 27.76
N ASN A 392 -40.86 36.68 28.99
CA ASN A 392 -40.36 37.70 29.94
C ASN A 392 -39.36 37.05 30.87
N TYR A 393 -38.15 37.57 30.92
CA TYR A 393 -37.15 37.18 31.93
C TYR A 393 -36.46 38.42 32.46
N THR A 394 -36.05 38.36 33.72
CA THR A 394 -35.36 39.47 34.40
C THR A 394 -34.17 38.89 35.14
N TYR A 395 -33.04 38.79 34.46
CA TYR A 395 -31.82 38.24 35.06
C TYR A 395 -31.26 39.24 36.07
N ASN A 396 -30.80 38.72 37.20
CA ASN A 396 -30.19 39.52 38.28
C ASN A 396 -28.67 39.32 38.23
N ILE A 397 -27.94 40.41 38.11
CA ILE A 397 -26.45 40.34 37.98
C ILE A 397 -25.87 39.96 39.33
N PRO A 398 -25.14 38.83 39.43
CA PRO A 398 -24.62 38.35 40.71
C PRO A 398 -23.51 39.25 41.27
N ILE A 400 -20.81 37.79 42.48
CA ILE A 400 -19.68 36.86 42.13
C ILE A 400 -18.91 37.42 40.92
N VAL A 401 -19.37 38.51 40.35
CA VAL A 401 -18.78 39.08 39.10
C VAL A 401 -17.90 40.26 39.49
N ASN A 402 -18.39 41.14 40.36
CA ASN A 402 -17.61 42.29 40.88
C ASN A 402 -17.11 43.18 39.73
N ASN A 403 -18.04 43.70 38.93
CA ASN A 403 -17.79 44.71 37.87
C ASN A 403 -16.96 44.15 36.69
N ASN A 404 -16.52 42.90 36.75
CA ASN A 404 -15.77 42.30 35.63
C ASN A 404 -16.72 42.00 34.49
N PRO A 405 -16.27 42.14 33.22
CA PRO A 405 -17.11 41.70 32.11
C PRO A 405 -17.29 40.18 32.10
N PHE A 406 -18.45 39.72 31.67
CA PHE A 406 -18.80 38.29 31.68
C PHE A 406 -19.87 38.01 30.64
N TYR A 407 -20.06 36.74 30.36
CA TYR A 407 -21.03 36.23 29.37
C TYR A 407 -22.26 35.67 30.09
N ILE A 408 -23.38 35.69 29.39
CA ILE A 408 -24.64 35.10 29.88
C ILE A 408 -25.11 34.13 28.80
N LEU A 409 -24.89 32.84 29.02
CA LEU A 409 -25.33 31.81 28.07
C LEU A 409 -26.80 31.50 28.32
N PHE A 410 -27.62 31.55 27.28
CA PHE A 410 -29.07 31.34 27.42
C PHE A 410 -29.65 30.91 26.09
N THR A 411 -30.94 30.60 26.13
CA THR A 411 -31.72 30.20 24.93
C THR A 411 -33.17 30.63 25.11
N VAL A 412 -33.88 30.66 24.01
CA VAL A 412 -35.31 31.04 24.00
C VAL A 412 -36.16 29.80 23.81
N ASN A 413 -37.40 29.89 24.26
CA ASN A 413 -38.34 28.75 24.18
C ASN A 413 -38.83 28.61 22.74
N THR A 414 -39.10 29.72 22.07
CA THR A 414 -39.55 29.70 20.66
C THR A 414 -39.00 30.91 19.92
N THR A 415 -38.91 30.78 18.61
CA THR A 415 -38.35 31.84 17.74
C THR A 415 -39.20 33.10 17.86
N GLY A 416 -38.53 34.24 17.96
CA GLY A 416 -39.22 35.54 18.02
C GLY A 416 -38.23 36.68 18.11
N ILE A 417 -38.75 37.89 18.08
CA ILE A 417 -37.94 39.13 18.17
C ILE A 417 -37.93 39.54 19.64
N TYR A 418 -36.75 39.61 20.23
CA TYR A 418 -36.59 39.94 21.66
C TYR A 418 -35.88 41.28 21.79
N LYS A 419 -36.42 42.14 22.64
CA LYS A 419 -35.73 43.38 23.04
C LYS A 419 -34.96 43.11 24.33
N ILE A 420 -33.64 43.23 24.27
CA ILE A 420 -32.77 42.92 25.43
C ILE A 420 -32.12 44.21 25.89
N ASN A 421 -32.43 44.61 27.12
CA ASN A 421 -31.94 45.89 27.69
C ASN A 421 -31.43 45.65 29.11
N ALA A 422 -30.87 46.68 29.71
CA ALA A 422 -30.42 46.66 31.13
C ALA A 422 -31.11 47.81 31.86
N GLN A 423 -30.89 47.91 33.16
CA GLN A 423 -31.52 48.97 33.98
C GLN A 423 -31.08 50.33 33.45
N ASN A 424 -32.03 51.11 32.95
CA ASN A 424 -31.80 52.46 32.36
C ASN A 424 -30.91 52.37 31.12
N ASN A 425 -30.73 51.18 30.56
CA ASN A 425 -29.98 50.94 29.30
C ASN A 425 -28.50 51.35 29.43
N LEU A 426 -28.02 51.63 30.63
CA LEU A 426 -26.68 52.26 30.80
C LEU A 426 -25.58 51.30 30.37
N PRO A 427 -25.51 50.03 30.84
CA PRO A 427 -24.53 49.11 30.27
C PRO A 427 -25.01 48.57 28.91
N SER A 428 -24.29 48.94 27.85
CA SER A 428 -24.60 48.52 26.47
C SER A 428 -24.18 47.06 26.29
N LEU A 429 -25.15 46.19 26.05
CA LEU A 429 -24.87 44.74 25.90
C LEU A 429 -24.50 44.42 24.45
N LYS A 430 -23.91 43.26 24.23
CA LYS A 430 -23.59 42.76 22.89
C LYS A 430 -23.98 41.29 22.81
N ILE A 431 -24.80 40.95 21.83
CA ILE A 431 -25.36 39.59 21.69
C ILE A 431 -24.47 38.82 20.71
N TYR A 432 -24.19 37.57 21.03
CA TYR A 432 -23.48 36.64 20.13
C TYR A 432 -24.34 35.38 19.92
N GLU A 433 -23.91 34.55 18.98
CA GLU A 433 -24.53 33.24 18.73
C GLU A 433 -23.42 32.19 18.68
N ALA A 434 -23.62 31.09 19.39
CA ALA A 434 -22.72 29.91 19.34
C ALA A 434 -22.90 29.21 17.99
N ILE A 435 -21.85 29.15 17.19
CA ILE A 435 -21.90 28.54 15.84
C ILE A 435 -22.08 27.02 16.00
N GLY A 436 -23.15 26.51 15.44
CA GLY A 436 -23.45 25.07 15.44
C GLY A 436 -24.14 24.55 16.69
N SER A 437 -24.81 25.41 17.42
CA SER A 437 -25.62 25.02 18.60
C SER A 437 -27.03 24.61 18.17
N GLY A 438 -27.58 23.62 18.85
CA GLY A 438 -28.93 23.08 18.61
C GLY A 438 -28.95 21.93 17.63
N ASN A 439 -27.79 21.50 17.12
CA ASN A 439 -27.76 20.40 16.12
C ASN A 439 -27.66 19.04 16.81
N ARG A 440 -27.77 18.97 18.13
CA ARG A 440 -27.33 17.79 18.91
C ARG A 440 -28.26 17.64 20.11
N ASN A 441 -27.78 17.09 21.22
CA ASN A 441 -28.57 16.85 22.44
C ASN A 441 -29.53 18.01 22.71
N PHE A 442 -30.76 17.67 23.06
CA PHE A 442 -31.85 18.67 23.21
C PHE A 442 -32.78 18.23 24.33
N GLN A 443 -33.20 19.17 25.15
CA GLN A 443 -34.23 18.97 26.19
C GLN A 443 -35.18 20.17 26.14
N SER A 444 -36.48 19.90 25.97
CA SER A 444 -37.49 20.96 25.78
C SER A 444 -37.61 21.82 27.04
N GLY A 445 -37.55 23.14 26.87
CA GLY A 445 -37.78 24.11 27.95
C GLY A 445 -36.57 24.30 28.86
N ASN A 446 -35.44 23.70 28.55
CA ASN A 446 -34.19 23.85 29.36
C ASN A 446 -33.02 24.13 28.42
N LEU A 447 -32.06 24.88 28.93
CA LEU A 447 -30.81 25.17 28.20
C LEU A 447 -29.94 23.91 28.18
N CYS A 448 -29.38 23.61 27.02
CA CYS A 448 -28.41 22.52 26.87
C CYS A 448 -27.05 23.14 26.55
N ASP A 449 -26.16 23.19 27.54
CA ASP A 449 -24.83 23.84 27.35
C ASP A 449 -24.01 22.97 26.39
N ASP A 450 -23.98 23.34 25.12
CA ASP A 450 -23.18 22.63 24.11
C ASP A 450 -21.67 22.92 24.28
N ASP A 451 -21.29 23.89 25.11
CA ASP A 451 -19.88 24.19 25.42
C ASP A 451 -19.15 24.57 24.12
N ILE A 452 -19.77 25.41 23.31
CA ILE A 452 -19.17 25.92 22.05
C ILE A 452 -18.65 27.31 22.34
N LYS A 453 -17.36 27.51 22.17
CA LYS A 453 -16.72 28.83 22.40
C LYS A 453 -16.61 29.60 21.09
N ALA A 454 -17.00 29.00 19.95
CA ALA A 454 -17.03 29.71 18.64
C ALA A 454 -18.29 30.55 18.61
N ILE A 455 -18.14 31.87 18.55
CA ILE A 455 -19.28 32.81 18.68
C ILE A 455 -19.37 33.63 17.41
N ASN A 456 -20.57 34.12 17.11
CA ASN A 456 -20.82 34.99 15.94
C ASN A 456 -21.50 36.26 16.42
N TYR A 457 -20.85 37.40 16.19
CA TYR A 457 -21.37 38.72 16.62
C TYR A 457 -22.66 39.00 15.85
N ILE A 458 -23.61 39.62 16.52
CA ILE A 458 -24.91 39.98 15.91
C ILE A 458 -25.06 41.50 15.94
N THR A 459 -25.12 42.08 17.13
CA THR A 459 -25.28 43.53 17.29
C THR A 459 -24.92 43.91 18.71
N GLY A 460 -24.68 45.19 18.94
CA GLY A 460 -24.29 45.74 20.23
C GLY A 460 -23.04 46.58 20.17
N PHE A 461 -22.87 47.46 21.13
CA PHE A 461 -21.71 48.39 21.17
C PHE A 461 -20.86 48.04 22.38
N ASP A 462 -19.56 47.93 22.19
CA ASP A 462 -18.60 47.80 23.31
C ASP A 462 -18.12 49.21 23.63
N SER A 463 -19.05 50.04 24.09
CA SER A 463 -18.78 51.45 24.47
C SER A 463 -19.19 51.70 25.92
N PRO A 464 -18.35 52.36 26.75
CA PRO A 464 -18.79 52.76 28.08
C PRO A 464 -19.74 53.96 28.01
N ASN A 465 -20.76 53.95 28.87
CA ASN A 465 -21.68 55.09 29.06
C ASN A 465 -22.41 55.39 27.74
N ALA A 466 -23.13 54.40 27.24
CA ALA A 466 -23.96 54.58 26.02
C ALA A 466 -25.29 53.87 26.26
N LYS A 467 -26.37 54.63 26.36
CA LYS A 467 -27.72 54.06 26.54
C LYS A 467 -28.16 53.40 25.24
N SER A 468 -28.51 52.12 25.31
CA SER A 468 -28.93 51.35 24.13
C SER A 468 -29.68 50.11 24.57
N TYR A 469 -30.51 49.58 23.69
CA TYR A 469 -31.15 48.26 23.85
C TYR A 469 -31.10 47.55 22.52
N LEU A 470 -31.06 46.22 22.56
CA LEU A 470 -30.91 45.38 21.35
C LEU A 470 -32.27 44.87 20.93
N VAL A 471 -32.57 44.97 19.64
CA VAL A 471 -33.74 44.30 19.01
C VAL A 471 -33.18 43.24 18.08
N VAL A 472 -33.33 41.98 18.46
CA VAL A 472 -32.68 40.85 17.75
C VAL A 472 -33.72 39.73 17.59
N LEU A 473 -33.60 38.99 16.51
CA LEU A 473 -34.38 37.75 16.28
C LEU A 473 -33.56 36.59 16.80
N LEU A 474 -34.13 35.83 17.72
CA LEU A 474 -33.46 34.67 18.34
C LEU A 474 -34.18 33.40 17.94
N ASN A 475 -33.42 32.35 17.68
CA ASN A 475 -33.97 31.07 17.21
C ASN A 475 -34.11 30.10 18.38
N LYS A 476 -35.06 29.19 18.25
CA LYS A 476 -35.35 28.21 19.32
C LYS A 476 -34.17 27.23 19.44
N ASP A 477 -33.85 26.85 20.67
CA ASP A 477 -32.87 25.77 20.99
C ASP A 477 -31.41 26.20 20.76
N LYS A 478 -31.21 27.36 20.16
CA LYS A 478 -29.83 27.84 19.88
C LYS A 478 -29.32 28.56 21.10
N ASN A 479 -28.01 28.51 21.31
CA ASN A 479 -27.35 29.16 22.47
C ASN A 479 -26.87 30.54 22.06
N TYR A 480 -27.12 31.51 22.93
CA TYR A 480 -26.77 32.92 22.68
C TYR A 480 -26.01 33.46 23.87
N TYR A 481 -25.02 34.31 23.59
CA TYR A 481 -24.18 34.95 24.62
C TYR A 481 -24.50 36.44 24.66
N ILE A 482 -24.57 37.00 25.87
CA ILE A 482 -24.68 38.46 26.10
C ILE A 482 -23.48 38.89 26.92
N ARG A 483 -22.54 39.57 26.29
CA ARG A 483 -21.35 40.06 27.00
C ARG A 483 -21.73 41.36 27.72
N VAL A 484 -21.89 41.29 29.04
CA VAL A 484 -22.13 42.50 29.85
C VAL A 484 -20.82 43.25 29.96
N PRO A 485 -20.78 44.56 29.63
CA PRO A 485 -19.51 45.29 29.67
C PRO A 485 -19.04 45.51 31.11
N GLN A 486 -17.78 45.89 31.23
CA GLN A 486 -17.15 46.15 32.55
C GLN A 486 -17.80 47.41 33.13
N THR A 487 -18.68 47.24 34.09
CA THR A 487 -19.37 48.37 34.75
C THR A 487 -18.43 48.97 35.79
N SER A 488 -18.78 50.15 36.27
CA SER A 488 -18.02 50.83 37.35
C SER A 488 -18.90 51.10 38.58
N SER A 489 -20.09 50.51 38.65
CA SER A 489 -21.05 50.74 39.75
C SER A 489 -21.24 49.44 40.53
N ASN A 490 -21.44 49.55 41.84
CA ASN A 490 -21.69 48.38 42.72
C ASN A 490 -23.20 48.15 42.90
N ILE A 491 -24.03 48.99 42.29
CA ILE A 491 -25.50 48.87 42.41
C ILE A 491 -25.94 47.61 41.66
N GLU A 492 -26.91 46.89 42.23
CA GLU A 492 -27.51 45.69 41.61
C GLU A 492 -28.10 46.05 40.25
N ASN A 493 -27.70 45.32 39.21
CA ASN A 493 -28.14 45.59 37.82
C ASN A 493 -28.94 44.40 37.33
N GLN A 494 -29.73 44.60 36.28
CA GLN A 494 -30.61 43.54 35.76
C GLN A 494 -30.56 43.52 34.24
N ILE A 495 -30.57 42.31 33.68
CA ILE A 495 -30.74 42.09 32.22
C ILE A 495 -32.18 41.65 31.99
N LYS A 496 -32.87 42.35 31.10
CA LYS A 496 -34.29 42.07 30.81
C LYS A 496 -34.44 41.53 29.39
N PHE A 497 -35.25 40.50 29.24
CA PHE A 497 -35.63 39.92 27.93
C PHE A 497 -37.14 40.06 27.77
N LYS A 498 -37.58 40.51 26.60
CA LYS A 498 -39.03 40.67 26.33
C LYS A 498 -39.33 40.42 24.87
N ARG A 499 -40.31 39.57 24.61
CA ARG A 499 -40.80 39.30 23.23
C ARG A 499 -41.46 40.54 22.62
N GLU A 500 -41.12 40.79 21.35
CA GLU A 500 -41.66 41.95 20.61
C GLU A 500 -42.79 41.43 19.75
N GLU A 501 -44.00 41.52 20.28
CA GLU A 501 -45.26 41.23 19.55
C GLU A 501 -45.91 42.55 19.14
N GLY A 502 -45.14 43.37 18.44
CA GLY A 502 -45.58 44.72 18.03
C GLY A 502 -44.82 45.23 16.83
N ASP A 503 -44.95 46.53 16.59
CA ASP A 503 -44.31 47.21 15.44
C ASP A 503 -42.80 47.32 15.63
N LEU A 504 -42.28 47.01 16.82
CA LEU A 504 -40.82 47.09 17.09
C LEU A 504 -40.06 46.00 16.32
N ARG A 505 -40.74 45.05 15.70
CA ARG A 505 -40.07 43.97 14.93
C ARG A 505 -39.39 44.55 13.69
N ASN A 506 -39.72 45.78 13.29
CA ASN A 506 -39.07 46.43 12.12
C ASN A 506 -37.58 46.66 12.38
N LEU A 507 -37.19 46.81 13.65
CA LEU A 507 -35.78 47.09 14.02
C LEU A 507 -35.00 45.80 14.26
N MET A 508 -35.37 44.71 13.59
CA MET A 508 -34.77 43.38 13.86
C MET A 508 -33.26 43.42 13.56
N ASN A 509 -32.49 42.77 14.43
CA ASN A 509 -31.02 42.62 14.30
C ASN A 509 -30.33 43.99 14.24
N SER A 510 -30.71 44.91 15.12
CA SER A 510 -30.04 46.22 15.23
C SER A 510 -30.11 46.69 16.68
N SER A 511 -29.18 47.56 17.05
CA SER A 511 -29.05 48.13 18.40
C SER A 511 -29.46 49.61 18.35
N VAL A 512 -30.37 50.02 19.21
CA VAL A 512 -30.98 51.36 19.15
C VAL A 512 -30.25 52.25 20.15
N ASN A 513 -29.66 53.34 19.63
CA ASN A 513 -29.01 54.35 20.49
C ASN A 513 -30.09 55.25 21.08
N ILE A 514 -30.06 55.45 22.39
CA ILE A 514 -31.03 56.34 23.08
C ILE A 514 -30.34 57.68 23.30
N ILE A 515 -30.95 58.76 22.80
CA ILE A 515 -30.34 60.12 22.91
C ILE A 515 -31.27 60.97 23.78
N ASN A 517 -30.60 65.20 25.72
CA ASN A 517 -29.33 65.64 25.08
C ASN A 517 -29.59 66.80 24.12
N LEU A 518 -30.58 66.66 23.24
CA LEU A 518 -30.89 67.66 22.20
C LEU A 518 -31.32 68.97 22.87
N ASN A 519 -30.88 70.09 22.30
CA ASN A 519 -31.22 71.43 22.83
C ASN A 519 -32.08 72.16 21.79
N THR A 521 -32.79 73.83 18.28
CA THR A 521 -32.01 73.10 17.25
C THR A 521 -30.55 73.53 17.28
N GLY A 522 -29.72 72.86 16.48
CA GLY A 522 -28.28 73.16 16.38
C GLY A 522 -27.52 72.03 15.73
N ALA A 523 -26.22 71.96 16.00
CA ALA A 523 -25.32 70.94 15.43
C ALA A 523 -25.02 69.89 16.49
N HIS A 524 -25.26 68.63 16.16
CA HIS A 524 -25.01 67.48 17.05
C HIS A 524 -24.32 66.38 16.26
N TYR A 525 -23.49 65.62 16.94
CA TYR A 525 -22.79 64.46 16.34
C TYR A 525 -22.74 63.33 17.33
N TYR A 526 -22.93 62.11 16.83
CA TYR A 526 -22.86 60.88 17.65
C TYR A 526 -21.97 59.89 16.92
N THR A 527 -20.95 59.39 17.59
CA THR A 527 -19.97 58.46 17.00
C THR A 527 -20.14 57.07 17.64
N ARG A 528 -20.38 56.09 16.79
CA ARG A 528 -20.44 54.66 17.23
C ARG A 528 -19.67 53.82 16.22
N GLN A 529 -19.37 52.60 16.61
CA GLN A 529 -18.72 51.63 15.69
C GLN A 529 -19.68 51.37 14.53
N SER A 530 -19.16 51.48 13.31
CA SER A 530 -19.98 51.30 12.10
C SER A 530 -20.27 49.81 11.93
N PRO A 531 -21.55 49.41 11.82
CA PRO A 531 -21.86 48.02 11.49
C PRO A 531 -21.35 47.66 10.10
N ASP A 532 -21.07 46.38 9.88
CA ASP A 532 -20.60 45.88 8.56
C ASP A 532 -21.66 46.19 7.50
N VAL A 533 -21.30 46.03 6.25
CA VAL A 533 -22.22 46.28 5.11
C VAL A 533 -23.43 45.34 5.25
N HIS A 534 -24.59 45.85 4.89
CA HIS A 534 -25.90 45.16 4.96
C HIS A 534 -26.38 44.98 6.40
N ASP A 535 -25.62 45.43 7.41
CA ASP A 535 -26.08 45.38 8.82
C ASP A 535 -26.84 46.66 9.17
N TYR A 536 -27.29 46.77 10.40
CA TYR A 536 -28.21 47.86 10.80
C TYR A 536 -27.74 48.52 12.09
N ILE A 537 -28.10 49.78 12.24
CA ILE A 537 -27.89 50.54 13.50
C ILE A 537 -29.07 51.51 13.64
N SER A 538 -29.62 51.60 14.83
CA SER A 538 -30.84 52.38 15.11
C SER A 538 -30.51 53.50 16.09
N TYR A 539 -31.24 54.60 15.97
CA TYR A 539 -31.09 55.78 16.84
C TYR A 539 -32.46 56.19 17.37
N GLU A 540 -32.51 56.60 18.62
CA GLU A 540 -33.74 57.11 19.25
C GLU A 540 -33.47 58.51 19.78
N PHE A 541 -34.34 59.44 19.44
CA PHE A 541 -34.17 60.86 19.83
C PHE A 541 -35.54 61.52 19.97
N THR A 542 -35.56 62.65 20.67
CA THR A 542 -36.76 63.47 20.87
C THR A 542 -36.47 64.87 20.35
N ILE A 543 -37.49 65.50 19.79
CA ILE A 543 -37.36 66.89 19.27
C ILE A 543 -37.61 67.85 20.41
N PRO A 544 -36.70 68.80 20.68
CA PRO A 544 -36.88 69.76 21.77
C PRO A 544 -37.79 70.92 21.36
N ASN A 546 -41.76 70.57 23.65
CA ASN A 546 -43.19 70.72 24.04
C ASN A 546 -44.09 70.18 22.92
N PHE A 547 -44.91 69.18 23.24
CA PHE A 547 -45.81 68.55 22.26
C PHE A 547 -47.03 69.44 22.05
N ASN A 548 -47.21 69.97 20.84
CA ASN A 548 -48.32 70.91 20.56
C ASN A 548 -49.13 70.56 19.30
N ASN A 549 -48.52 69.95 18.27
CA ASN A 549 -49.19 69.67 16.96
C ASN A 549 -49.56 71.00 16.31
N ASP A 551 -46.63 72.69 15.85
CA ASP A 551 -45.22 73.07 16.09
C ASP A 551 -44.30 72.06 15.41
N THR A 552 -43.62 72.51 14.37
CA THR A 552 -42.64 71.70 13.63
C THR A 552 -41.25 72.32 13.79
N SER A 553 -40.27 71.74 13.14
CA SER A 553 -38.88 72.24 13.21
C SER A 553 -38.12 71.81 11.95
N ASN A 554 -37.02 72.49 11.69
CA ASN A 554 -36.14 72.17 10.53
C ASN A 554 -35.02 71.27 11.03
N ILE A 555 -35.11 69.99 10.69
CA ILE A 555 -34.15 68.97 11.16
C ILE A 555 -33.46 68.39 9.93
N ARG A 556 -32.13 68.40 9.94
CA ARG A 556 -31.30 67.82 8.87
C ARG A 556 -30.67 66.52 9.38
N LEU A 557 -30.75 65.49 8.56
CA LEU A 557 -30.26 64.15 8.92
C LEU A 557 -29.18 63.76 7.91
N TYR A 558 -27.99 63.47 8.38
CA TYR A 558 -26.91 62.96 7.50
C TYR A 558 -25.83 62.31 8.36
N THR A 559 -24.99 61.54 7.70
CA THR A 559 -23.82 60.89 8.35
C THR A 559 -22.53 61.45 7.75
N SER A 560 -21.41 60.88 8.16
CA SER A 560 -20.07 61.30 7.68
C SER A 560 -19.27 60.04 7.32
N TYR A 561 -18.66 60.05 6.13
CA TYR A 561 -17.73 59.00 5.65
C TYR A 561 -18.41 57.65 5.46
N ASN A 562 -19.72 57.54 5.71
CA ASN A 562 -20.42 56.23 5.59
C ASN A 562 -21.76 56.43 4.89
N GLN A 563 -22.08 55.52 3.98
CA GLN A 563 -23.34 55.61 3.21
C GLN A 563 -24.32 54.59 3.79
N GLY A 564 -25.53 55.03 4.10
CA GLY A 564 -26.57 54.11 4.56
C GLY A 564 -27.95 54.56 4.15
N ILE A 565 -28.75 53.65 3.61
CA ILE A 565 -30.18 53.94 3.27
C ILE A 565 -30.97 53.95 4.57
N GLY A 566 -31.16 55.14 5.13
CA GLY A 566 -31.88 55.31 6.40
C GLY A 566 -33.37 55.09 6.25
N THR A 567 -34.00 54.93 7.39
CA THR A 567 -35.47 54.85 7.50
C THR A 567 -35.88 55.55 8.79
N LEU A 568 -37.05 56.15 8.77
CA LEU A 568 -37.54 56.95 9.91
C LEU A 568 -38.88 56.40 10.38
N PHE A 569 -38.99 56.07 11.65
CA PHE A 569 -40.28 55.66 12.26
C PHE A 569 -40.58 56.60 13.41
N ARG A 570 -41.84 57.00 13.52
CA ARG A 570 -42.35 57.81 14.65
C ARG A 570 -43.21 56.91 15.54
N VAL A 571 -42.98 56.99 16.84
CA VAL A 571 -43.76 56.17 17.81
C VAL A 571 -45.18 56.70 18.00
N TYR A 578 -45.34 49.95 21.75
CA TYR A 578 -45.42 51.29 21.11
C TYR A 578 -45.50 51.12 19.59
N ASN A 579 -46.53 51.69 18.99
CA ASN A 579 -46.80 51.52 17.53
C ASN A 579 -45.82 52.39 16.72
N LEU A 580 -45.40 51.87 15.58
CA LEU A 580 -44.42 52.55 14.70
C LEU A 580 -45.04 52.68 13.31
N ILE A 581 -44.98 53.88 12.75
CA ILE A 581 -45.46 54.15 11.36
C ILE A 581 -44.32 54.78 10.56
N ASN A 582 -44.20 54.35 9.31
CA ASN A 582 -43.08 54.73 8.45
C ASN A 582 -43.28 56.15 7.93
N ILE A 583 -42.23 56.95 7.96
CA ILE A 583 -42.27 58.34 7.40
C ILE A 583 -41.60 58.36 6.02
N GLN A 584 -40.38 57.83 5.89
CA GLN A 584 -39.73 57.68 4.56
C GLN A 584 -39.21 56.26 4.38
N GLN A 585 -38.63 56.01 3.22
CA GLN A 585 -38.14 54.66 2.84
C GLN A 585 -36.64 54.68 2.54
N ASN A 586 -36.15 55.60 1.71
CA ASN A 586 -34.81 55.48 1.11
C ASN A 586 -34.05 56.78 1.32
N LEU A 587 -33.88 57.18 2.57
CA LEU A 587 -32.98 58.31 2.93
C LEU A 587 -31.53 57.83 2.85
N ASN A 588 -30.83 58.19 1.77
CA ASN A 588 -29.37 58.00 1.69
C ASN A 588 -28.73 59.13 2.50
N LEU A 589 -27.91 58.76 3.48
CA LEU A 589 -27.40 59.75 4.48
C LEU A 589 -25.89 59.93 4.39
N LEU A 590 -25.27 59.68 3.25
CA LEU A 590 -23.80 59.85 3.09
C LEU A 590 -23.39 61.29 3.42
N ASN A 591 -23.89 62.26 2.67
CA ASN A 591 -23.68 63.70 2.95
C ASN A 591 -24.96 64.48 2.64
N SER A 592 -26.11 63.89 2.92
CA SER A 592 -27.42 64.43 2.47
C SER A 592 -27.69 65.81 3.06
N THR A 593 -28.22 66.71 2.24
CA THR A 593 -28.58 68.09 2.68
C THR A 593 -30.09 68.22 2.86
N LYS A 594 -30.84 67.12 2.78
CA LYS A 594 -32.32 67.15 2.86
C LYS A 594 -32.76 67.60 4.25
N SER A 595 -33.92 68.24 4.30
CA SER A 595 -34.54 68.70 5.56
C SER A 595 -35.96 68.14 5.65
N ILE A 596 -36.39 67.87 6.87
CA ILE A 596 -37.69 67.19 7.13
C ILE A 596 -38.39 67.97 8.24
N ARG A 597 -39.70 68.19 8.08
CA ARG A 597 -40.52 68.81 9.14
C ARG A 597 -40.63 67.82 10.29
N LEU A 598 -40.24 68.24 11.49
CA LEU A 598 -40.17 67.35 12.68
C LEU A 598 -41.05 67.95 13.77
N LEU A 599 -42.01 67.18 14.26
CA LEU A 599 -42.94 67.66 15.31
C LEU A 599 -42.17 67.79 16.63
N ASN A 600 -42.39 68.88 17.33
CA ASN A 600 -41.72 69.15 18.62
C ASN A 600 -42.27 68.19 19.69
N GLY A 601 -41.39 67.73 20.57
CA GLY A 601 -41.75 66.90 21.73
C GLY A 601 -42.31 65.55 21.31
N ALA A 602 -41.74 64.93 20.28
CA ALA A 602 -42.15 63.57 19.83
C ALA A 602 -40.92 62.70 19.67
N ILE A 603 -41.11 61.40 19.84
CA ILE A 603 -39.99 60.42 19.77
C ILE A 603 -39.96 59.88 18.35
N TYR A 604 -38.77 59.84 17.75
CA TYR A 604 -38.57 59.27 16.40
C TYR A 604 -37.42 58.27 16.46
N ILE A 605 -37.41 57.35 15.50
CA ILE A 605 -36.38 56.29 15.40
C ILE A 605 -35.73 56.36 14.03
N LEU A 606 -34.41 56.27 13.99
CA LEU A 606 -33.62 56.30 12.74
C LEU A 606 -32.92 54.95 12.56
N LYS A 607 -33.51 54.10 11.73
CA LYS A 607 -32.84 52.84 11.33
C LYS A 607 -31.91 53.16 10.17
N VAL A 608 -30.66 52.71 10.26
CA VAL A 608 -29.64 52.95 9.21
C VAL A 608 -29.06 51.61 8.79
N GLU A 609 -29.09 51.33 7.49
CA GLU A 609 -28.52 50.10 6.91
C GLU A 609 -27.23 50.47 6.19
N VAL A 610 -26.10 50.09 6.76
CA VAL A 610 -24.78 50.50 6.22
C VAL A 610 -24.57 49.85 4.86
N THR A 611 -24.32 50.67 3.85
CA THR A 611 -24.08 50.19 2.46
C THR A 611 -22.63 50.36 2.04
N GLU A 612 -21.99 51.48 2.40
CA GLU A 612 -20.58 51.75 2.03
C GLU A 612 -19.78 51.95 3.31
N LEU A 613 -19.02 50.93 3.68
CA LEU A 613 -18.20 51.01 4.93
C LEU A 613 -16.86 51.64 4.58
N ASN A 614 -16.74 52.94 4.84
CA ASN A 614 -15.50 53.68 4.58
C ASN A 614 -14.69 53.92 5.86
N ASN A 615 -15.36 53.97 7.00
CA ASN A 615 -14.68 54.26 8.30
C ASN A 615 -15.04 53.18 9.30
N TYR A 616 -14.16 52.96 10.27
CA TYR A 616 -14.44 52.03 11.39
C TYR A 616 -15.63 52.56 12.20
N ASN A 617 -15.71 53.88 12.39
CA ASN A 617 -16.79 54.51 13.18
C ASN A 617 -17.84 55.09 12.25
N ILE A 618 -19.06 55.19 12.75
CA ILE A 618 -20.17 55.86 12.04
C ILE A 618 -20.55 57.10 12.83
N LYS A 619 -20.63 58.23 12.15
CA LYS A 619 -21.02 59.53 12.77
C LYS A 619 -22.36 59.94 12.20
N LEU A 620 -23.22 60.50 13.04
CA LEU A 620 -24.60 60.88 12.64
C LEU A 620 -24.88 62.28 13.16
N HIS A 621 -25.57 63.08 12.35
CA HIS A 621 -25.95 64.46 12.71
C HIS A 621 -27.47 64.55 12.64
N THR B 22 3.23 -47.18 -13.91
CA THR B 22 3.67 -46.73 -15.26
C THR B 22 4.87 -45.79 -15.12
N ILE B 23 6.05 -46.25 -15.49
CA ILE B 23 7.28 -45.42 -15.41
C ILE B 23 8.31 -45.95 -16.39
N ASP B 24 9.26 -45.10 -16.76
CA ASP B 24 10.38 -45.50 -17.67
C ASP B 24 11.71 -45.45 -16.92
N LEU B 25 11.72 -44.95 -15.68
CA LEU B 25 12.97 -44.77 -14.93
C LEU B 25 13.52 -46.13 -14.48
N ALA B 26 14.83 -46.20 -14.29
CA ALA B 26 15.49 -47.41 -13.75
C ALA B 26 15.09 -47.60 -12.29
N ASP B 27 15.31 -48.80 -11.78
CA ASP B 27 14.95 -49.14 -10.39
C ASP B 27 15.79 -48.31 -9.42
N GLY B 28 15.13 -47.65 -8.47
CA GLY B 28 15.80 -46.86 -7.43
C GLY B 28 14.86 -45.85 -6.80
N ASN B 29 15.42 -44.83 -6.18
CA ASN B 29 14.64 -43.75 -5.54
C ASN B 29 14.90 -42.45 -6.30
N TYR B 30 13.85 -41.68 -6.51
CA TYR B 30 13.91 -40.41 -7.28
C TYR B 30 13.19 -39.34 -6.51
N VAL B 31 13.63 -38.10 -6.76
CA VAL B 31 12.96 -36.88 -6.25
C VAL B 31 12.20 -36.25 -7.42
N VAL B 32 10.95 -35.92 -7.19
CA VAL B 32 10.03 -35.46 -8.28
C VAL B 32 9.44 -34.12 -7.91
N SER B 33 9.44 -33.18 -8.85
CA SER B 33 8.73 -31.89 -8.75
C SER B 33 7.61 -31.87 -9.76
N ARG B 34 6.38 -31.67 -9.28
CA ARG B 34 5.19 -31.62 -10.18
C ARG B 34 4.82 -30.17 -10.49
N GLY B 35 5.64 -29.21 -10.08
CA GLY B 35 5.47 -27.78 -10.39
C GLY B 35 4.49 -27.09 -9.46
N ASP B 36 4.37 -25.79 -9.65
CA ASP B 36 3.48 -24.93 -8.85
C ASP B 36 2.07 -24.96 -9.43
N GLY B 37 1.14 -24.37 -8.70
CA GLY B 37 -0.26 -24.21 -9.15
C GLY B 37 -1.16 -25.33 -8.66
N TRP B 38 -0.73 -26.13 -7.69
CA TRP B 38 -1.57 -27.23 -7.17
C TRP B 38 -2.54 -26.67 -6.13
N ILE B 39 -3.81 -27.02 -6.28
CA ILE B 39 -4.86 -26.64 -5.28
C ILE B 39 -5.34 -27.92 -4.62
N LEU B 40 -5.70 -27.83 -3.34
CA LEU B 40 -6.05 -29.02 -2.53
C LEU B 40 -7.56 -29.19 -2.49
N SER B 41 -8.00 -30.42 -2.34
CA SER B 41 -9.43 -30.79 -2.35
C SER B 41 -10.14 -30.24 -1.11
N ARG B 42 -11.33 -29.72 -1.32
CA ARG B 42 -12.32 -29.36 -0.27
C ARG B 42 -11.94 -28.08 0.44
N GLN B 43 -10.75 -27.54 0.26
CA GLN B 43 -10.33 -26.29 0.92
C GLN B 43 -10.43 -25.13 -0.07
N ASN B 44 -11.56 -25.01 -0.73
CA ASN B 44 -11.74 -24.00 -1.81
C ASN B 44 -12.06 -22.58 -1.34
N GLN B 45 -13.16 -22.42 -0.63
CA GLN B 45 -13.65 -21.12 -0.16
C GLN B 45 -13.73 -21.21 1.44
N ILE B 46 -12.51 -21.25 1.97
CA ILE B 46 -12.34 -21.51 3.43
C ILE B 46 -11.52 -20.27 3.83
N LEU B 47 -11.02 -19.53 2.87
CA LEU B 47 -10.35 -18.22 3.11
C LEU B 47 -11.33 -17.06 2.97
N GLY B 48 -12.46 -17.26 2.30
CA GLY B 48 -13.52 -16.26 2.13
C GLY B 48 -13.67 -15.83 0.68
N GLY B 49 -14.74 -15.09 0.43
CA GLY B 49 -15.05 -14.59 -0.90
C GLY B 49 -15.58 -13.18 -0.86
N SER B 50 -15.37 -12.46 -1.94
CA SER B 50 -15.77 -11.05 -2.10
C SER B 50 -16.90 -10.96 -3.12
N VAL B 51 -17.89 -10.12 -2.83
CA VAL B 51 -19.01 -9.82 -3.76
C VAL B 51 -18.93 -8.35 -4.15
N ILE B 52 -18.95 -8.08 -5.44
CA ILE B 52 -18.89 -6.71 -6.01
C ILE B 52 -20.01 -6.55 -7.01
N SER B 53 -20.37 -5.30 -7.29
CA SER B 53 -21.51 -5.00 -8.17
C SER B 53 -21.35 -3.63 -8.83
N ASN B 54 -21.81 -3.52 -10.07
CA ASN B 54 -22.03 -2.22 -10.77
C ASN B 54 -20.72 -1.43 -10.85
N GLY B 55 -19.73 -1.98 -11.53
CA GLY B 55 -18.51 -1.23 -11.87
C GLY B 55 -17.49 -1.15 -10.74
N SER B 56 -17.74 -1.78 -9.59
CA SER B 56 -16.77 -1.83 -8.47
C SER B 56 -15.55 -2.68 -8.87
N THR B 57 -14.42 -2.38 -8.26
CA THR B 57 -13.19 -3.17 -8.41
C THR B 57 -12.93 -3.91 -7.10
N GLY B 58 -12.87 -5.23 -7.18
CA GLY B 58 -12.56 -6.12 -6.03
C GLY B 58 -11.10 -6.54 -6.06
N ILE B 59 -10.35 -6.21 -5.01
CA ILE B 59 -8.93 -6.65 -4.90
C ILE B 59 -8.81 -7.55 -3.68
N VAL B 60 -8.32 -8.77 -3.90
CA VAL B 60 -8.13 -9.78 -2.83
C VAL B 60 -6.67 -10.21 -2.86
N GLY B 61 -6.06 -10.28 -1.69
CA GLY B 61 -4.64 -10.63 -1.56
C GLY B 61 -4.38 -11.39 -0.29
N ASP B 62 -3.13 -11.80 -0.11
CA ASP B 62 -2.69 -12.44 1.14
C ASP B 62 -1.17 -12.30 1.26
N LEU B 63 -0.63 -12.61 2.44
CA LEU B 63 0.85 -12.55 2.64
C LEU B 63 1.38 -13.92 3.10
N ARG B 64 2.36 -14.48 2.39
CA ARG B 64 2.86 -15.84 2.72
C ARG B 64 3.85 -15.81 3.89
N VAL B 65 3.38 -16.08 5.12
CA VAL B 65 4.27 -16.14 6.32
C VAL B 65 3.68 -16.94 7.48
N ASN B 66 4.51 -17.32 8.46
CA ASN B 66 4.05 -18.03 9.67
C ASN B 66 3.23 -19.27 9.30
N ASP B 67 1.93 -19.28 9.55
CA ASP B 67 1.14 -20.53 9.34
C ASP B 67 0.85 -20.97 7.91
N ASN B 68 0.46 -20.02 7.06
CA ASN B 68 0.21 -20.33 5.61
C ASN B 68 1.56 -20.51 4.76
N ALA B 69 2.58 -20.80 5.56
CA ALA B 69 3.96 -20.93 5.03
C ALA B 69 4.45 -22.31 5.47
N ILE B 70 3.65 -23.08 6.21
CA ILE B 70 4.18 -24.39 6.71
C ILE B 70 3.85 -25.46 5.69
N PRO B 71 4.84 -26.26 5.26
CA PRO B 71 4.57 -27.36 4.34
C PRO B 71 3.70 -28.45 4.98
N TYR B 72 3.07 -29.26 4.12
CA TYR B 72 2.25 -30.43 4.51
C TYR B 72 2.97 -31.68 4.04
N TYR B 73 3.36 -32.52 4.98
CA TYR B 73 4.09 -33.77 4.69
C TYR B 73 3.12 -34.95 4.69
N TYR B 74 3.35 -35.87 3.77
CA TYR B 74 2.59 -37.14 3.67
C TYR B 74 3.61 -38.25 3.57
N PRO B 75 4.24 -38.66 4.69
CA PRO B 75 5.34 -39.60 4.63
C PRO B 75 4.90 -41.04 4.35
N THR B 76 5.88 -41.85 3.97
CA THR B 76 5.74 -43.30 3.74
C THR B 76 6.72 -44.05 4.63
N PRO B 77 6.51 -45.34 4.91
CA PRO B 77 7.45 -46.12 5.72
C PRO B 77 8.92 -46.03 5.33
N SER B 78 9.23 -45.93 4.04
CA SER B 78 10.63 -45.84 3.57
C SER B 78 11.10 -44.38 3.47
N PHE B 79 10.18 -43.43 3.35
CA PHE B 79 10.52 -41.99 3.22
C PHE B 79 9.79 -41.21 4.31
N ASN B 80 10.51 -40.80 5.33
CA ASN B 80 9.93 -40.03 6.45
C ASN B 80 10.05 -38.54 6.13
N GLU B 81 9.62 -37.71 7.06
CA GLU B 81 9.54 -36.24 6.86
C GLU B 81 10.94 -35.68 6.63
N GLU B 82 11.91 -36.07 7.45
CA GLU B 82 13.29 -35.59 7.29
C GLU B 82 13.86 -36.00 5.92
N TYR B 83 13.64 -37.24 5.52
CA TYR B 83 14.14 -37.73 4.21
C TYR B 83 13.56 -36.87 3.08
N ILE B 84 12.27 -36.60 3.16
CA ILE B 84 11.57 -35.83 2.10
C ILE B 84 12.11 -34.41 2.08
N LYS B 85 12.20 -33.78 3.24
CA LYS B 85 12.63 -32.36 3.29
C LYS B 85 14.07 -32.24 2.79
N ASN B 86 14.96 -33.11 3.27
CA ASN B 86 16.39 -33.01 2.92
C ASN B 86 16.57 -33.21 1.41
N ASN B 87 15.92 -34.24 0.87
CA ASN B 87 16.08 -34.55 -0.58
C ASN B 87 15.48 -33.43 -1.42
N ILE B 88 14.34 -32.88 -1.02
CA ILE B 88 13.71 -31.76 -1.79
C ILE B 88 14.67 -30.58 -1.78
N GLN B 89 15.19 -30.21 -0.60
CA GLN B 89 15.96 -28.96 -0.47
C GLN B 89 17.37 -29.11 -1.04
N THR B 90 17.88 -30.34 -1.17
CA THR B 90 19.20 -30.56 -1.81
C THR B 90 19.14 -30.18 -3.30
N VAL B 91 18.08 -30.57 -4.00
CA VAL B 91 17.99 -30.44 -5.48
C VAL B 91 17.17 -29.22 -5.84
N PHE B 92 16.03 -29.01 -5.21
CA PHE B 92 15.10 -27.92 -5.58
C PHE B 92 15.25 -26.76 -4.60
N ALA B 93 14.36 -25.78 -4.72
CA ALA B 93 14.40 -24.55 -3.89
C ALA B 93 14.31 -24.91 -2.41
N ASN B 94 15.15 -24.24 -1.61
CA ASN B 94 15.15 -24.41 -0.14
C ASN B 94 13.96 -23.63 0.41
N PHE B 95 12.88 -24.32 0.72
CA PHE B 95 11.64 -23.64 1.16
C PHE B 95 11.77 -23.17 2.61
N THR B 96 12.53 -23.87 3.45
CA THR B 96 12.67 -23.47 4.86
C THR B 96 13.27 -22.06 4.95
N GLU B 97 14.31 -21.78 4.18
CA GLU B 97 14.93 -20.43 4.13
C GLU B 97 13.98 -19.46 3.43
N ALA B 98 13.25 -19.93 2.41
CA ALA B 98 12.41 -19.06 1.56
C ALA B 98 11.13 -18.67 2.31
N ASN B 99 10.59 -19.57 3.12
CA ASN B 99 9.28 -19.36 3.79
C ASN B 99 9.41 -18.35 4.93
N GLN B 100 10.62 -17.96 5.31
CA GLN B 100 10.82 -17.01 6.44
C GLN B 100 10.78 -15.56 5.93
N ILE B 101 10.72 -15.34 4.62
CA ILE B 101 10.64 -13.97 4.04
C ILE B 101 9.22 -13.75 3.57
N PRO B 102 8.53 -12.70 4.07
CA PRO B 102 7.17 -12.40 3.64
C PRO B 102 7.06 -12.07 2.14
N ILE B 103 6.18 -12.80 1.46
CA ILE B 103 5.87 -12.58 0.02
C ILE B 103 4.36 -12.40 -0.09
N GLY B 104 3.95 -11.35 -0.80
CA GLY B 104 2.54 -10.97 -0.99
C GLY B 104 2.10 -11.22 -2.42
N PHE B 105 0.85 -11.62 -2.60
CA PHE B 105 0.22 -11.73 -3.93
C PHE B 105 -1.13 -11.03 -3.89
N GLU B 106 -1.55 -10.51 -5.03
CA GLU B 106 -2.80 -9.74 -5.14
C GLU B 106 -3.51 -10.10 -6.44
N PHE B 107 -4.83 -10.15 -6.38
CA PHE B 107 -5.70 -10.37 -7.55
C PHE B 107 -6.75 -9.28 -7.58
N SER B 108 -6.89 -8.64 -8.74
CA SER B 108 -7.83 -7.51 -8.95
C SER B 108 -8.83 -7.89 -10.04
N LYS B 109 -10.10 -7.61 -9.77
CA LYS B 109 -11.18 -7.91 -10.73
C LYS B 109 -12.23 -6.79 -10.65
N THR B 110 -12.79 -6.45 -11.80
CA THR B 110 -13.84 -5.42 -11.89
C THR B 110 -15.15 -6.06 -12.33
N ALA B 111 -16.24 -5.68 -11.70
CA ALA B 111 -17.59 -6.18 -12.06
C ALA B 111 -18.15 -5.28 -13.16
N PRO B 112 -18.76 -5.85 -14.22
CA PRO B 112 -19.45 -5.04 -15.20
C PRO B 112 -20.72 -4.39 -14.65
N SER B 113 -21.18 -3.36 -15.35
CA SER B 113 -22.35 -2.55 -14.94
C SER B 113 -23.60 -3.43 -14.82
N ASN B 114 -24.40 -3.17 -13.80
CA ASN B 114 -25.69 -3.87 -13.57
C ASN B 114 -25.48 -5.38 -13.50
N LYS B 115 -24.40 -5.81 -12.85
CA LYS B 115 -24.11 -7.25 -12.71
C LYS B 115 -23.42 -7.49 -11.37
N ASN B 116 -23.51 -8.72 -10.90
CA ASN B 116 -22.90 -9.16 -9.62
C ASN B 116 -21.75 -10.10 -9.91
N LEU B 117 -20.60 -9.82 -9.33
CA LEU B 117 -19.40 -10.67 -9.47
C LEU B 117 -19.00 -11.22 -8.11
N TYR B 118 -18.75 -12.52 -8.08
CA TYR B 118 -18.26 -13.23 -6.87
C TYR B 118 -16.90 -13.82 -7.17
N MET B 119 -15.98 -13.68 -6.23
CA MET B 119 -14.61 -14.22 -6.35
C MET B 119 -14.18 -14.75 -4.98
N TYR B 120 -13.50 -15.90 -4.97
CA TYR B 120 -12.99 -16.51 -3.72
C TYR B 120 -11.54 -16.91 -3.93
N LEU B 121 -10.78 -16.79 -2.84
CA LEU B 121 -9.32 -16.97 -2.81
C LEU B 121 -8.98 -18.41 -2.43
N GLN B 122 -7.90 -18.89 -3.02
CA GLN B 122 -7.34 -20.22 -2.70
C GLN B 122 -5.84 -20.07 -2.44
N TYR B 123 -5.22 -21.17 -2.10
CA TYR B 123 -3.75 -21.26 -1.96
C TYR B 123 -3.25 -22.28 -2.95
N THR B 124 -2.13 -21.96 -3.58
CA THR B 124 -1.47 -22.86 -4.53
C THR B 124 -0.22 -23.41 -3.87
N TYR B 125 0.14 -24.63 -4.27
CA TYR B 125 1.27 -25.35 -3.67
C TYR B 125 2.17 -25.90 -4.75
N ILE B 126 3.41 -26.16 -4.37
CA ILE B 126 4.35 -26.90 -5.24
C ILE B 126 4.33 -28.35 -4.77
N ARG B 127 3.89 -29.25 -5.64
CA ARG B 127 3.81 -30.67 -5.31
C ARG B 127 5.16 -31.32 -5.58
N TYR B 128 5.82 -31.76 -4.51
CA TYR B 128 7.04 -32.59 -4.59
C TYR B 128 6.68 -34.02 -4.22
N GLU B 129 7.28 -34.97 -4.92
CA GLU B 129 7.05 -36.40 -4.62
C GLU B 129 8.39 -37.14 -4.47
N ILE B 130 8.44 -38.02 -3.48
CA ILE B 130 9.52 -39.02 -3.35
C ILE B 130 8.96 -40.37 -3.78
N ILE B 131 9.47 -40.89 -4.89
CA ILE B 131 8.96 -42.15 -5.47
C ILE B 131 10.05 -43.22 -5.43
N LYS B 132 9.61 -44.46 -5.28
CA LYS B 132 10.48 -45.65 -5.35
C LYS B 132 10.08 -46.45 -6.57
N VAL B 133 11.06 -46.81 -7.39
CA VAL B 133 10.83 -47.51 -8.68
C VAL B 133 11.34 -48.93 -8.55
N LEU B 134 10.49 -49.90 -8.90
CA LEU B 134 10.89 -51.32 -8.90
C LEU B 134 10.23 -52.01 -10.09
N GLN B 135 11.05 -52.59 -10.97
CA GLN B 135 10.59 -53.30 -12.19
C GLN B 135 9.69 -52.36 -13.00
N HIS B 136 10.15 -51.13 -13.22
CA HIS B 136 9.47 -50.13 -14.09
C HIS B 136 8.06 -49.87 -13.57
N GLU B 137 7.94 -49.60 -12.27
CA GLU B 137 6.63 -49.24 -11.67
C GLU B 137 6.86 -48.47 -10.38
N ILE B 138 5.90 -47.64 -10.02
CA ILE B 138 5.96 -46.83 -8.78
C ILE B 138 5.31 -47.66 -7.67
N ILE B 139 6.12 -48.24 -6.80
CA ILE B 139 5.60 -49.10 -5.70
C ILE B 139 5.36 -48.25 -4.46
N GLU B 140 6.01 -47.08 -4.34
CA GLU B 140 5.88 -46.22 -3.15
C GLU B 140 5.99 -44.77 -3.59
N ARG B 141 5.20 -43.90 -2.98
CA ARG B 141 5.18 -42.47 -3.33
C ARG B 141 4.92 -41.66 -2.07
N ALA B 142 5.81 -40.72 -1.77
CA ALA B 142 5.62 -39.71 -0.71
C ALA B 142 5.24 -38.38 -1.38
N VAL B 143 4.54 -37.55 -0.63
CA VAL B 143 4.04 -36.25 -1.15
C VAL B 143 4.39 -35.14 -0.17
N LEU B 144 4.86 -34.02 -0.71
CA LEU B 144 5.08 -32.78 0.05
C LEU B 144 4.42 -31.62 -0.69
N TYR B 145 3.65 -30.82 0.04
CA TYR B 145 2.98 -29.63 -0.50
C TYR B 145 3.60 -28.41 0.17
N VAL B 146 4.49 -27.74 -0.57
CA VAL B 146 5.12 -26.48 -0.15
C VAL B 146 4.20 -25.35 -0.58
N PRO B 147 3.82 -24.45 0.36
CA PRO B 147 2.99 -23.31 0.02
C PRO B 147 3.67 -22.33 -0.92
N SER B 148 2.87 -21.68 -1.74
CA SER B 148 3.29 -20.64 -2.71
C SER B 148 2.21 -19.56 -2.71
N LEU B 149 2.09 -18.79 -3.79
CA LEU B 149 1.03 -17.76 -3.86
C LEU B 149 -0.33 -18.45 -4.03
N GLY B 150 -1.37 -17.67 -4.22
CA GLY B 150 -2.76 -18.15 -4.26
C GLY B 150 -3.39 -18.12 -5.64
N TYR B 151 -4.69 -18.33 -5.68
CA TYR B 151 -5.47 -18.34 -6.93
C TYR B 151 -6.87 -17.79 -6.64
N VAL B 152 -7.30 -16.84 -7.45
CA VAL B 152 -8.66 -16.26 -7.34
C VAL B 152 -9.52 -16.79 -8.48
N LYS B 153 -10.67 -17.35 -8.15
CA LYS B 153 -11.63 -17.84 -9.13
C LYS B 153 -12.88 -16.97 -9.03
N SER B 154 -13.36 -16.47 -10.15
CA SER B 154 -14.47 -15.51 -10.22
C SER B 154 -15.62 -16.07 -11.05
N ILE B 155 -16.78 -15.48 -10.88
CA ILE B 155 -17.99 -15.83 -11.66
C ILE B 155 -18.92 -14.62 -11.65
N GLU B 156 -19.80 -14.58 -12.63
CA GLU B 156 -20.89 -13.58 -12.70
C GLU B 156 -22.19 -14.32 -12.44
N PHE B 157 -22.96 -13.84 -11.48
CA PHE B 157 -24.19 -14.55 -11.06
C PHE B 157 -25.35 -13.56 -11.03
N ASN B 158 -26.54 -14.14 -10.99
CA ASN B 158 -27.82 -13.41 -10.89
C ASN B 158 -28.59 -13.97 -9.71
N PRO B 159 -29.52 -13.19 -9.12
CA PRO B 159 -30.36 -13.73 -8.05
C PRO B 159 -31.14 -14.96 -8.51
N GLY B 160 -30.96 -16.06 -7.78
CA GLY B 160 -31.60 -17.36 -8.07
C GLY B 160 -30.86 -18.18 -9.12
N GLU B 161 -29.72 -17.72 -9.61
CA GLU B 161 -28.92 -18.50 -10.59
C GLU B 161 -28.36 -19.76 -9.93
N LYS B 162 -28.48 -20.89 -10.62
CA LYS B 162 -27.98 -22.18 -10.09
C LYS B 162 -26.55 -22.37 -10.60
N ILE B 163 -25.59 -22.26 -9.69
CA ILE B 163 -24.16 -22.35 -10.07
C ILE B 163 -23.73 -23.81 -9.99
N ASN B 164 -22.83 -24.21 -10.87
CA ASN B 164 -22.33 -25.59 -10.90
C ASN B 164 -21.51 -25.87 -9.63
N LYS B 165 -21.66 -27.05 -9.06
CA LYS B 165 -20.89 -27.45 -7.85
C LYS B 165 -19.37 -27.45 -8.13
N ASP B 166 -18.95 -27.70 -9.37
CA ASP B 166 -17.51 -27.71 -9.71
C ASP B 166 -16.88 -26.35 -9.46
N PHE B 167 -17.64 -25.27 -9.62
CA PHE B 167 -17.13 -23.90 -9.36
C PHE B 167 -16.79 -23.74 -7.88
N TYR B 168 -17.61 -24.29 -7.00
CA TYR B 168 -17.42 -24.14 -5.54
C TYR B 168 -16.47 -25.20 -5.01
N PHE B 169 -16.67 -26.46 -5.39
CA PHE B 169 -16.10 -27.62 -4.65
C PHE B 169 -15.13 -28.37 -5.56
N LEU B 170 -13.99 -28.74 -5.00
CA LEU B 170 -12.98 -29.57 -5.70
C LEU B 170 -12.94 -30.91 -4.98
N THR B 171 -13.04 -32.01 -5.72
CA THR B 171 -13.05 -33.35 -5.11
C THR B 171 -11.63 -33.90 -4.98
N ASN B 172 -10.81 -33.73 -6.01
CA ASN B 172 -9.44 -34.28 -6.02
C ASN B 172 -8.44 -33.18 -6.34
N ASP B 173 -7.24 -33.32 -5.85
CA ASP B 173 -6.17 -32.32 -6.09
C ASP B 173 -5.87 -32.23 -7.59
N LYS B 174 -5.63 -31.02 -8.07
CA LYS B 174 -5.31 -30.79 -9.49
C LYS B 174 -4.36 -29.62 -9.62
N CYS B 175 -3.74 -29.52 -10.79
CA CYS B 175 -2.84 -28.40 -11.15
C CYS B 175 -3.60 -27.45 -12.06
N ILE B 176 -3.76 -26.21 -11.62
CA ILE B 176 -4.41 -25.16 -12.47
C ILE B 176 -3.52 -24.86 -13.67
N LEU B 177 -2.22 -25.03 -13.53
CA LEU B 177 -1.28 -24.91 -14.68
C LEU B 177 -1.14 -26.29 -15.34
N ASN B 178 -0.17 -26.43 -16.23
CA ASN B 178 0.16 -27.75 -16.82
C ASN B 178 1.19 -28.42 -15.92
N GLU B 179 0.96 -29.69 -15.60
CA GLU B 179 1.89 -30.45 -14.73
C GLU B 179 3.22 -30.70 -15.43
N GLN B 180 4.25 -30.89 -14.61
CA GLN B 180 5.60 -31.26 -15.08
C GLN B 180 6.12 -32.44 -14.26
N PHE B 181 7.17 -33.07 -14.75
CA PHE B 181 7.80 -34.23 -14.09
C PHE B 181 9.30 -34.05 -14.14
N LEU B 182 9.85 -33.39 -13.13
CA LEU B 182 11.30 -33.18 -13.00
C LEU B 182 11.84 -34.17 -11.97
N TYR B 183 12.67 -35.10 -12.42
CA TYR B 183 13.18 -36.18 -11.56
C TYR B 183 14.70 -36.08 -11.44
N LYS B 184 15.19 -36.51 -10.29
CA LYS B 184 16.62 -36.80 -10.09
C LYS B 184 16.75 -38.03 -9.20
N LYS B 185 17.61 -38.95 -9.60
CA LYS B 185 17.86 -40.17 -8.79
C LYS B 185 18.55 -39.80 -7.49
N ILE B 186 18.05 -40.35 -6.40
CA ILE B 186 18.57 -40.06 -5.04
C ILE B 186 19.53 -41.17 -4.71
N LEU B 187 20.75 -40.81 -4.33
CA LEU B 187 21.80 -41.80 -3.93
C LEU B 187 22.05 -41.66 -2.43
N ARG B 208 40.35 -15.44 -25.52
CA ARG B 208 40.12 -13.98 -25.35
C ARG B 208 41.37 -13.32 -24.75
N VAL B 209 41.81 -12.21 -25.33
CA VAL B 209 43.04 -11.52 -24.88
C VAL B 209 42.64 -10.34 -24.00
N LEU B 210 42.96 -10.41 -22.73
CA LEU B 210 42.70 -9.27 -21.81
C LEU B 210 43.98 -8.46 -21.70
N PRO B 211 43.98 -7.18 -22.14
CA PRO B 211 45.16 -6.32 -22.03
C PRO B 211 45.20 -5.59 -20.67
N TYR B 212 45.02 -6.33 -19.59
CA TYR B 212 44.95 -5.76 -18.24
C TYR B 212 46.35 -5.65 -17.65
N SER B 213 46.48 -4.78 -16.66
CA SER B 213 47.69 -4.68 -15.82
C SER B 213 47.55 -5.64 -14.65
N ASN B 214 48.68 -6.01 -14.07
CA ASN B 214 48.67 -6.94 -12.93
C ASN B 214 48.04 -6.27 -11.73
N GLY B 215 47.10 -6.98 -11.10
CA GLY B 215 46.41 -6.48 -9.91
C GLY B 215 45.02 -7.02 -9.83
N LEU B 216 44.21 -6.41 -8.97
CA LEU B 216 42.87 -6.93 -8.66
C LEU B 216 41.84 -6.18 -9.48
N TYR B 217 40.79 -6.88 -9.89
CA TYR B 217 39.67 -6.28 -10.64
C TYR B 217 38.36 -6.80 -10.07
N VAL B 218 37.36 -5.92 -10.04
CA VAL B 218 35.96 -6.33 -9.75
C VAL B 218 35.14 -6.06 -11.00
N ILE B 219 34.51 -7.10 -11.53
CA ILE B 219 33.79 -7.04 -12.82
C ILE B 219 32.32 -7.25 -12.56
N ASN B 220 31.51 -6.26 -12.94
CA ASN B 220 30.04 -6.39 -12.95
C ASN B 220 29.67 -7.16 -14.22
N LYS B 221 29.26 -8.39 -14.08
CA LYS B 221 28.94 -9.25 -15.24
C LYS B 221 27.46 -9.18 -15.61
N GLY B 222 26.66 -8.40 -14.90
CA GLY B 222 25.25 -8.24 -15.26
C GLY B 222 24.31 -8.50 -14.11
N ASP B 223 23.02 -8.24 -14.38
CA ASP B 223 21.94 -8.38 -13.41
C ASP B 223 20.92 -9.38 -13.95
N GLY B 224 19.98 -9.77 -13.10
CA GLY B 224 18.94 -10.71 -13.51
C GLY B 224 19.40 -12.16 -13.50
N TYR B 225 20.50 -12.49 -12.82
CA TYR B 225 20.95 -13.90 -12.72
C TYR B 225 19.98 -14.69 -11.85
N ILE B 226 19.67 -15.90 -12.28
CA ILE B 226 18.82 -16.83 -11.50
C ILE B 226 19.56 -18.17 -11.40
N ARG B 227 18.92 -19.12 -10.75
CA ARG B 227 19.47 -20.49 -10.61
C ARG B 227 18.55 -21.49 -11.29
N THR B 228 19.14 -22.57 -11.75
CA THR B 228 18.42 -23.62 -12.50
C THR B 228 17.45 -24.35 -11.58
N ASN B 229 16.55 -25.12 -12.17
CA ASN B 229 15.62 -26.01 -11.43
C ASN B 229 14.75 -25.18 -10.48
N ASP B 230 14.40 -23.95 -10.85
CA ASP B 230 13.44 -23.11 -10.09
C ASP B 230 13.92 -22.94 -8.65
N LYS B 231 15.22 -22.81 -8.45
CA LYS B 231 15.77 -22.64 -7.07
C LYS B 231 15.53 -21.23 -6.56
N ASP B 232 15.10 -20.30 -7.41
CA ASP B 232 14.86 -18.89 -7.02
C ASP B 232 13.43 -18.47 -7.30
N LEU B 233 12.57 -19.40 -7.71
CA LEU B 233 11.20 -19.04 -8.14
C LEU B 233 10.41 -18.59 -6.93
N ILE B 234 9.93 -17.36 -6.94
CA ILE B 234 9.02 -16.87 -5.89
C ILE B 234 7.69 -17.60 -6.02
N GLY B 235 7.15 -17.67 -7.23
CA GLY B 235 5.92 -18.44 -7.49
C GLY B 235 5.26 -18.02 -8.77
N THR B 236 4.20 -18.73 -9.11
CA THR B 236 3.45 -18.53 -10.36
C THR B 236 2.03 -18.07 -10.05
N LEU B 237 1.56 -17.06 -10.77
CA LEU B 237 0.18 -16.56 -10.67
C LEU B 237 -0.55 -16.88 -11.97
N LEU B 238 -1.67 -17.60 -11.85
CA LEU B 238 -2.61 -17.81 -12.97
C LEU B 238 -3.66 -16.71 -12.92
N ILE B 239 -3.65 -15.85 -13.92
CA ILE B 239 -4.58 -14.69 -14.02
C ILE B 239 -5.62 -15.05 -15.07
N GLU B 240 -6.87 -15.06 -14.66
CA GLU B 240 -7.99 -15.29 -15.60
C GLU B 240 -8.18 -14.07 -16.49
N ALA B 241 -8.82 -14.28 -17.63
CA ALA B 241 -9.03 -13.22 -18.64
C ALA B 241 -9.82 -12.07 -18.03
N GLY B 242 -9.35 -10.85 -18.24
CA GLY B 242 -10.05 -9.64 -17.77
C GLY B 242 -9.75 -9.28 -16.34
N SER B 243 -8.87 -10.01 -15.66
CA SER B 243 -8.48 -9.71 -14.25
C SER B 243 -7.01 -9.31 -14.21
N SER B 244 -6.56 -8.90 -13.03
CA SER B 244 -5.18 -8.49 -12.77
C SER B 244 -4.61 -9.33 -11.64
N GLY B 245 -3.30 -9.61 -11.74
CA GLY B 245 -2.57 -10.33 -10.70
C GLY B 245 -1.23 -9.69 -10.42
N SER B 246 -0.84 -9.62 -9.16
CA SER B 246 0.39 -8.95 -8.72
C SER B 246 1.14 -9.83 -7.74
N ILE B 247 2.44 -9.93 -7.92
CA ILE B 247 3.36 -10.57 -6.93
C ILE B 247 4.17 -9.45 -6.28
N ILE B 248 4.08 -9.36 -4.97
CA ILE B 248 4.67 -8.23 -4.21
C ILE B 248 5.80 -8.78 -3.34
N GLN B 249 6.93 -8.10 -3.35
CA GLN B 249 8.04 -8.36 -2.41
C GLN B 249 8.20 -7.13 -1.54
N PRO B 250 7.43 -6.99 -0.45
CA PRO B 250 7.66 -5.90 0.49
C PRO B 250 8.90 -6.21 1.35
N ARG B 251 9.31 -5.25 2.14
CA ARG B 251 10.43 -5.44 3.08
C ARG B 251 9.85 -5.42 4.48
N LEU B 252 9.26 -6.53 4.89
CA LEU B 252 8.86 -6.79 6.29
C LEU B 252 10.03 -7.47 6.99
N ARG B 253 10.76 -8.33 6.30
CA ARG B 253 12.10 -8.81 6.70
C ARG B 253 13.08 -8.34 5.64
N ASN B 254 14.12 -7.63 6.07
CA ASN B 254 15.14 -7.07 5.16
C ASN B 254 16.22 -8.11 4.84
N THR B 255 16.17 -9.30 5.41
CA THR B 255 17.25 -10.29 5.19
C THR B 255 17.25 -10.72 3.73
N THR B 256 18.44 -10.73 3.13
CA THR B 256 18.69 -11.31 1.80
C THR B 256 19.82 -12.31 1.90
N ARG B 257 19.96 -13.16 0.90
CA ARG B 257 20.85 -14.34 0.96
C ARG B 257 21.78 -14.32 -0.25
N PRO B 258 22.91 -13.58 -0.18
CA PRO B 258 23.90 -13.65 -1.23
C PRO B 258 24.56 -15.02 -1.35
N LEU B 259 24.97 -15.35 -2.57
CA LEU B 259 25.69 -16.61 -2.86
C LEU B 259 27.11 -16.26 -3.26
N PHE B 260 28.06 -17.01 -2.74
CA PHE B 260 29.50 -16.73 -2.90
C PHE B 260 30.25 -18.01 -3.23
N THR B 261 31.23 -17.90 -4.11
CA THR B 261 32.09 -19.03 -4.51
C THR B 261 33.48 -18.49 -4.80
N THR B 262 34.50 -19.20 -4.37
CA THR B 262 35.90 -18.76 -4.53
C THR B 262 36.77 -19.94 -4.91
N SER B 263 37.93 -19.63 -5.48
CA SER B 263 38.94 -20.66 -5.87
C SER B 263 40.08 -20.71 -4.86
N ASN B 264 40.20 -19.70 -3.99
CA ASN B 264 41.28 -19.66 -2.98
C ASN B 264 40.72 -18.92 -1.77
N ASP B 265 40.21 -19.67 -0.80
CA ASP B 265 39.57 -19.08 0.39
C ASP B 265 40.62 -18.42 1.29
N ALA B 266 41.89 -18.81 1.19
CA ALA B 266 42.96 -18.20 2.00
C ALA B 266 43.07 -16.71 1.66
N LYS B 267 43.05 -16.36 0.38
CA LYS B 267 43.18 -14.94 -0.06
C LYS B 267 41.78 -14.36 -0.30
N PHE B 268 41.01 -14.97 -1.19
CA PHE B 268 39.68 -14.45 -1.58
C PHE B 268 38.62 -15.11 -0.72
N SER B 269 38.47 -14.61 0.49
CA SER B 269 37.38 -15.01 1.41
C SER B 269 36.11 -14.23 1.05
N GLN B 270 35.03 -14.48 1.77
CA GLN B 270 33.77 -13.75 1.53
C GLN B 270 33.92 -12.29 2.01
N GLN B 271 34.50 -12.08 3.18
CA GLN B 271 34.71 -10.72 3.73
C GLN B 271 35.67 -9.94 2.81
N TYR B 272 36.72 -10.60 2.34
CA TYR B 272 37.70 -9.94 1.42
C TYR B 272 36.97 -9.51 0.15
N THR B 273 36.12 -10.37 -0.39
CA THR B 273 35.35 -10.06 -1.61
C THR B 273 34.41 -8.88 -1.34
N GLU B 274 33.75 -8.87 -0.21
CA GLU B 274 32.82 -7.75 0.12
C GLU B 274 33.61 -6.44 0.28
N GLU B 275 34.78 -6.49 0.89
CA GLU B 275 35.63 -5.29 1.02
C GLU B 275 36.05 -4.79 -0.37
N ARG B 276 36.42 -5.69 -1.28
CA ARG B 276 36.82 -5.28 -2.64
C ARG B 276 35.61 -4.74 -3.40
N LEU B 277 34.42 -5.31 -3.19
CA LEU B 277 33.18 -4.77 -3.81
C LEU B 277 32.93 -3.35 -3.29
N LYS B 278 33.15 -3.12 -2.00
CA LYS B 278 33.03 -1.77 -1.41
C LYS B 278 34.04 -0.83 -2.06
N ASP B 279 35.26 -1.31 -2.28
CA ASP B 279 36.32 -0.48 -2.90
C ASP B 279 35.89 -0.10 -4.31
N ALA B 280 35.34 -1.04 -5.07
CA ALA B 280 35.06 -0.85 -6.51
C ALA B 280 33.77 -0.05 -6.70
N PHE B 281 32.64 -0.59 -6.28
CA PHE B 281 31.31 -0.04 -6.62
C PHE B 281 30.63 0.53 -5.37
N ASN B 282 31.31 0.59 -4.23
CA ASN B 282 30.74 1.17 -2.98
C ASN B 282 29.47 0.40 -2.55
N VAL B 283 29.45 -0.90 -2.71
CA VAL B 283 28.29 -1.72 -2.29
C VAL B 283 28.30 -1.79 -0.76
N GLN B 284 27.28 -1.24 -0.11
CA GLN B 284 27.30 -1.05 1.35
C GLN B 284 26.48 -2.14 2.08
N LEU B 285 25.33 -2.51 1.54
CA LEU B 285 24.40 -3.42 2.24
C LEU B 285 24.44 -4.79 1.56
N PHE B 286 25.18 -5.70 2.13
CA PHE B 286 25.11 -7.13 1.75
C PHE B 286 24.10 -7.77 2.72
N ASN B 287 23.53 -8.86 2.28
CA ASN B 287 22.60 -9.72 3.05
C ASN B 287 21.51 -8.87 3.70
N THR B 288 21.23 -7.69 3.17
CA THR B 288 20.18 -6.80 3.72
C THR B 288 19.79 -5.81 2.63
N SER B 289 18.50 -5.66 2.39
CA SER B 289 17.96 -4.76 1.35
C SER B 289 16.75 -4.02 1.88
N THR B 290 16.51 -2.81 1.38
CA THR B 290 15.30 -2.01 1.72
C THR B 290 14.42 -1.80 0.50
N SER B 291 14.97 -1.94 -0.71
CA SER B 291 14.26 -1.72 -1.99
C SER B 291 13.06 -2.66 -2.10
N LEU B 292 11.94 -2.16 -2.62
CA LEU B 292 10.72 -2.98 -2.84
C LEU B 292 10.51 -3.15 -4.33
N PHE B 293 10.29 -4.37 -4.80
CA PHE B 293 9.97 -4.63 -6.22
C PHE B 293 8.64 -5.36 -6.32
N LYS B 294 7.93 -5.10 -7.39
CA LYS B 294 6.55 -5.63 -7.57
C LYS B 294 6.25 -5.78 -9.05
N PHE B 295 5.68 -6.92 -9.42
CA PHE B 295 5.30 -7.23 -10.82
C PHE B 295 3.77 -7.35 -10.87
N VAL B 296 3.19 -6.63 -11.81
CA VAL B 296 1.73 -6.61 -12.04
C VAL B 296 1.48 -6.92 -13.51
N GLU B 297 0.57 -7.86 -13.76
CA GLU B 297 0.16 -8.20 -15.14
C GLU B 297 -1.36 -8.23 -15.20
N GLU B 298 -1.91 -7.59 -16.22
CA GLU B 298 -3.35 -7.57 -16.50
C GLU B 298 -3.61 -8.51 -17.66
N ALA B 299 -4.49 -9.47 -17.48
CA ALA B 299 -4.74 -10.50 -18.51
C ALA B 299 -5.67 -9.92 -19.56
N PRO B 300 -5.41 -10.14 -20.86
CA PRO B 300 -6.36 -9.78 -21.90
C PRO B 300 -7.66 -10.58 -21.75
N SER B 301 -8.76 -10.00 -22.20
CA SER B 301 -10.11 -10.62 -22.11
C SER B 301 -10.23 -11.86 -23.01
N ASN B 302 -9.19 -12.21 -23.77
CA ASN B 302 -9.21 -13.36 -24.71
C ASN B 302 -8.39 -14.54 -24.18
N LYS B 303 -7.34 -14.26 -23.40
CA LYS B 303 -6.37 -15.29 -23.00
C LYS B 303 -6.25 -15.36 -21.49
N ASN B 304 -5.96 -16.54 -20.97
CA ASN B 304 -5.45 -16.70 -19.59
C ASN B 304 -3.94 -16.47 -19.57
N ILE B 305 -3.47 -15.79 -18.54
CA ILE B 305 -2.04 -15.41 -18.46
C ILE B 305 -1.45 -15.97 -17.17
N CYS B 306 -0.26 -16.54 -17.30
CA CYS B 306 0.56 -17.00 -16.16
C CYS B 306 1.81 -16.13 -16.07
N ILE B 307 2.15 -15.76 -14.85
CA ILE B 307 3.37 -14.96 -14.58
C ILE B 307 4.21 -15.71 -13.57
N LYS B 308 5.52 -15.76 -13.82
CA LYS B 308 6.50 -16.38 -12.90
C LYS B 308 7.43 -15.28 -12.39
N ALA B 309 7.57 -15.21 -11.08
CA ALA B 309 8.49 -14.26 -10.41
C ALA B 309 9.68 -15.02 -9.82
N TYR B 310 10.86 -14.45 -9.95
CA TYR B 310 12.10 -15.05 -9.45
C TYR B 310 12.84 -14.03 -8.57
N ASN B 311 13.73 -14.56 -7.75
CA ASN B 311 14.73 -13.76 -7.02
C ASN B 311 15.98 -13.70 -7.89
N THR B 312 16.53 -12.52 -8.06
CA THR B 312 17.69 -12.34 -8.97
C THR B 312 18.93 -11.98 -8.18
N TYR B 313 20.07 -12.22 -8.82
CA TYR B 313 21.38 -11.85 -8.24
C TYR B 313 22.16 -11.06 -9.28
N GLU B 314 23.02 -10.19 -8.78
CA GLU B 314 23.93 -9.37 -9.61
C GLU B 314 25.32 -10.00 -9.50
N LYS B 315 25.81 -10.56 -10.60
CA LYS B 315 27.07 -11.32 -10.59
C LYS B 315 28.25 -10.36 -10.50
N TYR B 316 29.14 -10.62 -9.56
CA TYR B 316 30.43 -9.88 -9.43
C TYR B 316 31.56 -10.90 -9.44
N GLU B 317 32.65 -10.55 -10.10
CA GLU B 317 33.85 -11.39 -10.15
C GLU B 317 35.04 -10.58 -9.62
N LEU B 318 35.74 -11.14 -8.65
CA LEU B 318 37.02 -10.59 -8.16
C LEU B 318 38.13 -11.48 -8.70
N ILE B 319 38.96 -10.89 -9.55
CA ILE B 319 40.05 -11.66 -10.21
C ILE B 319 41.40 -11.08 -9.81
N ASP B 320 42.42 -11.92 -9.90
CA ASP B 320 43.82 -11.50 -9.69
C ASP B 320 44.57 -11.80 -10.98
N TYR B 321 44.53 -10.85 -11.90
CA TYR B 321 45.17 -10.99 -13.22
C TYR B 321 46.67 -10.76 -13.05
N GLN B 322 47.47 -11.77 -13.34
CA GLN B 322 48.95 -11.69 -13.16
C GLN B 322 49.65 -12.27 -14.37
N ASN B 323 50.52 -11.48 -15.00
CA ASN B 323 51.39 -11.88 -16.12
C ASN B 323 50.55 -12.46 -17.27
N GLY B 324 49.31 -11.99 -17.42
CA GLY B 324 48.48 -12.38 -18.57
C GLY B 324 47.48 -13.48 -18.27
N SER B 325 47.51 -14.09 -17.09
CA SER B 325 46.60 -15.20 -16.74
C SER B 325 45.87 -14.90 -15.45
N ILE B 326 44.65 -15.42 -15.32
CA ILE B 326 43.86 -15.28 -14.07
C ILE B 326 44.40 -16.29 -13.05
N VAL B 327 44.82 -15.79 -11.90
CA VAL B 327 45.43 -16.62 -10.85
C VAL B 327 44.39 -16.92 -9.78
N ASN B 328 43.57 -15.93 -9.43
CA ASN B 328 42.53 -16.09 -8.39
C ASN B 328 41.20 -15.62 -8.96
N LYS B 329 40.12 -16.20 -8.46
CA LYS B 329 38.77 -15.77 -8.87
C LYS B 329 37.78 -16.05 -7.75
N ALA B 330 37.01 -15.05 -7.38
CA ALA B 330 35.91 -15.16 -6.41
C ALA B 330 34.65 -14.59 -7.06
N GLU B 331 33.59 -15.40 -7.11
CA GLU B 331 32.30 -15.00 -7.72
C GLU B 331 31.33 -14.64 -6.62
N TYR B 332 30.81 -13.42 -6.66
CA TYR B 332 29.85 -12.92 -5.66
C TYR B 332 28.55 -12.58 -6.37
N TYR B 333 27.46 -13.13 -5.88
CA TYR B 333 26.11 -12.92 -6.47
C TYR B 333 25.30 -12.09 -5.49
N LEU B 334 25.39 -10.77 -5.61
CA LEU B 334 24.61 -9.86 -4.74
C LEU B 334 23.15 -9.97 -5.14
N PRO B 335 22.25 -10.22 -4.17
CA PRO B 335 20.82 -10.31 -4.48
C PRO B 335 20.25 -9.00 -5.03
N SER B 336 19.52 -9.14 -6.14
CA SER B 336 18.96 -7.98 -6.87
C SER B 336 17.44 -7.94 -6.77
N LEU B 337 16.83 -7.02 -7.50
CA LEU B 337 15.36 -6.97 -7.59
C LEU B 337 15.00 -8.03 -8.61
N GLY B 338 13.76 -8.49 -8.58
CA GLY B 338 13.40 -9.77 -9.23
C GLY B 338 13.33 -9.73 -10.76
N TYR B 339 12.91 -10.86 -11.30
CA TYR B 339 12.66 -11.05 -12.75
C TYR B 339 11.33 -11.73 -12.95
N CYS B 340 10.52 -11.13 -13.80
CA CYS B 340 9.16 -11.60 -14.09
C CYS B 340 9.12 -12.13 -15.51
N GLU B 341 8.60 -13.34 -15.67
CA GLU B 341 8.40 -13.96 -16.99
C GLU B 341 6.88 -14.07 -17.22
N VAL B 342 6.44 -13.54 -18.35
CA VAL B 342 5.02 -13.50 -18.74
C VAL B 342 4.84 -14.42 -19.93
N THR B 343 3.91 -15.34 -19.82
CA THR B 343 3.58 -16.28 -20.91
C THR B 343 2.09 -16.58 -20.87
N ASN B 344 1.56 -16.96 -22.02
CA ASN B 344 0.15 -17.39 -22.14
C ASN B 344 -0.01 -18.70 -21.39
N ALA B 345 -1.10 -18.81 -20.64
CA ALA B 345 -1.40 -20.02 -19.84
C ALA B 345 -1.70 -21.17 -20.81
N PRO B 346 -0.94 -22.28 -20.74
CA PRO B 346 -1.26 -23.44 -21.57
C PRO B 346 -2.46 -24.21 -20.98
N SER B 347 -3.03 -25.09 -21.79
CA SER B 347 -4.14 -25.97 -21.33
C SER B 347 -3.62 -26.83 -20.19
N PRO B 348 -4.31 -26.88 -19.02
CA PRO B 348 -3.83 -27.64 -17.88
C PRO B 348 -3.72 -29.14 -18.21
N GLU B 349 -4.02 -29.51 -19.45
CA GLU B 349 -4.01 -30.92 -19.87
C GLU B 349 -3.17 -31.10 -21.13
N SER B 350 -1.88 -31.41 -20.99
CA SER B 350 -1.06 -31.81 -22.16
C SER B 350 -0.12 -32.93 -21.72
N GLU B 351 0.53 -33.58 -22.69
CA GLU B 351 1.51 -34.68 -22.45
C GLU B 351 2.54 -34.29 -21.39
N VAL B 352 2.63 -35.06 -20.31
CA VAL B 352 3.54 -34.73 -19.20
C VAL B 352 4.85 -35.47 -19.45
N VAL B 353 5.74 -34.81 -20.17
CA VAL B 353 7.03 -35.44 -20.58
C VAL B 353 7.95 -35.46 -19.37
N LYS B 354 8.29 -36.65 -18.90
CA LYS B 354 9.16 -36.79 -17.70
C LYS B 354 10.56 -36.27 -18.04
N THR B 355 11.06 -35.35 -17.22
CA THR B 355 12.30 -34.61 -17.51
C THR B 355 13.29 -34.74 -16.37
N GLN B 356 14.56 -34.78 -16.71
CA GLN B 356 15.64 -34.79 -15.70
C GLN B 356 15.94 -33.35 -15.34
N VAL B 357 16.23 -33.12 -14.06
CA VAL B 357 16.56 -31.77 -13.56
C VAL B 357 17.89 -31.35 -14.18
N ALA B 358 18.00 -30.08 -14.54
CA ALA B 358 19.23 -29.53 -15.13
C ALA B 358 20.33 -29.49 -14.07
N GLU B 359 21.57 -29.49 -14.54
CA GLU B 359 22.76 -29.32 -13.65
C GLU B 359 22.71 -27.94 -12.98
N ASP B 360 23.17 -27.89 -11.74
CA ASP B 360 23.16 -26.63 -10.95
C ASP B 360 24.03 -25.59 -11.68
N GLY B 361 23.50 -24.38 -11.79
CA GLY B 361 24.17 -23.29 -12.52
C GLY B 361 23.37 -22.02 -12.46
N PHE B 362 23.75 -21.06 -13.31
CA PHE B 362 23.11 -19.73 -13.34
C PHE B 362 22.66 -19.42 -14.76
N ILE B 363 21.59 -18.65 -14.86
CA ILE B 363 21.07 -18.13 -16.14
C ILE B 363 20.97 -16.61 -15.99
N GLN B 364 21.44 -15.86 -16.96
CA GLN B 364 21.28 -14.40 -16.99
C GLN B 364 20.05 -14.05 -17.85
N ASN B 365 19.07 -13.41 -17.23
CA ASN B 365 17.88 -12.90 -17.93
C ASN B 365 17.95 -11.39 -18.14
N GLY B 366 18.93 -10.71 -17.58
CA GLY B 366 19.12 -9.27 -17.77
C GLY B 366 19.97 -8.99 -19.00
N PRO B 367 20.27 -7.72 -19.30
CA PRO B 367 21.12 -7.40 -20.44
C PRO B 367 22.59 -7.74 -20.21
N GLU B 368 23.35 -7.79 -21.29
CA GLU B 368 24.81 -8.05 -21.23
C GLU B 368 25.52 -6.86 -20.59
N GLU B 369 26.43 -7.15 -19.67
CA GLU B 369 27.20 -6.08 -19.00
C GLU B 369 28.59 -6.60 -18.66
N GLU B 370 29.58 -5.74 -18.79
CA GLU B 370 30.94 -6.03 -18.30
C GLU B 370 31.61 -4.69 -17.97
N ILE B 371 31.60 -4.35 -16.69
CA ILE B 371 32.28 -3.13 -16.18
C ILE B 371 33.49 -3.63 -15.38
N VAL B 372 34.67 -3.23 -15.82
CA VAL B 372 35.95 -3.63 -15.19
C VAL B 372 36.47 -2.44 -14.39
N VAL B 373 36.60 -2.62 -13.09
CA VAL B 373 37.11 -1.56 -12.20
C VAL B 373 38.28 -2.11 -11.42
N GLY B 374 39.48 -1.62 -11.71
CA GLY B 374 40.68 -1.97 -10.95
C GLY B 374 40.59 -1.42 -9.54
N VAL B 375 41.06 -2.19 -8.57
CA VAL B 375 41.01 -1.78 -7.16
C VAL B 375 42.42 -1.76 -6.59
N ILE B 376 42.61 -0.91 -5.60
CA ILE B 376 43.92 -0.79 -4.91
C ILE B 376 44.14 -2.07 -4.13
N ASP B 377 45.36 -2.60 -4.25
CA ASP B 377 45.79 -3.79 -3.48
C ASP B 377 45.74 -3.45 -2.00
N PRO B 378 44.96 -4.16 -1.17
CA PRO B 378 44.89 -3.85 0.25
C PRO B 378 46.15 -4.27 1.02
N SER B 379 46.99 -5.11 0.43
CA SER B 379 48.22 -5.62 1.08
C SER B 379 49.43 -4.78 0.70
N GLU B 380 49.24 -3.50 0.34
CA GLU B 380 50.36 -2.63 -0.06
C GLU B 380 50.19 -1.27 0.58
N ASN B 381 51.31 -0.59 0.79
CA ASN B 381 51.34 0.70 1.49
C ASN B 381 50.91 1.81 0.53
N ILE B 382 50.16 2.77 1.03
CA ILE B 382 49.74 3.97 0.27
C ILE B 382 50.45 5.17 0.89
N GLN B 383 51.48 5.65 0.22
CA GLN B 383 52.13 6.93 0.59
C GLN B 383 51.40 8.09 -0.07
N GLU B 384 51.66 9.29 0.42
CA GLU B 384 50.94 10.49 -0.07
C GLU B 384 51.91 11.65 -0.27
N ILE B 385 51.61 12.49 -1.24
CA ILE B 385 52.33 13.77 -1.46
C ILE B 385 51.31 14.88 -1.23
N ASN B 386 51.37 15.50 -0.05
CA ASN B 386 50.29 16.40 0.41
C ASN B 386 50.28 17.69 -0.41
N THR B 387 51.43 18.22 -0.77
CA THR B 387 51.51 19.46 -1.56
C THR B 387 51.43 19.10 -3.05
N ALA B 388 50.48 19.70 -3.76
CA ALA B 388 50.23 19.39 -5.19
C ALA B 388 51.47 19.74 -6.01
N ILE B 389 51.77 18.93 -7.00
CA ILE B 389 52.94 19.14 -7.88
C ILE B 389 52.64 20.30 -8.80
N SER B 390 53.53 21.27 -8.86
CA SER B 390 53.37 22.47 -9.73
C SER B 390 54.13 22.26 -11.05
N ASP B 391 55.45 22.21 -10.98
CA ASP B 391 56.30 22.04 -12.19
C ASP B 391 57.39 21.01 -11.94
N ASN B 392 57.85 20.87 -10.70
CA ASN B 392 58.98 20.00 -10.36
C ASN B 392 58.75 19.45 -8.96
N TYR B 393 58.73 18.14 -8.85
CA TYR B 393 58.78 17.46 -7.54
C TYR B 393 59.82 16.35 -7.62
N THR B 394 60.29 15.92 -6.47
CA THR B 394 61.33 14.89 -6.37
C THR B 394 61.01 14.15 -5.10
N TYR B 395 60.22 13.10 -5.20
CA TYR B 395 59.84 12.32 -4.00
C TYR B 395 61.04 11.45 -3.63
N ASN B 396 61.34 11.38 -2.34
CA ASN B 396 62.39 10.47 -1.80
C ASN B 396 61.70 9.22 -1.23
N ILE B 397 62.03 8.06 -1.77
CA ILE B 397 61.41 6.79 -1.32
C ILE B 397 61.99 6.46 0.05
N PRO B 398 61.13 6.31 1.09
CA PRO B 398 61.60 6.00 2.45
C PRO B 398 62.26 4.62 2.58
N ILE B 400 60.35 2.72 5.71
CA ILE B 400 59.01 2.18 6.12
C ILE B 400 58.47 1.26 5.02
N VAL B 401 58.90 1.50 3.78
CA VAL B 401 58.44 0.71 2.61
C VAL B 401 59.41 -0.44 2.31
N ASN B 402 60.68 -0.33 2.69
CA ASN B 402 61.71 -1.37 2.42
C ASN B 402 61.73 -1.66 0.91
N ASN B 403 61.66 -2.93 0.52
CA ASN B 403 61.62 -3.33 -0.91
C ASN B 403 60.18 -3.62 -1.37
N ASN B 404 59.19 -3.50 -0.51
CA ASN B 404 57.80 -3.86 -0.86
C ASN B 404 57.24 -2.86 -1.85
N PRO B 405 56.41 -3.32 -2.82
CA PRO B 405 55.72 -2.38 -3.70
C PRO B 405 54.70 -1.54 -2.93
N PHE B 406 54.49 -0.32 -3.38
CA PHE B 406 53.61 0.64 -2.69
C PHE B 406 53.09 1.68 -3.69
N TYR B 407 52.08 2.40 -3.26
CA TYR B 407 51.41 3.44 -4.06
C TYR B 407 51.85 4.82 -3.58
N ILE B 408 51.80 5.79 -4.49
CA ILE B 408 52.07 7.21 -4.18
C ILE B 408 50.86 8.00 -4.62
N LEU B 409 50.01 8.40 -3.66
CA LEU B 409 48.83 9.22 -3.98
C LEU B 409 49.25 10.67 -4.05
N PHE B 410 48.89 11.35 -5.13
CA PHE B 410 49.31 12.74 -5.35
C PHE B 410 48.36 13.39 -6.34
N THR B 411 48.57 14.69 -6.56
CA THR B 411 47.82 15.50 -7.53
C THR B 411 48.71 16.63 -8.03
N VAL B 412 48.31 17.22 -9.13
CA VAL B 412 49.09 18.32 -9.76
C VAL B 412 48.38 19.64 -9.49
N ASN B 413 49.11 20.73 -9.64
CA ASN B 413 48.58 22.08 -9.38
C ASN B 413 47.67 22.49 -10.54
N THR B 414 48.06 22.18 -11.76
CA THR B 414 47.27 22.55 -12.96
C THR B 414 47.45 21.48 -14.02
N THR B 415 46.48 21.39 -14.92
CA THR B 415 46.46 20.37 -15.99
C THR B 415 47.69 20.56 -16.89
N GLY B 416 48.36 19.45 -17.21
CA GLY B 416 49.54 19.49 -18.07
C GLY B 416 50.08 18.10 -18.31
N ILE B 417 51.07 18.01 -19.17
CA ILE B 417 51.74 16.73 -19.53
C ILE B 417 52.99 16.63 -18.67
N TYR B 418 53.05 15.60 -17.83
CA TYR B 418 54.16 15.38 -16.89
C TYR B 418 54.94 14.14 -17.28
N LYS B 419 56.25 14.26 -17.31
CA LYS B 419 57.17 13.11 -17.49
C LYS B 419 57.59 12.61 -16.12
N ILE B 420 57.23 11.36 -15.80
CA ILE B 420 57.49 10.77 -14.48
C ILE B 420 58.51 9.66 -14.65
N ASN B 421 59.66 9.79 -14.01
CA ASN B 421 60.73 8.77 -14.08
C ASN B 421 61.24 8.45 -12.67
N ALA B 422 62.20 7.53 -12.57
CA ALA B 422 62.75 7.12 -11.28
C ALA B 422 64.24 6.87 -11.43
N GLN B 423 65.05 7.85 -11.03
CA GLN B 423 66.53 7.76 -11.08
C GLN B 423 66.94 7.35 -12.51
N ASN B 424 67.57 6.20 -12.66
CA ASN B 424 68.09 5.79 -14.00
C ASN B 424 67.03 4.93 -14.68
N ASN B 425 65.76 5.28 -14.48
CA ASN B 425 64.61 4.61 -15.14
C ASN B 425 64.51 3.12 -14.76
N LEU B 426 65.23 2.67 -13.74
CA LEU B 426 65.29 1.21 -13.45
C LEU B 426 63.94 0.71 -12.95
N PRO B 427 63.32 1.27 -11.88
CA PRO B 427 61.99 0.82 -11.50
C PRO B 427 60.93 1.42 -12.44
N SER B 428 60.31 0.56 -13.25
CA SER B 428 59.27 0.98 -14.21
C SER B 428 57.99 1.26 -13.43
N LEU B 429 57.59 2.52 -13.35
CA LEU B 429 56.39 2.91 -12.58
C LEU B 429 55.12 2.67 -13.42
N LYS B 430 53.98 2.65 -12.77
CA LYS B 430 52.67 2.55 -13.45
C LYS B 430 51.73 3.55 -12.83
N ILE B 431 51.21 4.45 -13.66
CA ILE B 431 50.30 5.53 -13.20
C ILE B 431 48.86 5.02 -13.24
N TYR B 432 48.09 5.36 -12.24
CA TYR B 432 46.64 5.06 -12.17
C TYR B 432 45.89 6.37 -11.91
N GLU B 433 44.58 6.30 -12.06
CA GLU B 433 43.68 7.44 -11.75
C GLU B 433 42.55 6.93 -10.86
N ALA B 434 42.31 7.64 -9.77
CA ALA B 434 41.18 7.35 -8.86
C ALA B 434 39.88 7.78 -9.55
N ILE B 435 38.98 6.84 -9.82
CA ILE B 435 37.72 7.11 -10.55
C ILE B 435 36.81 7.95 -9.63
N GLY B 436 36.44 9.13 -10.10
CA GLY B 436 35.53 10.02 -9.37
C GLY B 436 36.20 10.95 -8.36
N SER B 437 37.50 11.18 -8.48
CA SER B 437 38.23 12.15 -7.63
C SER B 437 38.10 13.56 -8.19
N GLY B 438 38.03 14.54 -7.31
CA GLY B 438 37.90 15.97 -7.62
C GLY B 438 36.46 16.44 -7.75
N ASN B 439 35.48 15.54 -7.54
CA ASN B 439 34.06 15.94 -7.68
C ASN B 439 33.49 16.48 -6.37
N ARG B 440 34.32 16.69 -5.35
CA ARG B 440 33.85 16.85 -3.96
C ARG B 440 34.79 17.83 -3.26
N ASN B 441 34.97 17.71 -1.95
CA ASN B 441 35.81 18.63 -1.14
C ASN B 441 37.10 18.99 -1.88
N PHE B 442 37.47 20.26 -1.83
CA PHE B 442 38.61 20.78 -2.60
C PHE B 442 39.36 21.83 -1.77
N GLN B 443 40.69 21.77 -1.81
CA GLN B 443 41.56 22.79 -1.20
C GLN B 443 42.66 23.13 -2.20
N SER B 444 42.79 24.40 -2.54
CA SER B 444 43.74 24.87 -3.58
C SER B 444 45.17 24.65 -3.10
N GLY B 445 45.99 24.01 -3.95
CA GLY B 445 47.44 23.84 -3.70
C GLY B 445 47.76 22.72 -2.75
N ASN B 446 46.77 21.94 -2.30
CA ASN B 446 47.00 20.81 -1.38
C ASN B 446 46.23 19.60 -1.89
N LEU B 447 46.79 18.42 -1.65
CA LEU B 447 46.11 17.15 -1.96
C LEU B 447 44.96 16.97 -0.98
N CYS B 448 43.78 16.65 -1.51
CA CYS B 448 42.61 16.31 -0.70
C CYS B 448 42.36 14.82 -0.85
N ASP B 449 42.71 14.04 0.17
CA ASP B 449 42.51 12.57 0.14
C ASP B 449 41.02 12.25 0.05
N ASP B 450 40.66 11.37 -0.87
CA ASP B 450 39.25 10.95 -1.08
C ASP B 450 39.04 9.49 -0.68
N ASP B 451 40.12 8.74 -0.42
CA ASP B 451 40.04 7.32 0.00
C ASP B 451 39.27 6.53 -1.06
N ILE B 452 39.51 6.81 -2.33
CA ILE B 452 38.89 6.06 -3.45
C ILE B 452 39.89 4.99 -3.87
N LYS B 453 39.50 3.74 -3.69
CA LYS B 453 40.38 2.60 -4.04
C LYS B 453 40.05 2.10 -5.45
N ALA B 454 39.05 2.67 -6.11
CA ALA B 454 38.73 2.34 -7.53
C ALA B 454 39.71 3.09 -8.41
N ILE B 455 40.54 2.37 -9.14
CA ILE B 455 41.65 2.98 -9.91
C ILE B 455 41.47 2.63 -11.38
N ASN B 456 42.00 3.47 -12.24
CA ASN B 456 41.96 3.26 -13.71
C ASN B 456 43.39 3.30 -14.25
N TYR B 457 43.83 2.21 -14.84
CA TYR B 457 45.19 2.09 -15.40
C TYR B 457 45.34 3.08 -16.55
N ILE B 458 46.51 3.69 -16.67
CA ILE B 458 46.76 4.67 -17.76
C ILE B 458 47.90 4.15 -18.62
N THR B 459 49.07 3.99 -18.03
CA THR B 459 50.26 3.50 -18.75
C THR B 459 51.30 3.06 -17.74
N GLY B 460 52.28 2.30 -18.21
CA GLY B 460 53.35 1.76 -17.36
C GLY B 460 53.50 0.26 -17.53
N PHE B 461 54.72 -0.23 -17.34
CA PHE B 461 55.00 -1.67 -17.52
C PHE B 461 55.17 -2.32 -16.16
N ASP B 462 54.46 -3.42 -15.97
CA ASP B 462 54.65 -4.26 -14.76
C ASP B 462 55.71 -5.31 -15.05
N SER B 463 56.89 -4.86 -15.44
CA SER B 463 58.04 -5.74 -15.75
C SER B 463 59.28 -5.05 -15.20
N PRO B 464 59.76 -5.43 -14.00
CA PRO B 464 61.00 -4.85 -13.49
C PRO B 464 62.21 -5.16 -14.38
N ASN B 465 63.30 -4.47 -14.09
CA ASN B 465 64.56 -4.52 -14.87
C ASN B 465 64.32 -3.99 -16.28
N ALA B 466 63.34 -3.09 -16.47
CA ALA B 466 63.05 -2.45 -17.76
C ALA B 466 63.15 -0.93 -17.60
N LYS B 467 64.00 -0.31 -18.40
CA LYS B 467 64.17 1.15 -18.37
C LYS B 467 62.96 1.79 -19.04
N SER B 468 62.32 2.73 -18.35
CA SER B 468 61.18 3.46 -18.92
C SER B 468 60.93 4.74 -18.14
N TYR B 469 60.30 5.70 -18.78
CA TYR B 469 59.69 6.88 -18.11
C TYR B 469 58.33 7.11 -18.74
N LEU B 470 57.41 7.64 -17.95
CA LEU B 470 56.00 7.83 -18.36
C LEU B 470 55.81 9.27 -18.82
N VAL B 471 55.20 9.45 -19.98
CA VAL B 471 54.70 10.76 -20.44
C VAL B 471 53.18 10.68 -20.43
N VAL B 472 52.56 11.47 -19.56
CA VAL B 472 51.10 11.37 -19.32
C VAL B 472 50.55 12.75 -19.08
N LEU B 473 49.30 12.95 -19.49
CA LEU B 473 48.57 14.20 -19.19
C LEU B 473 47.75 13.99 -17.92
N LEU B 474 47.97 14.87 -16.94
CA LEU B 474 47.30 14.76 -15.64
C LEU B 474 46.35 15.94 -15.45
N ASN B 475 45.16 15.67 -14.97
CA ASN B 475 44.15 16.72 -14.69
C ASN B 475 44.49 17.41 -13.36
N LYS B 476 43.92 18.58 -13.14
CA LYS B 476 44.28 19.45 -12.01
C LYS B 476 43.88 18.76 -10.69
N ASP B 477 42.59 18.58 -10.45
CA ASP B 477 42.12 18.20 -9.09
C ASP B 477 42.08 16.69 -8.90
N LYS B 478 42.28 15.90 -9.96
CA LYS B 478 42.19 14.43 -9.87
C LYS B 478 43.36 13.88 -9.05
N ASN B 479 43.10 12.78 -8.37
CA ASN B 479 44.12 12.05 -7.59
C ASN B 479 44.69 10.94 -8.45
N TYR B 480 46.00 10.76 -8.38
CA TYR B 480 46.72 9.78 -9.22
C TYR B 480 47.60 8.91 -8.33
N TYR B 481 47.70 7.64 -8.70
CA TYR B 481 48.55 6.65 -8.00
C TYR B 481 49.72 6.28 -8.90
N ILE B 482 50.90 6.16 -8.30
CA ILE B 482 52.11 5.63 -8.97
C ILE B 482 52.56 4.41 -8.20
N ARG B 483 52.34 3.23 -8.78
CA ARG B 483 52.75 1.97 -8.14
C ARG B 483 54.24 1.77 -8.41
N VAL B 484 55.05 1.94 -7.39
CA VAL B 484 56.51 1.64 -7.50
C VAL B 484 56.65 0.14 -7.41
N PRO B 485 57.34 -0.51 -8.37
CA PRO B 485 57.47 -1.97 -8.32
C PRO B 485 58.37 -2.43 -7.17
N GLN B 486 58.31 -3.72 -6.88
CA GLN B 486 59.13 -4.35 -5.84
C GLN B 486 60.59 -4.29 -6.28
N THR B 487 61.36 -3.39 -5.69
CA THR B 487 62.80 -3.25 -5.99
C THR B 487 63.59 -4.32 -5.24
N SER B 488 64.88 -4.44 -5.56
CA SER B 488 65.79 -5.41 -4.90
C SER B 488 66.98 -4.69 -4.26
N SER B 489 67.25 -3.44 -4.62
CA SER B 489 68.42 -2.69 -4.09
C SER B 489 68.05 -1.98 -2.79
N ASN B 490 69.07 -1.63 -2.01
CA ASN B 490 68.90 -0.91 -0.74
C ASN B 490 69.24 0.57 -0.92
N ILE B 491 69.82 0.96 -2.06
CA ILE B 491 70.16 2.39 -2.32
C ILE B 491 68.87 3.20 -2.43
N GLU B 492 68.85 4.37 -1.81
CA GLU B 492 67.69 5.30 -1.87
C GLU B 492 67.43 5.69 -3.33
N ASN B 493 66.21 5.51 -3.80
CA ASN B 493 65.79 5.95 -5.14
C ASN B 493 64.87 7.15 -4.99
N GLN B 494 64.48 7.75 -6.11
CA GLN B 494 63.66 8.97 -6.12
C GLN B 494 62.66 8.90 -7.27
N ILE B 495 61.47 9.43 -7.04
CA ILE B 495 60.46 9.63 -8.10
C ILE B 495 60.46 11.10 -8.49
N LYS B 496 60.61 11.36 -9.79
CA LYS B 496 60.71 12.73 -10.32
C LYS B 496 59.47 13.05 -11.16
N PHE B 497 58.90 14.22 -10.95
CA PHE B 497 57.79 14.75 -11.77
C PHE B 497 58.27 16.05 -12.43
N LYS B 498 58.09 16.15 -13.73
CA LYS B 498 58.51 17.35 -14.49
C LYS B 498 57.45 17.69 -15.53
N ARG B 499 57.03 18.94 -15.57
CA ARG B 499 55.99 19.39 -16.51
C ARG B 499 56.64 19.56 -17.88
N GLU B 500 56.02 19.00 -18.91
CA GLU B 500 56.57 19.04 -20.29
C GLU B 500 55.91 20.20 -21.04
N GLU B 501 56.69 21.21 -21.36
CA GLU B 501 56.22 22.34 -22.20
C GLU B 501 56.94 22.30 -23.56
N GLY B 502 57.55 21.18 -23.93
CA GLY B 502 58.33 21.06 -25.17
C GLY B 502 57.68 20.13 -26.17
N ASP B 503 58.47 19.64 -27.10
CA ASP B 503 57.99 18.73 -28.17
C ASP B 503 57.69 17.33 -27.61
N LEU B 504 58.06 17.05 -26.36
CA LEU B 504 57.81 15.74 -25.73
C LEU B 504 56.31 15.53 -25.49
N ARG B 505 55.48 16.55 -25.64
CA ARG B 505 54.01 16.43 -25.44
C ARG B 505 53.40 15.49 -26.49
N ASN B 506 54.12 15.21 -27.58
CA ASN B 506 53.60 14.30 -28.64
C ASN B 506 53.44 12.88 -28.09
N LEU B 507 54.22 12.50 -27.08
CA LEU B 507 54.20 11.13 -26.52
C LEU B 507 53.18 11.02 -25.38
N MET B 508 52.13 11.84 -25.38
CA MET B 508 51.19 11.90 -24.25
C MET B 508 50.52 10.54 -24.05
N ASN B 509 50.35 10.16 -22.78
CA ASN B 509 49.66 8.91 -22.37
C ASN B 509 50.37 7.70 -22.97
N SER B 510 51.69 7.67 -22.85
CA SER B 510 52.51 6.52 -23.31
C SER B 510 53.73 6.39 -22.42
N SER B 511 54.27 5.19 -22.35
CA SER B 511 55.49 4.86 -21.60
C SER B 511 56.61 4.54 -22.59
N VAL B 512 57.74 5.21 -22.44
CA VAL B 512 58.85 5.12 -23.42
C VAL B 512 59.86 4.12 -22.92
N ASN B 513 60.10 3.07 -23.69
CA ASN B 513 61.18 2.10 -23.39
C ASN B 513 62.53 2.70 -23.76
N ILE B 514 63.48 2.65 -22.85
CA ILE B 514 64.86 3.14 -23.11
C ILE B 514 65.72 1.92 -23.47
N ILE B 515 66.35 1.96 -24.64
CA ILE B 515 67.16 0.81 -25.12
C ILE B 515 68.63 1.23 -25.14
N ASN B 517 71.31 -1.06 -24.85
CA ASN B 517 72.07 -2.04 -25.66
C ASN B 517 72.12 -1.56 -27.11
N LEU B 518 71.84 -2.45 -28.08
CA LEU B 518 71.79 -2.13 -29.52
C LEU B 518 73.19 -1.64 -29.94
N ASN B 519 74.17 -2.52 -29.81
CA ASN B 519 75.58 -2.23 -30.18
C ASN B 519 75.74 -2.24 -31.70
N HIS B 524 67.57 -8.06 -33.11
CA HIS B 524 67.11 -7.36 -31.87
C HIS B 524 65.58 -7.46 -31.75
N TYR B 525 65.11 -7.93 -30.62
CA TYR B 525 63.67 -8.05 -30.33
C TYR B 525 63.42 -7.64 -28.88
N TYR B 526 62.30 -6.97 -28.65
CA TYR B 526 61.93 -6.46 -27.31
C TYR B 526 60.48 -6.83 -27.03
N THR B 527 60.24 -7.46 -25.89
CA THR B 527 58.89 -7.95 -25.53
C THR B 527 58.36 -7.18 -24.33
N ARG B 528 57.21 -6.56 -24.48
CA ARG B 528 56.51 -5.86 -23.37
C ARG B 528 55.03 -6.20 -23.41
N GLN B 529 54.32 -5.92 -22.33
CA GLN B 529 52.85 -6.08 -22.28
C GLN B 529 52.25 -5.16 -23.34
N SER B 530 51.40 -5.71 -24.19
CA SER B 530 50.80 -4.96 -25.30
C SER B 530 49.72 -4.06 -24.72
N PRO B 531 49.76 -2.74 -24.99
CA PRO B 531 48.65 -1.86 -24.60
C PRO B 531 47.36 -2.24 -25.33
N ASP B 532 46.24 -1.91 -24.71
CA ASP B 532 44.91 -2.15 -25.31
C ASP B 532 44.79 -1.41 -26.64
N VAL B 533 43.77 -1.73 -27.41
CA VAL B 533 43.53 -1.08 -28.72
C VAL B 533 43.34 0.42 -28.48
N HIS B 534 43.83 1.22 -29.41
CA HIS B 534 43.82 2.69 -29.43
C HIS B 534 44.76 3.27 -28.37
N ASP B 535 45.47 2.45 -27.59
CA ASP B 535 46.46 2.98 -26.62
C ASP B 535 47.84 3.09 -27.29
N TYR B 536 48.84 3.51 -26.54
CA TYR B 536 50.17 3.84 -27.10
C TYR B 536 51.27 3.16 -26.31
N ILE B 537 52.37 2.90 -26.99
CA ILE B 537 53.64 2.45 -26.36
C ILE B 537 54.79 3.07 -27.15
N SER B 538 55.79 3.58 -26.44
CA SER B 538 56.90 4.32 -27.05
C SER B 538 58.21 3.57 -26.81
N TYR B 539 59.13 3.71 -27.76
CA TYR B 539 60.46 3.07 -27.68
C TYR B 539 61.51 4.13 -27.96
N GLU B 540 62.60 4.09 -27.21
CA GLU B 540 63.73 5.03 -27.41
C GLU B 540 65.00 4.22 -27.62
N PHE B 541 65.76 4.53 -28.67
CA PHE B 541 66.95 3.75 -29.03
C PHE B 541 67.98 4.65 -29.68
N THR B 542 69.21 4.16 -29.74
CA THR B 542 70.33 4.86 -30.39
C THR B 542 70.85 4.00 -31.54
N ILE B 543 71.17 4.65 -32.64
CA ILE B 543 71.73 3.96 -33.83
C ILE B 543 73.23 3.77 -33.55
N PRO B 544 73.77 2.56 -33.78
CA PRO B 544 75.22 2.30 -33.66
C PRO B 544 76.15 3.10 -34.59
N THR B 552 75.36 6.67 -41.88
CA THR B 552 73.96 6.20 -41.70
C THR B 552 73.91 4.67 -41.82
N SER B 553 72.73 4.10 -41.74
CA SER B 553 72.53 2.63 -41.81
C SER B 553 71.11 2.32 -42.25
N ASN B 554 70.87 1.07 -42.63
CA ASN B 554 69.53 0.59 -43.06
C ASN B 554 68.83 -0.06 -41.87
N ILE B 555 67.69 0.49 -41.48
CA ILE B 555 66.99 0.05 -40.24
C ILE B 555 65.58 -0.37 -40.65
N ARG B 556 65.17 -1.58 -40.26
CA ARG B 556 63.81 -2.11 -40.54
C ARG B 556 63.00 -2.10 -39.25
N LEU B 557 61.80 -1.58 -39.32
CA LEU B 557 60.90 -1.47 -38.14
C LEU B 557 59.67 -2.33 -38.39
N TYR B 558 59.43 -3.32 -37.54
CA TYR B 558 58.19 -4.10 -37.60
C TYR B 558 57.93 -4.76 -36.26
N THR B 559 56.69 -5.18 -36.07
CA THR B 559 56.26 -5.90 -34.86
C THR B 559 55.83 -7.32 -35.23
N SER B 560 55.41 -8.06 -34.21
CA SER B 560 54.95 -9.46 -34.34
C SER B 560 53.57 -9.61 -33.71
N TYR B 561 52.66 -10.24 -34.44
CA TYR B 561 51.30 -10.62 -33.98
C TYR B 561 50.42 -9.42 -33.63
N ASN B 562 50.89 -8.18 -33.80
CA ASN B 562 50.11 -6.98 -33.43
C ASN B 562 50.20 -5.92 -34.51
N GLN B 563 49.10 -5.22 -34.73
CA GLN B 563 48.96 -4.15 -35.73
C GLN B 563 49.13 -2.80 -35.03
N GLY B 564 50.03 -1.97 -35.54
CA GLY B 564 50.28 -0.68 -34.89
C GLY B 564 50.76 0.38 -35.85
N ILE B 565 50.11 1.54 -35.82
CA ILE B 565 50.61 2.74 -36.55
C ILE B 565 51.79 3.32 -35.76
N GLY B 566 52.92 3.45 -36.44
CA GLY B 566 54.17 3.94 -35.83
C GLY B 566 54.49 5.37 -36.20
N THR B 567 55.43 5.94 -35.47
CA THR B 567 56.01 7.25 -35.79
C THR B 567 57.49 7.24 -35.40
N LEU B 568 58.29 8.07 -36.04
CA LEU B 568 59.75 8.06 -35.87
C LEU B 568 60.25 9.47 -35.54
N PHE B 569 59.72 10.09 -34.50
CA PHE B 569 60.21 11.40 -34.04
C PHE B 569 61.72 11.31 -33.82
N ARG B 570 62.45 12.30 -34.33
CA ARG B 570 63.92 12.37 -34.15
C ARG B 570 64.26 13.40 -33.09
N VAL B 571 65.14 13.01 -32.16
CA VAL B 571 65.55 13.89 -31.03
C VAL B 571 66.47 15.00 -31.53
N TYR B 578 64.07 18.49 -24.99
CA TYR B 578 64.77 18.34 -26.29
C TYR B 578 63.75 18.38 -27.44
N ASN B 579 64.17 18.90 -28.58
CA ASN B 579 63.29 19.07 -29.76
C ASN B 579 62.99 17.72 -30.39
N LEU B 580 61.75 17.54 -30.84
CA LEU B 580 61.31 16.35 -31.57
C LEU B 580 60.75 16.79 -32.92
N ILE B 581 61.21 16.14 -33.97
CA ILE B 581 60.82 16.46 -35.36
C ILE B 581 60.27 15.20 -36.01
N ASN B 582 59.10 15.30 -36.63
CA ASN B 582 58.46 14.15 -37.29
C ASN B 582 59.27 13.75 -38.53
N ILE B 583 59.51 12.46 -38.68
CA ILE B 583 60.32 11.93 -39.80
C ILE B 583 59.42 11.00 -40.59
N GLN B 584 58.92 9.94 -39.96
CA GLN B 584 58.01 8.96 -40.59
C GLN B 584 56.61 8.98 -39.96
N GLN B 585 55.58 8.84 -40.78
CA GLN B 585 54.18 8.93 -40.30
C GLN B 585 53.41 7.73 -40.83
N ASN B 586 52.55 7.18 -39.98
CA ASN B 586 51.59 6.10 -40.35
C ASN B 586 52.37 4.87 -40.83
N LEU B 587 53.32 4.42 -40.04
CA LEU B 587 54.10 3.20 -40.37
C LEU B 587 53.33 2.02 -39.79
N ASN B 588 52.63 1.29 -40.64
CA ASN B 588 51.90 0.07 -40.22
C ASN B 588 52.93 -1.04 -39.99
N LEU B 589 52.97 -1.64 -38.81
CA LEU B 589 54.19 -2.36 -38.35
C LEU B 589 54.00 -3.87 -38.19
N LEU B 590 52.89 -4.46 -38.62
CA LEU B 590 52.80 -5.94 -38.47
C LEU B 590 53.58 -6.58 -39.61
N ASN B 591 54.77 -7.08 -39.32
CA ASN B 591 55.60 -7.85 -40.29
C ASN B 591 55.94 -6.98 -41.49
N SER B 592 56.01 -5.66 -41.30
CA SER B 592 56.32 -4.70 -42.37
C SER B 592 57.75 -4.91 -42.85
N THR B 593 57.96 -4.75 -44.15
CA THR B 593 59.29 -4.88 -44.80
C THR B 593 59.86 -3.52 -45.18
N LYS B 594 59.26 -2.43 -44.71
CA LYS B 594 59.73 -1.05 -44.99
C LYS B 594 61.12 -0.83 -44.34
N SER B 595 61.80 0.21 -44.77
CA SER B 595 63.17 0.55 -44.30
C SER B 595 63.36 2.05 -44.33
N ILE B 596 64.42 2.51 -43.68
CA ILE B 596 64.82 3.95 -43.68
C ILE B 596 65.96 4.13 -44.69
N LEU B 599 69.75 9.08 -39.20
CA LEU B 599 71.21 9.24 -39.40
C LEU B 599 71.98 8.15 -38.65
N ASN B 600 73.21 8.46 -38.28
CA ASN B 600 74.08 7.54 -37.52
C ASN B 600 74.42 8.16 -36.17
N GLY B 601 74.39 7.37 -35.10
CA GLY B 601 74.72 7.83 -33.74
C GLY B 601 73.75 8.90 -33.24
N ALA B 602 72.45 8.72 -33.51
CA ALA B 602 71.41 9.68 -33.15
C ALA B 602 70.29 8.98 -32.40
N ILE B 603 69.54 9.74 -31.61
CA ILE B 603 68.43 9.21 -30.77
C ILE B 603 67.15 9.27 -31.60
N TYR B 604 66.40 8.18 -31.58
CA TYR B 604 65.09 8.10 -32.25
C TYR B 604 64.05 7.61 -31.23
N ILE B 605 62.81 7.98 -31.49
CA ILE B 605 61.65 7.56 -30.66
C ILE B 605 60.62 6.88 -31.55
N LEU B 606 60.12 5.74 -31.08
CA LEU B 606 59.13 4.92 -31.83
C LEU B 606 57.82 4.88 -31.05
N LYS B 607 56.92 5.81 -31.34
CA LYS B 607 55.54 5.77 -30.81
C LYS B 607 54.73 4.75 -31.61
N VAL B 608 54.03 3.86 -30.92
CA VAL B 608 53.24 2.77 -31.56
C VAL B 608 51.83 2.84 -31.00
N GLU B 609 50.86 2.90 -31.90
CA GLU B 609 49.42 2.96 -31.53
C GLU B 609 48.80 1.60 -31.84
N VAL B 610 48.47 0.85 -30.80
CA VAL B 610 47.93 -0.52 -30.98
C VAL B 610 46.54 -0.42 -31.61
N THR B 611 46.36 -1.10 -32.73
CA THR B 611 45.07 -1.12 -33.48
C THR B 611 44.43 -2.50 -33.43
N GLU B 612 45.22 -3.56 -33.61
CA GLU B 612 44.71 -4.96 -33.59
C GLU B 612 45.47 -5.71 -32.52
N LEU B 613 44.78 -6.14 -31.48
CA LEU B 613 45.39 -6.83 -30.32
C LEU B 613 45.17 -8.33 -30.47
N ASN B 614 46.20 -9.05 -30.88
CA ASN B 614 46.11 -10.53 -31.03
C ASN B 614 46.87 -11.24 -29.91
N ASN B 615 47.89 -10.59 -29.34
CA ASN B 615 48.74 -11.20 -28.30
C ASN B 615 48.73 -10.33 -27.06
N TYR B 616 48.88 -10.97 -25.91
CA TYR B 616 49.00 -10.25 -24.62
C TYR B 616 50.28 -9.40 -24.64
N ASN B 617 51.34 -9.87 -25.29
CA ASN B 617 52.63 -9.16 -25.33
C ASN B 617 52.80 -8.47 -26.68
N ILE B 618 53.49 -7.34 -26.67
CA ILE B 618 53.92 -6.63 -27.90
C ILE B 618 55.39 -6.95 -28.13
N LYS B 619 55.73 -7.33 -29.35
CA LYS B 619 57.14 -7.62 -29.72
C LYS B 619 57.53 -6.65 -30.82
N LEU B 620 58.70 -6.04 -30.69
CA LEU B 620 59.21 -5.08 -31.69
C LEU B 620 60.60 -5.54 -32.12
N HIS B 621 60.83 -5.48 -33.42
CA HIS B 621 62.14 -5.86 -34.01
C HIS B 621 62.80 -4.63 -34.62
N ILE B 622 64.09 -4.49 -34.40
CA ILE B 622 64.91 -3.41 -35.00
C ILE B 622 66.08 -4.06 -35.70
N ASP B 623 66.29 -3.71 -36.98
CA ASP B 623 67.38 -4.26 -37.79
C ASP B 623 68.10 -3.12 -38.50
N THR C 22 -44.87 16.95 15.82
CA THR C 22 -43.83 16.85 14.74
C THR C 22 -43.37 15.41 14.58
N ILE C 23 -43.99 14.47 15.30
CA ILE C 23 -43.68 13.03 15.21
C ILE C 23 -44.96 12.23 15.07
N ASP C 24 -44.84 11.02 14.54
CA ASP C 24 -46.00 10.10 14.40
C ASP C 24 -45.86 8.91 15.36
N LEU C 25 -44.74 8.79 16.05
CA LEU C 25 -44.50 7.63 16.94
C LEU C 25 -45.37 7.75 18.19
N ALA C 26 -45.72 6.62 18.76
CA ALA C 26 -46.46 6.56 20.05
C ALA C 26 -45.55 7.06 21.18
N ASP C 27 -46.15 7.38 22.31
CA ASP C 27 -45.41 7.92 23.48
C ASP C 27 -44.46 6.85 24.02
N GLY C 28 -43.20 7.24 24.21
CA GLY C 28 -42.17 6.35 24.79
C GLY C 28 -40.79 6.78 24.37
N ASN C 29 -39.83 5.88 24.48
CA ASN C 29 -38.42 6.14 24.11
C ASN C 29 -38.06 5.27 22.91
N TYR C 30 -37.30 5.84 21.98
CA TYR C 30 -36.93 5.16 20.71
C TYR C 30 -35.44 5.30 20.47
N VAL C 31 -34.90 4.36 19.72
CA VAL C 31 -33.51 4.40 19.23
C VAL C 31 -33.54 4.76 17.75
N VAL C 32 -32.88 5.85 17.39
CA VAL C 32 -32.98 6.41 16.02
C VAL C 32 -31.60 6.40 15.38
N SER C 33 -31.52 5.92 14.15
CA SER C 33 -30.30 5.97 13.31
C SER C 33 -30.56 6.94 12.17
N ARG C 34 -29.74 8.00 12.06
CA ARG C 34 -29.87 8.99 10.99
C ARG C 34 -28.96 8.63 9.81
N GLY C 35 -28.28 7.49 9.86
CA GLY C 35 -27.43 6.98 8.77
C GLY C 35 -26.03 7.55 8.80
N ASP C 36 -25.22 7.05 7.88
CA ASP C 36 -23.82 7.47 7.74
C ASP C 36 -23.71 8.71 6.87
N GLY C 37 -22.53 9.29 6.82
CA GLY C 37 -22.20 10.45 5.96
C GLY C 37 -22.41 11.78 6.65
N TRP C 38 -22.51 11.81 7.97
CA TRP C 38 -22.67 13.08 8.71
C TRP C 38 -21.29 13.73 8.89
N ILE C 39 -21.21 15.01 8.59
CA ILE C 39 -19.99 15.81 8.82
C ILE C 39 -20.31 16.84 9.89
N LEU C 40 -19.32 17.17 10.71
CA LEU C 40 -19.53 18.07 11.88
C LEU C 40 -19.10 19.48 11.51
N SER C 41 -19.74 20.45 12.15
CA SER C 41 -19.52 21.88 11.89
C SER C 41 -18.13 22.32 12.34
N ARG C 42 -17.51 23.18 11.54
CA ARG C 42 -16.29 23.96 11.89
C ARG C 42 -15.04 23.08 11.81
N GLN C 43 -15.17 21.76 11.67
CA GLN C 43 -13.96 20.89 11.65
C GLN C 43 -13.63 20.47 10.23
N ASN C 44 -13.93 21.25 9.21
CA ASN C 44 -13.83 20.82 7.81
C ASN C 44 -12.37 20.63 7.42
N GLN C 45 -11.53 21.58 7.76
CA GLN C 45 -10.15 21.67 7.21
C GLN C 45 -9.11 21.31 8.27
N ILE C 46 -9.48 20.73 9.40
CA ILE C 46 -8.51 20.55 10.52
C ILE C 46 -7.62 19.33 10.29
N LEU C 47 -7.89 18.53 9.28
CA LEU C 47 -7.05 17.33 8.98
C LEU C 47 -5.98 17.65 7.94
N GLY C 48 -6.19 18.68 7.12
CA GLY C 48 -5.21 19.11 6.09
C GLY C 48 -5.77 18.98 4.69
N GLY C 49 -5.04 19.57 3.76
CA GLY C 49 -5.43 19.60 2.34
C GLY C 49 -4.23 19.44 1.44
N SER C 50 -4.47 18.89 0.25
CA SER C 50 -3.43 18.68 -0.76
C SER C 50 -3.67 19.62 -1.94
N VAL C 51 -2.58 20.18 -2.47
CA VAL C 51 -2.59 21.00 -3.70
C VAL C 51 -1.82 20.24 -4.79
N ILE C 52 -2.45 20.09 -5.94
CA ILE C 52 -1.89 19.36 -7.10
C ILE C 52 -2.04 20.24 -8.34
N SER C 53 -1.22 19.97 -9.33
CA SER C 53 -1.16 20.81 -10.55
C SER C 53 -0.68 20.00 -11.75
N ASN C 54 -1.24 20.31 -12.93
CA ASN C 54 -0.70 19.89 -14.23
C ASN C 54 -0.59 18.37 -14.33
N GLY C 55 -1.72 17.69 -14.26
CA GLY C 55 -1.80 16.25 -14.57
C GLY C 55 -1.38 15.36 -13.42
N SER C 56 -0.98 15.89 -12.27
CA SER C 56 -0.63 15.02 -11.11
C SER C 56 -1.90 14.38 -10.53
N THR C 57 -1.72 13.25 -9.87
CA THR C 57 -2.78 12.56 -9.13
C THR C 57 -2.52 12.74 -7.64
N GLY C 58 -3.51 13.29 -6.94
CA GLY C 58 -3.50 13.44 -5.47
C GLY C 58 -4.30 12.35 -4.79
N ILE C 59 -3.66 11.56 -3.94
CA ILE C 59 -4.37 10.51 -3.16
C ILE C 59 -4.26 10.86 -1.69
N VAL C 60 -5.41 10.98 -1.03
CA VAL C 60 -5.49 11.31 0.41
C VAL C 60 -6.30 10.21 1.09
N GLY C 61 -5.81 9.73 2.22
CA GLY C 61 -6.46 8.64 2.97
C GLY C 61 -6.25 8.79 4.46
N ASP C 62 -6.83 7.86 5.20
CA ASP C 62 -6.66 7.81 6.67
C ASP C 62 -6.97 6.40 7.16
N LEU C 63 -6.56 6.12 8.39
CA LEU C 63 -6.81 4.81 9.02
C LEU C 63 -7.46 5.04 10.38
N ARG C 64 -8.57 4.37 10.63
CA ARG C 64 -9.41 4.54 11.83
C ARG C 64 -9.07 3.45 12.83
N VAL C 65 -8.42 3.81 13.94
CA VAL C 65 -8.02 2.81 14.98
C VAL C 65 -8.15 3.32 16.40
N ASN C 66 -7.52 4.44 16.75
CA ASN C 66 -7.31 4.83 18.17
C ASN C 66 -8.11 6.08 18.48
N ASP C 67 -7.70 7.21 17.95
CA ASP C 67 -8.41 8.49 18.17
C ASP C 67 -9.41 8.76 17.06
N ASN C 68 -9.22 8.19 15.89
CA ASN C 68 -10.19 8.33 14.78
C ASN C 68 -11.43 7.50 15.05
N ALA C 69 -11.43 6.65 16.08
CA ALA C 69 -12.54 5.71 16.34
C ALA C 69 -13.21 5.98 17.71
N ILE C 70 -13.05 7.17 18.27
CA ILE C 70 -13.67 7.50 19.57
C ILE C 70 -15.04 8.12 19.30
N PRO C 71 -16.13 7.49 19.75
CA PRO C 71 -17.45 8.11 19.62
C PRO C 71 -17.59 9.36 20.49
N TYR C 72 -18.44 10.27 20.06
CA TYR C 72 -18.73 11.54 20.77
C TYR C 72 -20.17 11.48 21.29
N TYR C 73 -20.31 11.54 22.60
CA TYR C 73 -21.63 11.43 23.27
C TYR C 73 -22.13 12.83 23.62
N TYR C 74 -23.43 13.00 23.48
CA TYR C 74 -24.16 14.23 23.86
C TYR C 74 -25.34 13.81 24.70
N PRO C 75 -25.13 13.50 26.01
CA PRO C 75 -26.21 12.99 26.84
C PRO C 75 -27.22 14.05 27.25
N THR C 76 -28.37 13.59 27.73
CA THR C 76 -29.45 14.47 28.27
C THR C 76 -29.76 14.06 29.70
N PRO C 77 -30.32 14.95 30.53
CA PRO C 77 -30.76 14.55 31.87
C PRO C 77 -32.02 13.67 31.87
N SER C 78 -32.18 12.79 30.90
CA SER C 78 -33.18 11.70 30.91
C SER C 78 -32.56 10.38 30.44
N PHE C 79 -31.45 10.40 29.72
CA PHE C 79 -30.71 9.20 29.28
C PHE C 79 -29.29 9.32 29.82
N ASN C 80 -28.42 8.43 29.38
CA ASN C 80 -27.05 8.36 29.91
C ASN C 80 -26.12 7.93 28.80
N GLU C 81 -24.83 8.11 29.00
CA GLU C 81 -23.82 7.63 28.03
C GLU C 81 -23.89 6.11 27.94
N GLU C 82 -23.97 5.44 29.06
CA GLU C 82 -24.25 3.97 29.09
C GLU C 82 -25.61 3.68 28.46
N TYR C 83 -26.62 4.47 28.80
CA TYR C 83 -27.99 4.27 28.28
C TYR C 83 -27.98 4.43 26.76
N ILE C 84 -27.23 5.39 26.24
CA ILE C 84 -27.12 5.59 24.77
C ILE C 84 -26.39 4.40 24.15
N LYS C 85 -25.23 4.07 24.69
CA LYS C 85 -24.33 3.08 24.05
C LYS C 85 -25.00 1.71 24.04
N ASN C 86 -25.57 1.29 25.17
CA ASN C 86 -26.16 -0.07 25.27
C ASN C 86 -27.33 -0.19 24.29
N ASN C 87 -28.20 0.81 24.26
CA ASN C 87 -29.39 0.75 23.37
C ASN C 87 -28.95 0.78 21.91
N ILE C 88 -27.95 1.60 21.58
CA ILE C 88 -27.46 1.66 20.17
C ILE C 88 -26.90 0.28 19.79
N GLN C 89 -26.07 -0.30 20.64
CA GLN C 89 -25.34 -1.54 20.28
C GLN C 89 -26.26 -2.75 20.34
N THR C 90 -27.37 -2.70 21.08
CA THR C 90 -28.34 -3.82 21.10
C THR C 90 -29.01 -3.97 19.72
N VAL C 91 -29.38 -2.87 19.08
CA VAL C 91 -30.18 -2.89 17.84
C VAL C 91 -29.28 -2.71 16.63
N PHE C 92 -28.37 -1.76 16.65
CA PHE C 92 -27.51 -1.44 15.49
C PHE C 92 -26.14 -2.07 15.67
N ALA C 93 -25.21 -1.72 14.77
CA ALA C 93 -23.83 -2.27 14.77
C ALA C 93 -23.13 -1.98 16.10
N ASN C 94 -22.44 -2.99 16.62
CA ASN C 94 -21.64 -2.86 17.85
C ASN C 94 -20.35 -2.11 17.48
N PHE C 95 -20.30 -0.81 17.74
CA PHE C 95 -19.15 0.02 17.33
C PHE C 95 -17.95 -0.23 18.23
N THR C 96 -18.15 -0.54 19.50
CA THR C 96 -17.04 -0.76 20.45
C THR C 96 -16.17 -1.90 19.96
N GLU C 97 -16.77 -3.02 19.56
CA GLU C 97 -16.00 -4.18 19.09
C GLU C 97 -15.54 -3.95 17.65
N ALA C 98 -16.19 -3.06 16.89
CA ALA C 98 -15.86 -2.80 15.47
C ALA C 98 -14.78 -1.72 15.34
N ASN C 99 -14.75 -0.75 16.23
CA ASN C 99 -13.76 0.36 16.18
C ASN C 99 -12.36 -0.12 16.55
N GLN C 100 -12.22 -1.33 17.07
CA GLN C 100 -10.90 -1.87 17.48
C GLN C 100 -10.20 -2.54 16.30
N ILE C 101 -10.86 -2.70 15.16
CA ILE C 101 -10.24 -3.30 13.94
C ILE C 101 -9.93 -2.17 12.98
N PRO C 102 -8.66 -1.98 12.58
CA PRO C 102 -8.29 -0.91 11.66
C PRO C 102 -8.95 -1.04 10.28
N ILE C 103 -9.59 0.03 9.87
CA ILE C 103 -10.22 0.16 8.53
C ILE C 103 -9.64 1.39 7.84
N GLY C 104 -9.22 1.21 6.60
CA GLY C 104 -8.61 2.27 5.78
C GLY C 104 -9.52 2.73 4.68
N PHE C 105 -9.50 4.03 4.37
CA PHE C 105 -10.22 4.59 3.21
C PHE C 105 -9.29 5.54 2.48
N GLU C 106 -9.47 5.64 1.18
CA GLU C 106 -8.63 6.49 0.32
C GLU C 106 -9.48 7.18 -0.72
N PHE C 107 -9.08 8.41 -1.07
CA PHE C 107 -9.70 9.20 -2.15
C PHE C 107 -8.61 9.66 -3.10
N SER C 108 -8.85 9.45 -4.39
CA SER C 108 -7.88 9.75 -5.47
C SER C 108 -8.50 10.77 -6.43
N LYS C 109 -7.71 11.78 -6.80
CA LYS C 109 -8.18 12.84 -7.70
C LYS C 109 -7.01 13.28 -8.57
N THR C 110 -7.30 13.60 -9.83
CA THR C 110 -6.29 14.07 -10.80
C THR C 110 -6.61 15.51 -11.21
N ALA C 111 -5.59 16.34 -11.32
CA ALA C 111 -5.74 17.73 -11.76
C ALA C 111 -5.58 17.77 -13.27
N PRO C 112 -6.42 18.51 -14.01
CA PRO C 112 -6.17 18.71 -15.44
C PRO C 112 -4.98 19.61 -15.73
N SER C 113 -4.54 19.58 -16.97
CA SER C 113 -3.32 20.29 -17.43
C SER C 113 -3.44 21.79 -17.19
N ASN C 114 -2.33 22.39 -16.75
CA ASN C 114 -2.19 23.86 -16.59
C ASN C 114 -3.25 24.38 -15.62
N LYS C 115 -3.65 23.60 -14.62
CA LYS C 115 -4.70 24.03 -13.66
C LYS C 115 -4.36 23.51 -12.27
N ASN C 116 -4.87 24.18 -11.26
CA ASN C 116 -4.56 23.88 -9.84
C ASN C 116 -5.79 23.29 -9.18
N LEU C 117 -5.60 22.15 -8.51
CA LEU C 117 -6.68 21.45 -7.79
C LEU C 117 -6.35 21.38 -6.31
N TYR C 118 -7.32 21.76 -5.49
CA TYR C 118 -7.22 21.68 -4.01
C TYR C 118 -8.27 20.71 -3.49
N MET C 119 -7.87 19.87 -2.55
CA MET C 119 -8.78 18.91 -1.90
C MET C 119 -8.43 18.82 -0.42
N TYR C 120 -9.44 18.74 0.44
CA TYR C 120 -9.24 18.61 1.90
C TYR C 120 -10.12 17.48 2.42
N LEU C 121 -9.59 16.81 3.44
CA LEU C 121 -10.17 15.58 4.02
C LEU C 121 -11.06 15.95 5.21
N GLN C 122 -12.12 15.17 5.36
CA GLN C 122 -13.04 15.28 6.50
C GLN C 122 -13.23 13.88 7.10
N TYR C 123 -14.02 13.82 8.16
CA TYR C 123 -14.46 12.55 8.76
C TYR C 123 -15.97 12.51 8.70
N THR C 124 -16.48 11.31 8.40
CA THR C 124 -17.93 11.06 8.35
C THR C 124 -18.32 10.27 9.59
N TYR C 125 -19.55 10.48 10.02
CA TYR C 125 -20.06 9.89 11.27
C TYR C 125 -21.43 9.28 11.01
N ILE C 126 -21.77 8.31 11.84
CA ILE C 126 -23.13 7.73 11.87
C ILE C 126 -23.85 8.41 13.03
N ARG C 127 -24.89 9.15 12.72
CA ARG C 127 -25.66 9.88 13.75
C ARG C 127 -26.72 8.94 14.32
N TYR C 128 -26.56 8.61 15.60
CA TYR C 128 -27.59 7.88 16.37
C TYR C 128 -28.23 8.85 17.36
N GLU C 129 -29.54 8.71 17.54
CA GLU C 129 -30.29 9.58 18.47
C GLU C 129 -31.16 8.75 19.40
N ILE C 130 -31.18 9.14 20.67
CA ILE C 130 -32.17 8.62 21.66
C ILE C 130 -33.21 9.71 21.87
N ILE C 131 -34.44 9.43 21.46
CA ILE C 131 -35.52 10.45 21.52
C ILE C 131 -36.60 10.01 22.50
N LYS C 132 -37.24 10.98 23.12
CA LYS C 132 -38.38 10.76 24.05
C LYS C 132 -39.62 11.39 23.42
N VAL C 133 -40.68 10.61 23.34
CA VAL C 133 -41.92 11.04 22.63
C VAL C 133 -43.02 11.22 23.66
N LEU C 134 -43.66 12.37 23.64
CA LEU C 134 -44.83 12.65 24.52
C LEU C 134 -45.81 13.54 23.75
N GLN C 135 -47.06 13.10 23.64
CA GLN C 135 -48.14 13.82 22.93
C GLN C 135 -47.68 14.16 21.51
N HIS C 136 -47.11 13.19 20.81
CA HIS C 136 -46.68 13.31 19.40
C HIS C 136 -45.68 14.46 19.25
N GLU C 137 -44.66 14.47 20.07
CA GLU C 137 -43.59 15.48 19.96
C GLU C 137 -42.32 14.95 20.63
N ILE C 138 -41.18 15.45 20.16
CA ILE C 138 -39.87 15.08 20.73
C ILE C 138 -39.56 16.07 21.85
N ILE C 139 -39.67 15.62 23.08
CA ILE C 139 -39.40 16.48 24.27
C ILE C 139 -37.93 16.37 24.67
N GLU C 140 -37.25 15.28 24.29
CA GLU C 140 -35.83 15.10 24.65
C GLU C 140 -35.14 14.34 23.54
N ARG C 141 -33.90 14.71 23.25
CA ARG C 141 -33.11 14.09 22.16
C ARG C 141 -31.66 13.99 22.60
N ALA C 142 -31.14 12.78 22.63
CA ALA C 142 -29.70 12.51 22.85
C ALA C 142 -29.06 12.21 21.51
N VAL C 143 -27.76 12.49 21.40
CA VAL C 143 -27.02 12.34 20.12
C VAL C 143 -25.74 11.58 20.37
N LEU C 144 -25.43 10.65 19.47
CA LEU C 144 -24.14 9.93 19.45
C LEU C 144 -23.59 9.96 18.03
N TYR C 145 -22.32 10.33 17.92
CA TYR C 145 -21.60 10.37 16.63
C TYR C 145 -20.52 9.30 16.64
N VAL C 146 -20.77 8.23 15.91
CA VAL C 146 -19.80 7.12 15.75
C VAL C 146 -19.03 7.39 14.47
N PRO C 147 -17.70 7.49 14.53
CA PRO C 147 -16.91 7.70 13.31
C PRO C 147 -16.90 6.46 12.42
N SER C 148 -17.12 6.67 11.13
CA SER C 148 -17.18 5.58 10.14
C SER C 148 -16.05 5.72 9.12
N LEU C 149 -16.07 6.77 8.33
CA LEU C 149 -15.11 6.94 7.22
C LEU C 149 -14.82 8.44 7.03
N GLY C 150 -14.29 8.82 5.88
CA GLY C 150 -14.01 10.21 5.58
C GLY C 150 -14.69 10.68 4.32
N TYR C 151 -14.43 11.95 4.00
CA TYR C 151 -14.99 12.58 2.79
C TYR C 151 -13.99 13.60 2.28
N VAL C 152 -13.66 13.50 0.99
CA VAL C 152 -12.74 14.48 0.34
C VAL C 152 -13.58 15.43 -0.52
N LYS C 153 -13.40 16.71 -0.29
CA LYS C 153 -14.06 17.77 -1.07
C LYS C 153 -12.98 18.50 -1.86
N SER C 154 -13.21 18.65 -3.15
CA SER C 154 -12.22 19.21 -4.09
C SER C 154 -12.78 20.45 -4.78
N ILE C 155 -11.89 21.29 -5.24
CA ILE C 155 -12.23 22.45 -6.10
C ILE C 155 -11.05 22.76 -7.01
N GLU C 156 -11.32 23.46 -8.08
CA GLU C 156 -10.28 23.96 -9.00
C GLU C 156 -10.23 25.48 -8.87
N PHE C 157 -9.05 26.01 -8.65
CA PHE C 157 -8.88 27.44 -8.32
C PHE C 157 -7.80 28.02 -9.22
N ASN C 158 -7.78 29.35 -9.23
CA ASN C 158 -6.79 30.17 -9.96
C ASN C 158 -6.18 31.15 -8.98
N PRO C 159 -4.96 31.64 -9.24
CA PRO C 159 -4.37 32.65 -8.35
C PRO C 159 -5.25 33.90 -8.26
N GLY C 160 -5.63 34.25 -7.04
CA GLY C 160 -6.51 35.40 -6.76
C GLY C 160 -7.99 35.09 -6.90
N GLU C 161 -8.37 33.85 -7.18
CA GLU C 161 -9.80 33.45 -7.26
C GLU C 161 -10.44 33.56 -5.87
N LYS C 162 -11.63 34.16 -5.82
CA LYS C 162 -12.38 34.32 -4.56
C LYS C 162 -13.29 33.11 -4.40
N ILE C 163 -12.94 32.22 -3.49
CA ILE C 163 -13.71 30.96 -3.27
C ILE C 163 -14.83 31.25 -2.28
N ASN C 164 -15.96 30.58 -2.46
CA ASN C 164 -17.11 30.73 -1.55
C ASN C 164 -16.75 30.17 -0.16
N LYS C 165 -17.15 30.85 0.90
CA LYS C 165 -16.81 30.39 2.28
C LYS C 165 -17.46 29.01 2.57
N ASP C 166 -18.62 28.74 2.00
CA ASP C 166 -19.34 27.46 2.18
C ASP C 166 -18.50 26.28 1.70
N PHE C 167 -17.59 26.48 0.74
CA PHE C 167 -16.65 25.42 0.34
C PHE C 167 -15.71 25.09 1.52
N TYR C 168 -15.26 26.11 2.24
CA TYR C 168 -14.29 25.93 3.34
C TYR C 168 -14.98 25.55 4.65
N PHE C 169 -16.06 26.24 4.99
CA PHE C 169 -16.61 26.28 6.36
C PHE C 169 -18.02 25.72 6.35
N LEU C 170 -18.35 24.92 7.35
CA LEU C 170 -19.71 24.39 7.59
C LEU C 170 -20.21 24.97 8.89
N THR C 171 -21.42 25.52 8.90
CA THR C 171 -21.97 26.15 10.12
C THR C 171 -22.73 25.13 10.96
N ASN C 172 -23.53 24.29 10.33
CA ASN C 172 -24.37 23.30 11.05
C ASN C 172 -24.10 21.91 10.51
N ASP C 173 -24.29 20.90 11.34
CA ASP C 173 -24.07 19.49 10.93
C ASP C 173 -25.05 19.14 9.81
N LYS C 174 -24.57 18.36 8.85
CA LYS C 174 -25.41 17.93 7.71
C LYS C 174 -24.98 16.53 7.27
N CYS C 175 -25.85 15.90 6.51
CA CYS C 175 -25.60 14.58 5.90
C CYS C 175 -25.26 14.78 4.42
N ILE C 176 -24.06 14.39 4.02
CA ILE C 176 -23.63 14.47 2.59
C ILE C 176 -24.47 13.49 1.77
N LEU C 177 -24.92 12.39 2.35
CA LEU C 177 -25.85 11.47 1.69
C LEU C 177 -27.29 11.91 2.00
N ASN C 178 -28.26 11.06 1.68
CA ASN C 178 -29.67 11.32 2.05
C ASN C 178 -29.93 10.73 3.43
N GLU C 179 -30.50 11.51 4.32
CA GLU C 179 -30.71 11.06 5.72
C GLU C 179 -31.81 10.00 5.76
N GLN C 180 -31.78 9.18 6.81
CA GLN C 180 -32.80 8.13 7.06
C GLN C 180 -33.29 8.24 8.50
N PHE C 181 -34.40 7.57 8.80
CA PHE C 181 -34.99 7.57 10.15
C PHE C 181 -35.39 6.13 10.49
N LEU C 182 -34.48 5.40 11.10
CA LEU C 182 -34.73 4.01 11.54
C LEU C 182 -34.95 4.02 13.05
N TYR C 183 -36.15 3.68 13.49
CA TYR C 183 -36.52 3.75 14.91
C TYR C 183 -36.86 2.35 15.43
N LYS C 184 -36.60 2.15 16.71
CA LYS C 184 -37.13 0.99 17.46
C LYS C 184 -37.46 1.44 18.89
N LYS C 185 -38.63 1.09 19.37
CA LYS C 185 -39.06 1.47 20.73
C LYS C 185 -38.19 0.74 21.75
N ILE C 186 -37.78 1.45 22.79
CA ILE C 186 -37.05 0.82 23.94
C ILE C 186 -38.06 0.27 24.93
N LEU C 187 -37.95 -1.01 25.25
CA LEU C 187 -38.86 -1.67 26.22
C LEU C 187 -38.11 -1.93 27.52
N ARG C 208 -38.45 -29.70 1.07
CA ARG C 208 -37.75 -30.60 0.11
C ARG C 208 -37.60 -31.99 0.71
N VAL C 209 -37.47 -32.98 -0.16
CA VAL C 209 -37.25 -34.39 0.27
C VAL C 209 -35.75 -34.68 0.16
N LEU C 210 -35.10 -34.84 1.30
CA LEU C 210 -33.64 -35.12 1.32
C LEU C 210 -33.43 -36.63 1.35
N PRO C 211 -32.81 -37.22 0.31
CA PRO C 211 -32.51 -38.65 0.29
C PRO C 211 -31.17 -38.98 0.96
N TYR C 212 -30.96 -38.44 2.15
CA TYR C 212 -29.68 -38.58 2.88
C TYR C 212 -29.71 -39.86 3.71
N SER C 213 -28.51 -40.31 4.06
CA SER C 213 -28.31 -41.40 5.03
C SER C 213 -28.22 -40.81 6.43
N ASN C 214 -28.41 -41.67 7.42
CA ASN C 214 -28.32 -41.25 8.83
C ASN C 214 -26.88 -40.87 9.14
N GLY C 215 -26.70 -39.70 9.74
CA GLY C 215 -25.38 -39.23 10.16
C GLY C 215 -25.27 -37.74 10.08
N LEU C 216 -24.04 -37.25 10.15
CA LEU C 216 -23.78 -35.80 10.26
C LEU C 216 -23.44 -35.25 8.88
N TYR C 217 -23.84 -34.01 8.64
CA TYR C 217 -23.52 -33.31 7.37
C TYR C 217 -23.12 -31.89 7.69
N VAL C 218 -22.17 -31.38 6.93
CA VAL C 218 -21.80 -29.95 6.93
C VAL C 218 -22.13 -29.37 5.56
N ILE C 219 -22.98 -28.36 5.53
CA ILE C 219 -23.52 -27.78 4.27
C ILE C 219 -22.98 -26.37 4.13
N ASN C 220 -22.27 -26.12 3.04
CA ASN C 220 -21.88 -24.76 2.63
C ASN C 220 -23.09 -24.14 1.94
N LYS C 221 -23.74 -23.20 2.59
CA LYS C 221 -25.00 -22.62 2.08
C LYS C 221 -24.75 -21.32 1.35
N GLY C 222 -23.51 -20.92 1.15
CA GLY C 222 -23.22 -19.72 0.35
C GLY C 222 -22.33 -18.72 1.07
N ASP C 223 -21.93 -17.70 0.33
CA ASP C 223 -21.03 -16.65 0.80
C ASP C 223 -21.72 -15.31 0.65
N GLY C 224 -21.15 -14.26 1.22
CA GLY C 224 -21.69 -12.91 1.12
C GLY C 224 -22.84 -12.66 2.08
N TYR C 225 -23.00 -13.47 3.12
CA TYR C 225 -24.08 -13.24 4.11
C TYR C 225 -23.78 -11.97 4.91
N ILE C 226 -24.81 -11.18 5.14
CA ILE C 226 -24.70 -9.97 5.99
C ILE C 226 -25.81 -10.03 7.04
N ARG C 227 -25.87 -9.00 7.88
CA ARG C 227 -26.90 -8.88 8.91
C ARG C 227 -27.74 -7.64 8.66
N THR C 228 -28.99 -7.70 9.10
CA THR C 228 -29.97 -6.62 8.87
C THR C 228 -29.59 -5.38 9.67
N ASN C 229 -30.21 -4.26 9.36
CA ASN C 229 -30.07 -3.00 10.13
C ASN C 229 -28.60 -2.55 10.13
N ASP C 230 -27.87 -2.80 9.05
CA ASP C 230 -26.50 -2.28 8.86
C ASP C 230 -25.60 -2.73 10.02
N LYS C 231 -25.81 -3.95 10.51
CA LYS C 231 -25.01 -4.46 11.66
C LYS C 231 -23.60 -4.86 11.19
N ASP C 232 -23.35 -4.92 9.90
CA ASP C 232 -22.02 -5.31 9.37
C ASP C 232 -21.44 -4.23 8.47
N LEU C 233 -22.06 -3.06 8.39
CA LEU C 233 -21.63 -2.02 7.43
C LEU C 233 -20.28 -1.48 7.87
N ILE C 234 -19.27 -1.64 7.04
CA ILE C 234 -17.93 -1.05 7.32
C ILE C 234 -18.05 0.47 7.22
N GLY C 235 -18.65 0.96 6.15
CA GLY C 235 -18.82 2.40 5.97
C GLY C 235 -19.27 2.73 4.56
N THR C 236 -19.66 3.98 4.38
CA THR C 236 -20.10 4.51 3.08
C THR C 236 -19.12 5.59 2.63
N LEU C 237 -18.71 5.51 1.37
CA LEU C 237 -17.83 6.54 0.75
C LEU C 237 -18.60 7.27 -0.33
N LEU C 238 -18.73 8.57 -0.21
CA LEU C 238 -19.32 9.43 -1.27
C LEU C 238 -18.19 9.92 -2.18
N ILE C 239 -18.20 9.44 -3.41
CA ILE C 239 -17.13 9.79 -4.39
C ILE C 239 -17.73 10.84 -5.34
N GLU C 240 -17.09 11.99 -5.40
CA GLU C 240 -17.51 13.05 -6.35
C GLU C 240 -17.15 12.66 -7.79
N ALA C 241 -17.84 13.26 -8.74
CA ALA C 241 -17.67 12.94 -10.18
C ALA C 241 -16.21 13.18 -10.59
N GLY C 242 -15.63 12.21 -11.28
CA GLY C 242 -14.26 12.33 -11.82
C GLY C 242 -13.18 11.98 -10.82
N SER C 243 -13.54 11.52 -9.61
CA SER C 243 -12.56 11.10 -8.59
C SER C 243 -12.71 9.59 -8.33
N SER C 244 -11.84 9.07 -7.48
CA SER C 244 -11.86 7.67 -7.05
C SER C 244 -11.91 7.61 -5.53
N GLY C 245 -12.55 6.57 -5.02
CA GLY C 245 -12.61 6.27 -3.59
C GLY C 245 -12.47 4.79 -3.33
N SER C 246 -11.72 4.42 -2.30
CA SER C 246 -11.51 3.00 -1.95
C SER C 246 -11.69 2.80 -0.46
N ILE C 247 -12.28 1.67 -0.11
CA ILE C 247 -12.37 1.18 1.28
C ILE C 247 -11.44 -0.03 1.40
N ILE C 248 -10.51 0.04 2.33
CA ILE C 248 -9.43 -0.98 2.49
C ILE C 248 -9.63 -1.69 3.82
N GLN C 249 -9.50 -3.00 3.81
CA GLN C 249 -9.45 -3.82 5.04
C GLN C 249 -8.06 -4.45 5.11
N PRO C 250 -7.05 -3.74 5.66
CA PRO C 250 -5.76 -4.37 5.87
C PRO C 250 -5.84 -5.27 7.11
N ARG C 251 -4.93 -6.23 7.18
CA ARG C 251 -4.88 -7.14 8.34
C ARG C 251 -3.87 -6.62 9.37
N LEU C 252 -4.07 -5.37 9.79
CA LEU C 252 -3.25 -4.81 10.89
C LEU C 252 -3.60 -5.55 12.19
N ARG C 253 -4.88 -5.86 12.38
CA ARG C 253 -5.33 -6.80 13.42
C ARG C 253 -6.04 -7.95 12.71
N ASN C 254 -5.64 -9.16 13.02
CA ASN C 254 -6.15 -10.38 12.33
C ASN C 254 -7.41 -10.90 13.00
N THR C 255 -7.91 -10.27 14.06
CA THR C 255 -9.08 -10.77 14.79
C THR C 255 -10.31 -10.73 13.88
N THR C 256 -11.06 -11.80 13.88
CA THR C 256 -12.40 -11.88 13.27
C THR C 256 -13.40 -12.35 14.31
N ARG C 257 -14.68 -12.10 14.06
CA ARG C 257 -15.77 -12.38 15.01
C ARG C 257 -16.80 -13.27 14.35
N PRO C 258 -16.59 -14.61 14.34
CA PRO C 258 -17.61 -15.51 13.83
C PRO C 258 -18.88 -15.51 14.69
N LEU C 259 -20.00 -15.77 14.05
CA LEU C 259 -21.32 -15.87 14.72
C LEU C 259 -21.80 -17.31 14.65
N PHE C 260 -22.31 -17.81 15.76
CA PHE C 260 -22.70 -19.23 15.87
C PHE C 260 -24.01 -19.33 16.66
N THR C 261 -24.92 -20.15 16.17
CA THR C 261 -26.15 -20.51 16.90
C THR C 261 -26.40 -22.01 16.73
N THR C 262 -26.97 -22.62 17.74
CA THR C 262 -27.22 -24.07 17.79
C THR C 262 -28.56 -24.34 18.44
N SER C 263 -29.08 -25.54 18.21
CA SER C 263 -30.36 -26.02 18.79
C SER C 263 -30.11 -26.97 19.96
N ASN C 264 -28.89 -27.46 20.12
CA ASN C 264 -28.54 -28.39 21.22
C ASN C 264 -27.09 -28.15 21.57
N ASP C 265 -26.84 -27.30 22.55
CA ASP C 265 -25.46 -26.91 22.93
C ASP C 265 -24.74 -28.09 23.59
N ALA C 266 -25.47 -29.03 24.18
CA ALA C 266 -24.85 -30.21 24.82
C ALA C 266 -24.14 -31.03 23.75
N LYS C 267 -24.77 -31.24 22.60
CA LYS C 267 -24.24 -32.07 21.50
C LYS C 267 -23.50 -31.18 20.49
N PHE C 268 -24.19 -30.21 19.90
CA PHE C 268 -23.60 -29.29 18.91
C PHE C 268 -23.14 -28.04 19.62
N SER C 269 -22.00 -28.12 20.27
CA SER C 269 -21.33 -26.93 20.86
C SER C 269 -20.61 -26.14 19.76
N GLN C 270 -19.99 -25.04 20.12
CA GLN C 270 -19.20 -24.24 19.14
C GLN C 270 -17.94 -25.03 18.75
N GLN C 271 -17.22 -25.57 19.72
CA GLN C 271 -15.99 -26.35 19.45
C GLN C 271 -16.31 -27.58 18.61
N TYR C 272 -17.43 -28.24 18.91
CA TYR C 272 -17.87 -29.43 18.13
C TYR C 272 -18.11 -29.01 16.67
N THR C 273 -18.79 -27.88 16.48
CA THR C 273 -19.09 -27.39 15.12
C THR C 273 -17.78 -27.06 14.39
N GLU C 274 -16.84 -26.44 15.07
CA GLU C 274 -15.54 -26.08 14.42
C GLU C 274 -14.78 -27.35 14.05
N GLU C 275 -14.81 -28.35 14.92
CA GLU C 275 -14.14 -29.64 14.62
C GLU C 275 -14.80 -30.30 13.40
N ARG C 276 -16.12 -30.27 13.31
CA ARG C 276 -16.82 -30.87 12.14
C ARG C 276 -16.54 -30.06 10.88
N LEU C 277 -16.44 -28.74 10.99
CA LEU C 277 -16.07 -27.90 9.82
C LEU C 277 -14.65 -28.28 9.36
N LYS C 278 -13.74 -28.50 10.30
CA LYS C 278 -12.37 -28.94 9.97
C LYS C 278 -12.43 -30.31 9.29
N ASP C 279 -13.29 -31.20 9.77
CA ASP C 279 -13.42 -32.55 9.16
C ASP C 279 -13.91 -32.41 7.72
N ALA C 280 -14.89 -31.54 7.48
CA ALA C 280 -15.57 -31.46 6.17
C ALA C 280 -14.70 -30.66 5.17
N PHE C 281 -14.45 -29.39 5.44
CA PHE C 281 -13.84 -28.45 4.46
C PHE C 281 -12.44 -28.07 4.88
N ASN C 282 -11.87 -28.67 5.94
CA ASN C 282 -10.49 -28.38 6.40
C ASN C 282 -10.33 -26.90 6.77
N VAL C 283 -11.35 -26.30 7.36
CA VAL C 283 -11.27 -24.89 7.82
C VAL C 283 -10.36 -24.86 9.05
N GLN C 284 -9.32 -24.04 9.01
CA GLN C 284 -8.31 -24.02 10.10
C GLN C 284 -8.45 -22.76 10.95
N LEU C 285 -8.62 -21.61 10.34
CA LEU C 285 -8.61 -20.32 11.07
C LEU C 285 -10.03 -19.79 11.17
N PHE C 286 -10.58 -19.74 12.38
CA PHE C 286 -11.95 -19.22 12.62
C PHE C 286 -11.91 -17.78 13.13
N ASN C 287 -11.20 -17.52 14.21
CA ASN C 287 -11.15 -16.17 14.82
C ASN C 287 -10.06 -15.33 14.15
N THR C 288 -9.25 -15.91 13.25
CA THR C 288 -8.11 -15.21 12.66
C THR C 288 -8.22 -15.26 11.13
N SER C 289 -7.82 -14.18 10.49
CA SER C 289 -7.77 -14.10 9.01
C SER C 289 -6.54 -13.28 8.62
N THR C 290 -5.94 -13.65 7.50
CA THR C 290 -4.76 -12.95 6.95
C THR C 290 -5.06 -12.35 5.58
N SER C 291 -6.09 -12.85 4.89
CA SER C 291 -6.51 -12.34 3.56
C SER C 291 -6.90 -10.86 3.65
N LEU C 292 -6.52 -10.07 2.66
CA LEU C 292 -6.89 -8.63 2.56
C LEU C 292 -7.89 -8.46 1.43
N PHE C 293 -8.96 -7.72 1.67
CA PHE C 293 -9.94 -7.36 0.60
C PHE C 293 -10.05 -5.84 0.53
N LYS C 294 -10.33 -5.34 -0.67
CA LYS C 294 -10.39 -3.90 -0.92
C LYS C 294 -11.32 -3.62 -2.10
N PHE C 295 -12.16 -2.62 -1.95
CA PHE C 295 -13.13 -2.20 -2.98
C PHE C 295 -12.77 -0.80 -3.44
N VAL C 296 -12.68 -0.63 -4.75
CA VAL C 296 -12.32 0.65 -5.39
C VAL C 296 -13.38 0.97 -6.43
N GLU C 297 -13.89 2.19 -6.42
CA GLU C 297 -14.87 2.64 -7.43
C GLU C 297 -14.44 4.01 -7.95
N GLU C 298 -14.48 4.16 -9.26
CA GLU C 298 -14.20 5.43 -9.95
C GLU C 298 -15.53 6.04 -10.38
N ALA C 299 -15.78 7.28 -9.97
CA ALA C 299 -17.05 7.93 -10.31
C ALA C 299 -16.98 8.45 -11.74
N PRO C 300 -18.06 8.28 -12.54
CA PRO C 300 -18.13 8.92 -13.85
C PRO C 300 -18.14 10.44 -13.72
N SER C 301 -17.65 11.11 -14.75
CA SER C 301 -17.46 12.59 -14.75
C SER C 301 -18.79 13.36 -14.70
N ASN C 302 -19.95 12.69 -14.82
CA ASN C 302 -21.25 13.41 -14.76
C ASN C 302 -22.11 12.95 -13.58
N LYS C 303 -21.66 12.02 -12.77
CA LYS C 303 -22.41 11.56 -11.59
C LYS C 303 -21.46 11.45 -10.40
N ASN C 304 -21.91 11.92 -9.26
CA ASN C 304 -21.24 11.66 -7.97
C ASN C 304 -21.98 10.49 -7.32
N ILE C 305 -21.27 9.43 -6.95
CA ILE C 305 -21.91 8.17 -6.50
C ILE C 305 -21.33 7.74 -5.16
N CYS C 306 -22.05 6.86 -4.48
CA CYS C 306 -21.66 6.34 -3.15
C CYS C 306 -21.46 4.82 -3.22
N ILE C 307 -20.57 4.32 -2.38
CA ILE C 307 -20.31 2.87 -2.24
C ILE C 307 -20.48 2.50 -0.76
N LYS C 308 -21.09 1.35 -0.53
CA LYS C 308 -21.25 0.78 0.83
C LYS C 308 -20.45 -0.52 0.90
N ALA C 309 -19.63 -0.66 1.93
CA ALA C 309 -18.85 -1.87 2.21
C ALA C 309 -19.39 -2.55 3.46
N TYR C 310 -19.45 -3.88 3.41
CA TYR C 310 -19.96 -4.70 4.52
C TYR C 310 -18.94 -5.77 4.84
N ASN C 311 -19.09 -6.31 6.05
CA ASN C 311 -18.39 -7.54 6.48
C ASN C 311 -19.31 -8.71 6.15
N THR C 312 -18.76 -9.73 5.53
CA THR C 312 -19.55 -10.90 5.09
C THR C 312 -19.20 -12.14 5.90
N TYR C 313 -20.15 -13.06 5.91
CA TYR C 313 -19.97 -14.37 6.58
C TYR C 313 -20.31 -15.46 5.58
N GLU C 314 -19.66 -16.60 5.78
CA GLU C 314 -19.90 -17.82 4.96
C GLU C 314 -20.72 -18.78 5.82
N LYS C 315 -21.95 -19.01 5.42
CA LYS C 315 -22.90 -19.79 6.25
C LYS C 315 -22.57 -21.27 6.17
N TYR C 316 -22.44 -21.91 7.32
CA TYR C 316 -22.28 -23.37 7.41
C TYR C 316 -23.36 -23.93 8.33
N GLU C 317 -23.92 -25.07 7.97
CA GLU C 317 -24.89 -25.77 8.82
C GLU C 317 -24.38 -27.18 9.12
N LEU C 318 -24.35 -27.53 10.40
CA LEU C 318 -24.10 -28.91 10.84
C LEU C 318 -25.44 -29.52 11.25
N ILE C 319 -25.85 -30.55 10.53
CA ILE C 319 -27.15 -31.21 10.77
C ILE C 319 -26.94 -32.66 11.18
N ASP C 320 -27.91 -33.21 11.89
CA ASP C 320 -27.94 -34.63 12.27
C ASP C 320 -29.21 -35.23 11.65
N TYR C 321 -29.10 -35.67 10.42
CA TYR C 321 -30.25 -36.23 9.67
C TYR C 321 -30.47 -37.67 10.15
N GLN C 322 -31.63 -37.94 10.73
CA GLN C 322 -31.93 -39.28 11.28
C GLN C 322 -33.34 -39.69 10.86
N ASN C 323 -33.45 -40.82 10.17
CA ASN C 323 -34.74 -41.47 9.81
C ASN C 323 -35.62 -40.50 9.03
N GLY C 324 -35.01 -39.59 8.28
CA GLY C 324 -35.74 -38.71 7.36
C GLY C 324 -35.99 -37.31 7.90
N SER C 325 -35.68 -37.06 9.16
CA SER C 325 -35.93 -35.74 9.79
C SER C 325 -34.66 -35.17 10.39
N ILE C 326 -34.55 -33.85 10.39
CA ILE C 326 -33.40 -33.15 11.02
C ILE C 326 -33.61 -33.15 12.53
N VAL C 327 -32.67 -33.71 13.26
CA VAL C 327 -32.78 -33.84 14.74
C VAL C 327 -31.97 -32.71 15.40
N ASN C 328 -30.81 -32.41 14.85
CA ASN C 328 -29.92 -31.36 15.40
C ASN C 328 -29.54 -30.41 14.29
N LYS C 329 -29.26 -29.16 14.66
CA LYS C 329 -28.78 -28.16 13.68
C LYS C 329 -27.96 -27.11 14.40
N ALA C 330 -26.79 -26.82 13.87
CA ALA C 330 -25.89 -25.75 14.34
C ALA C 330 -25.49 -24.89 13.14
N GLU C 331 -25.71 -23.59 13.25
CA GLU C 331 -25.39 -22.64 12.16
C GLU C 331 -24.11 -21.91 12.51
N TYR C 332 -23.11 -21.99 11.63
CA TYR C 332 -21.82 -21.31 11.82
C TYR C 332 -21.59 -20.34 10.67
N TYR C 333 -21.27 -19.10 11.01
CA TYR C 333 -21.06 -18.03 10.02
C TYR C 333 -19.59 -17.63 10.07
N LEU C 334 -18.77 -18.29 9.25
CA LEU C 334 -17.34 -17.98 9.17
C LEU C 334 -17.18 -16.63 8.47
N PRO C 335 -16.42 -15.69 9.02
CA PRO C 335 -16.23 -14.38 8.39
C PRO C 335 -15.58 -14.44 7.01
N SER C 336 -16.26 -13.86 6.03
CA SER C 336 -15.84 -13.89 4.61
C SER C 336 -15.06 -12.63 4.25
N LEU C 337 -14.87 -12.36 2.96
CA LEU C 337 -14.01 -11.25 2.47
C LEU C 337 -14.80 -10.09 1.93
N GLY C 338 -15.97 -9.81 2.48
CA GLY C 338 -16.63 -8.51 2.27
C GLY C 338 -17.55 -8.48 1.07
N TYR C 339 -18.39 -7.45 1.03
CA TYR C 339 -19.39 -7.21 -0.04
C TYR C 339 -19.54 -5.72 -0.24
N CYS C 340 -19.44 -5.27 -1.48
CA CYS C 340 -19.52 -3.85 -1.84
C CYS C 340 -20.79 -3.64 -2.67
N GLU C 341 -21.55 -2.62 -2.30
CA GLU C 341 -22.75 -2.20 -3.05
C GLU C 341 -22.48 -0.81 -3.62
N VAL C 342 -22.66 -0.66 -4.93
CA VAL C 342 -22.36 0.60 -5.64
C VAL C 342 -23.66 1.13 -6.21
N THR C 343 -24.02 2.35 -5.82
CA THR C 343 -25.27 2.99 -6.28
C THR C 343 -25.03 4.46 -6.52
N ASN C 344 -25.81 5.05 -7.40
CA ASN C 344 -25.71 6.49 -7.69
C ASN C 344 -26.20 7.25 -6.47
N ALA C 345 -25.44 8.25 -6.04
CA ALA C 345 -25.78 9.02 -4.82
C ALA C 345 -27.01 9.87 -5.14
N PRO C 346 -28.12 9.74 -4.38
CA PRO C 346 -29.24 10.64 -4.57
C PRO C 346 -28.95 12.02 -3.96
N SER C 347 -29.87 12.96 -4.21
CA SER C 347 -29.76 14.34 -3.66
C SER C 347 -29.75 14.23 -2.14
N PRO C 348 -28.82 14.94 -1.44
CA PRO C 348 -28.80 14.95 0.02
C PRO C 348 -30.12 15.48 0.59
N GLU C 349 -31.04 15.90 -0.28
CA GLU C 349 -32.33 16.48 0.16
C GLU C 349 -33.49 15.72 -0.47
N SER C 350 -33.95 14.67 0.20
CA SER C 350 -35.19 13.97 -0.23
C SER C 350 -36.13 13.74 0.96
N GLU C 351 -37.37 13.40 0.67
CA GLU C 351 -38.39 13.07 1.70
C GLU C 351 -37.83 12.02 2.66
N VAL C 352 -37.80 12.33 3.96
CA VAL C 352 -37.29 11.38 4.98
C VAL C 352 -38.47 10.59 5.52
N VAL C 353 -38.60 9.34 5.07
CA VAL C 353 -39.71 8.48 5.50
C VAL C 353 -39.25 7.71 6.73
N LYS C 354 -39.89 7.98 7.86
CA LYS C 354 -39.52 7.33 9.14
C LYS C 354 -39.82 5.84 9.06
N THR C 355 -38.82 5.03 9.36
CA THR C 355 -38.88 3.57 9.12
C THR C 355 -38.58 2.79 10.40
N GLN C 356 -39.24 1.66 10.56
CA GLN C 356 -38.95 0.74 11.67
C GLN C 356 -37.80 -0.16 11.26
N VAL C 357 -36.93 -0.47 12.21
CA VAL C 357 -35.77 -1.34 11.96
C VAL C 357 -36.29 -2.75 11.66
N ALA C 358 -35.65 -3.43 10.73
CA ALA C 358 -36.03 -4.80 10.35
C ALA C 358 -35.69 -5.76 11.50
N GLU C 359 -36.34 -6.91 11.50
CA GLU C 359 -36.08 -7.99 12.48
C GLU C 359 -34.67 -8.53 12.28
N ASP C 360 -34.11 -9.09 13.34
CA ASP C 360 -32.77 -9.72 13.33
C ASP C 360 -32.76 -10.86 12.32
N GLY C 361 -31.75 -10.89 11.46
CA GLY C 361 -31.67 -11.93 10.43
C GLY C 361 -30.47 -11.76 9.54
N PHE C 362 -30.43 -12.54 8.46
CA PHE C 362 -29.31 -12.56 7.51
C PHE C 362 -29.84 -12.35 6.09
N ILE C 363 -29.01 -11.74 5.27
CA ILE C 363 -29.27 -11.54 3.82
C ILE C 363 -28.08 -12.13 3.08
N GLN C 364 -28.34 -12.92 2.05
CA GLN C 364 -27.27 -13.48 1.20
C GLN C 364 -27.14 -12.63 -0.05
N ASN C 365 -25.98 -12.00 -0.25
CA ASN C 365 -25.71 -11.18 -1.44
C ASN C 365 -24.79 -11.91 -2.42
N GLY C 366 -24.25 -13.06 -2.05
CA GLY C 366 -23.43 -13.89 -2.94
C GLY C 366 -24.29 -14.84 -3.74
N PRO C 367 -23.70 -15.67 -4.60
CA PRO C 367 -24.47 -16.63 -5.38
C PRO C 367 -25.03 -17.79 -4.56
N GLU C 368 -26.01 -18.48 -5.12
CA GLU C 368 -26.64 -19.65 -4.46
C GLU C 368 -25.65 -20.81 -4.40
N GLU C 369 -25.56 -21.46 -3.25
CA GLU C 369 -24.65 -22.62 -3.09
C GLU C 369 -25.23 -23.60 -2.10
N GLU C 370 -25.03 -24.88 -2.36
CA GLU C 370 -25.38 -25.95 -1.41
C GLU C 370 -24.44 -27.12 -1.67
N ILE C 371 -23.37 -27.21 -0.88
CA ILE C 371 -22.42 -28.34 -0.95
C ILE C 371 -22.65 -29.16 0.32
N VAL C 372 -23.04 -30.41 0.14
CA VAL C 372 -23.33 -31.34 1.26
C VAL C 372 -22.15 -32.31 1.36
N VAL C 373 -21.50 -32.29 2.51
CA VAL C 373 -20.34 -33.19 2.77
C VAL C 373 -20.62 -33.95 4.05
N GLY C 374 -20.84 -35.26 3.92
CA GLY C 374 -21.00 -36.14 5.09
C GLY C 374 -19.70 -36.25 5.85
N VAL C 375 -19.79 -36.29 7.17
CA VAL C 375 -18.58 -36.37 8.03
C VAL C 375 -18.67 -37.61 8.89
N ILE C 376 -17.50 -38.13 9.24
CA ILE C 376 -17.40 -39.33 10.11
C ILE C 376 -17.89 -38.91 11.50
N ASP C 377 -18.73 -39.77 12.08
CA ASP C 377 -19.23 -39.58 13.46
C ASP C 377 -18.03 -39.63 14.41
N PRO C 378 -17.76 -38.57 15.19
CA PRO C 378 -16.62 -38.59 16.09
C PRO C 378 -16.82 -39.50 17.32
N SER C 379 -18.06 -39.91 17.59
CA SER C 379 -18.40 -40.76 18.76
C SER C 379 -18.44 -42.23 18.37
N GLU C 380 -17.72 -42.64 17.33
CA GLU C 380 -17.73 -44.05 16.87
C GLU C 380 -16.31 -44.48 16.55
N ASN C 381 -16.07 -45.78 16.69
CA ASN C 381 -14.70 -46.34 16.54
C ASN C 381 -14.39 -46.50 15.05
N ILE C 382 -13.14 -46.24 14.69
CA ILE C 382 -12.64 -46.44 13.30
C ILE C 382 -11.65 -47.59 13.34
N GLN C 383 -12.10 -48.75 12.89
CA GLN C 383 -11.21 -49.92 12.68
C GLN C 383 -10.62 -49.86 11.27
N GLU C 384 -9.51 -50.56 11.09
CA GLU C 384 -8.75 -50.45 9.82
C GLU C 384 -8.35 -51.85 9.34
N ILE C 385 -8.26 -52.00 8.03
CA ILE C 385 -7.72 -53.23 7.38
C ILE C 385 -6.46 -52.80 6.64
N ASN C 386 -5.30 -53.09 7.23
CA ASN C 386 -4.02 -52.51 6.75
C ASN C 386 -3.64 -53.12 5.40
N THR C 387 -3.88 -54.40 5.20
CA THR C 387 -3.53 -55.06 3.93
C THR C 387 -4.69 -54.89 2.95
N ALA C 388 -4.42 -54.34 1.77
CA ALA C 388 -5.45 -54.05 0.76
C ALA C 388 -6.12 -55.34 0.30
N ILE C 389 -7.42 -55.27 0.08
CA ILE C 389 -8.22 -56.46 -0.34
C ILE C 389 -7.88 -56.75 -1.79
N SER C 390 -7.51 -57.99 -2.09
CA SER C 390 -7.16 -58.41 -3.46
C SER C 390 -8.38 -59.05 -4.15
N ASP C 391 -8.81 -60.19 -3.66
CA ASP C 391 -9.96 -60.92 -4.24
C ASP C 391 -10.89 -61.43 -3.14
N ASN C 392 -10.35 -61.73 -1.96
CA ASN C 392 -11.14 -62.38 -0.88
C ASN C 392 -10.60 -61.89 0.46
N TYR C 393 -11.48 -61.36 1.28
CA TYR C 393 -11.15 -61.01 2.68
C TYR C 393 -12.31 -61.40 3.58
N THR C 394 -12.00 -61.64 4.83
CA THR C 394 -12.99 -62.03 5.85
C THR C 394 -12.61 -61.33 7.13
N TYR C 395 -13.15 -60.13 7.33
CA TYR C 395 -12.90 -59.36 8.55
C TYR C 395 -13.64 -60.01 9.72
N ASN C 396 -12.98 -60.08 10.87
CA ASN C 396 -13.55 -60.62 12.11
C ASN C 396 -13.89 -59.46 13.03
N ILE C 397 -15.15 -59.37 13.43
CA ILE C 397 -15.59 -58.28 14.35
C ILE C 397 -15.03 -58.55 15.74
N PRO C 398 -14.23 -57.62 16.30
CA PRO C 398 -13.66 -57.79 17.64
C PRO C 398 -14.69 -57.84 18.77
N ILE C 400 -12.76 -53.39 22.57
CA ILE C 400 -13.39 -54.00 21.35
C ILE C 400 -14.79 -53.42 21.13
N VAL C 401 -15.35 -53.72 19.99
CA VAL C 401 -16.68 -53.25 19.51
C VAL C 401 -17.75 -54.29 19.76
N ASN C 402 -18.39 -54.31 20.90
CA ASN C 402 -19.50 -55.26 21.16
C ASN C 402 -20.77 -54.43 21.10
N ASN C 403 -21.39 -54.39 19.92
CA ASN C 403 -22.67 -53.71 19.62
C ASN C 403 -22.63 -52.19 19.36
N ASN C 404 -21.57 -51.44 19.67
CA ASN C 404 -21.52 -50.04 19.21
C ASN C 404 -21.27 -50.00 17.71
N PRO C 405 -21.89 -49.05 16.98
CA PRO C 405 -21.58 -48.86 15.57
C PRO C 405 -20.13 -48.39 15.40
N PHE C 406 -19.51 -48.82 14.32
CA PHE C 406 -18.09 -48.48 14.05
C PHE C 406 -17.83 -48.56 12.55
N TYR C 407 -16.72 -47.97 12.16
CA TYR C 407 -16.27 -47.88 10.76
C TYR C 407 -15.15 -48.88 10.52
N ILE C 408 -15.04 -49.32 9.28
CA ILE C 408 -13.93 -50.19 8.82
C ILE C 408 -13.26 -49.47 7.65
N LEU C 409 -12.12 -48.86 7.90
CA LEU C 409 -11.37 -48.16 6.84
C LEU C 409 -10.53 -49.20 6.11
N PHE C 410 -10.64 -49.23 4.79
CA PHE C 410 -9.94 -50.24 3.98
C PHE C 410 -9.80 -49.72 2.56
N THR C 411 -9.09 -50.50 1.74
CA THR C 411 -8.89 -50.23 0.31
C THR C 411 -8.70 -51.56 -0.40
N VAL C 412 -8.84 -51.52 -1.71
CA VAL C 412 -8.72 -52.73 -2.56
C VAL C 412 -7.39 -52.69 -3.31
N ASN C 413 -6.95 -53.83 -3.77
CA ASN C 413 -5.65 -53.96 -4.47
C ASN C 413 -5.78 -53.39 -5.88
N THR C 414 -6.90 -53.65 -6.54
CA THR C 414 -7.14 -53.14 -7.92
C THR C 414 -8.63 -52.86 -8.09
N THR C 415 -8.94 -51.99 -9.03
CA THR C 415 -10.33 -51.56 -9.29
C THR C 415 -11.17 -52.76 -9.72
N GLY C 416 -12.36 -52.87 -9.16
CA GLY C 416 -13.29 -53.97 -9.48
C GLY C 416 -14.58 -53.83 -8.73
N ILE C 417 -15.52 -54.72 -9.04
CA ILE C 417 -16.85 -54.76 -8.39
C ILE C 417 -16.79 -55.79 -7.27
N TYR C 418 -17.01 -55.34 -6.04
CA TYR C 418 -16.92 -56.21 -4.85
C TYR C 418 -18.30 -56.35 -4.23
N LYS C 419 -18.68 -57.58 -3.90
CA LYS C 419 -19.89 -57.88 -3.12
C LYS C 419 -19.50 -57.96 -1.64
N ILE C 420 -20.05 -57.06 -0.83
CA ILE C 420 -19.70 -56.96 0.60
C ILE C 420 -20.94 -57.35 1.40
N ASN C 421 -20.82 -58.41 2.19
CA ASN C 421 -21.94 -58.93 3.01
C ASN C 421 -21.44 -59.24 4.41
N ALA C 422 -22.36 -59.63 5.28
CA ALA C 422 -22.05 -60.09 6.64
C ALA C 422 -22.64 -61.49 6.80
N GLN C 423 -22.36 -62.13 7.93
CA GLN C 423 -22.84 -63.52 8.18
C GLN C 423 -24.37 -63.50 8.14
N ASN C 424 -24.95 -64.25 7.19
CA ASN C 424 -26.41 -64.36 6.99
C ASN C 424 -27.03 -63.01 6.61
N ASN C 425 -26.20 -62.03 6.24
CA ASN C 425 -26.64 -60.71 5.72
C ASN C 425 -27.45 -59.93 6.76
N LEU C 426 -27.49 -60.37 8.01
CA LEU C 426 -28.34 -59.72 9.04
C LEU C 426 -27.90 -58.28 9.30
N PRO C 427 -26.61 -57.97 9.59
CA PRO C 427 -26.21 -56.58 9.72
C PRO C 427 -26.10 -55.89 8.34
N SER C 428 -27.01 -54.97 8.07
CA SER C 428 -27.04 -54.21 6.80
C SER C 428 -25.94 -53.16 6.84
N LEU C 429 -24.90 -53.34 6.04
CA LEU C 429 -23.75 -52.41 6.06
C LEU C 429 -24.03 -51.21 5.15
N LYS C 430 -23.26 -50.15 5.31
CA LYS C 430 -23.32 -48.98 4.44
C LYS C 430 -21.91 -48.57 4.06
N ILE C 431 -21.65 -48.49 2.77
CA ILE C 431 -20.30 -48.19 2.24
C ILE C 431 -20.20 -46.68 2.01
N TYR C 432 -19.09 -46.10 2.39
CA TYR C 432 -18.77 -44.68 2.14
C TYR C 432 -17.44 -44.60 1.39
N GLU C 433 -17.16 -43.40 0.89
CA GLU C 433 -15.88 -43.09 0.23
C GLU C 433 -15.31 -41.83 0.84
N ALA C 434 -14.03 -41.87 1.20
CA ALA C 434 -13.29 -40.69 1.70
C ALA C 434 -13.01 -39.75 0.52
N ILE C 435 -13.55 -38.54 0.56
CA ILE C 435 -13.40 -37.56 -0.55
C ILE C 435 -11.95 -37.10 -0.60
N GLY C 436 -11.32 -37.30 -1.75
CA GLY C 436 -9.93 -36.86 -2.01
C GLY C 436 -8.86 -37.80 -1.44
N SER C 437 -9.18 -39.08 -1.35
CA SER C 437 -8.21 -40.12 -0.92
C SER C 437 -7.51 -40.69 -2.16
N GLY C 438 -6.22 -40.94 -2.03
CA GLY C 438 -5.37 -41.53 -3.07
C GLY C 438 -4.66 -40.49 -3.92
N ASN C 439 -4.80 -39.20 -3.60
CA ASN C 439 -4.14 -38.13 -4.38
C ASN C 439 -2.73 -37.83 -3.83
N ARG C 440 -2.23 -38.64 -2.90
CA ARG C 440 -1.10 -38.23 -2.03
C ARG C 440 -0.28 -39.49 -1.73
N ASN C 441 0.40 -39.54 -0.59
CA ASN C 441 1.29 -40.67 -0.20
C ASN C 441 0.64 -42.01 -0.56
N PHE C 442 1.44 -42.92 -1.10
CA PHE C 442 0.94 -44.21 -1.62
C PHE C 442 1.98 -45.30 -1.33
N GLN C 443 1.51 -46.46 -0.91
CA GLN C 443 2.34 -47.67 -0.74
C GLN C 443 1.58 -48.84 -1.35
N SER C 444 2.23 -49.55 -2.27
CA SER C 444 1.58 -50.64 -3.03
C SER C 444 1.24 -51.81 -2.09
N GLY C 445 0.00 -52.28 -2.14
CA GLY C 445 -0.45 -53.48 -1.42
C GLY C 445 -0.76 -53.22 0.05
N ASN C 446 -0.68 -51.98 0.51
CA ASN C 446 -0.97 -51.63 1.93
C ASN C 446 -1.91 -50.42 1.95
N LEU C 447 -2.77 -50.38 2.96
CA LEU C 447 -3.63 -49.21 3.20
C LEU C 447 -2.77 -48.06 3.70
N CYS C 448 -2.95 -46.90 3.09
CA CYS C 448 -2.29 -45.65 3.53
C CYS C 448 -3.36 -44.76 4.14
N ASP C 449 -3.38 -44.67 5.46
CA ASP C 449 -4.36 -43.82 6.18
C ASP C 449 -4.15 -42.34 5.79
N ASP C 450 -5.23 -41.66 5.45
CA ASP C 450 -5.20 -40.24 5.06
C ASP C 450 -5.89 -39.36 6.11
N ASP C 451 -6.60 -39.96 7.07
CA ASP C 451 -7.29 -39.22 8.15
C ASP C 451 -8.27 -38.23 7.54
N ILE C 452 -8.98 -38.65 6.51
CA ILE C 452 -10.04 -37.81 5.88
C ILE C 452 -11.36 -38.26 6.48
N LYS C 453 -12.02 -37.35 7.18
CA LYS C 453 -13.32 -37.63 7.81
C LYS C 453 -14.45 -37.18 6.90
N ALA C 454 -14.15 -36.56 5.75
CA ALA C 454 -15.17 -36.19 4.74
C ALA C 454 -15.53 -37.44 3.96
N ILE C 455 -16.77 -37.89 4.05
CA ILE C 455 -17.19 -39.19 3.46
C ILE C 455 -18.30 -38.93 2.46
N ASN C 456 -18.42 -39.82 1.49
CA ASN C 456 -19.49 -39.76 0.47
C ASN C 456 -20.26 -41.08 0.48
N TYR C 457 -21.55 -41.00 0.76
CA TYR C 457 -22.43 -42.18 0.81
C TYR C 457 -22.50 -42.80 -0.59
N ILE C 458 -22.54 -44.12 -0.64
CA ILE C 458 -22.62 -44.86 -1.93
C ILE C 458 -23.91 -45.67 -1.94
N THR C 459 -24.02 -46.63 -1.03
CA THR C 459 -25.23 -47.48 -0.93
C THR C 459 -25.25 -48.17 0.42
N GLY C 460 -26.39 -48.71 0.79
CA GLY C 460 -26.59 -49.37 2.08
C GLY C 460 -27.80 -48.85 2.82
N PHE C 461 -28.32 -49.64 3.75
CA PHE C 461 -29.56 -49.31 4.49
C PHE C 461 -29.24 -49.03 5.95
N ASP C 462 -30.03 -48.12 6.52
CA ASP C 462 -30.02 -47.83 7.97
C ASP C 462 -31.03 -48.75 8.65
N SER C 463 -30.71 -50.03 8.64
CA SER C 463 -31.50 -51.10 9.31
C SER C 463 -30.59 -52.29 9.58
N ASN C 465 -31.35 -55.16 10.87
CA ASN C 465 -32.60 -55.98 10.96
C ASN C 465 -33.22 -56.08 9.56
N ALA C 466 -32.39 -56.25 8.56
CA ALA C 466 -32.79 -56.35 7.14
C ALA C 466 -31.68 -57.10 6.42
N LYS C 467 -32.01 -58.22 5.81
CA LYS C 467 -31.02 -59.01 5.05
C LYS C 467 -30.65 -58.27 3.77
N SER C 468 -29.37 -58.01 3.56
CA SER C 468 -28.90 -57.30 2.36
C SER C 468 -27.41 -57.56 2.17
N TYR C 469 -26.95 -57.42 0.94
CA TYR C 469 -25.51 -57.36 0.62
C TYR C 469 -25.30 -56.27 -0.41
N LEU C 470 -24.12 -55.67 -0.40
CA LEU C 470 -23.79 -54.52 -1.26
C LEU C 470 -23.00 -55.01 -2.47
N VAL C 471 -23.41 -54.59 -3.65
CA VAL C 471 -22.61 -54.75 -4.89
C VAL C 471 -22.16 -53.36 -5.31
N VAL C 472 -20.87 -53.13 -5.28
CA VAL C 472 -20.31 -51.77 -5.50
C VAL C 472 -18.99 -51.89 -6.24
N LEU C 473 -18.69 -50.90 -7.07
CA LEU C 473 -17.38 -50.78 -7.74
C LEU C 473 -16.47 -49.91 -6.88
N LEU C 474 -15.31 -50.45 -6.54
CA LEU C 474 -14.33 -49.76 -5.68
C LEU C 474 -13.08 -49.43 -6.48
N ASN C 475 -12.58 -48.23 -6.32
CA ASN C 475 -11.33 -47.79 -7.00
C ASN C 475 -10.12 -48.33 -6.25
N LYS C 476 -8.98 -48.37 -6.93
CA LYS C 476 -7.75 -49.01 -6.43
C LYS C 476 -7.26 -48.31 -5.16
N ASP C 477 -6.84 -47.06 -5.26
CA ASP C 477 -6.08 -46.43 -4.15
C ASP C 477 -7.01 -45.72 -3.17
N LYS C 478 -8.30 -45.57 -3.49
CA LYS C 478 -9.24 -44.82 -2.64
C LYS C 478 -9.50 -45.60 -1.34
N ASN C 479 -9.73 -44.85 -0.29
CA ASN C 479 -10.10 -45.39 1.04
C ASN C 479 -11.61 -45.41 1.17
N TYR C 480 -12.13 -46.49 1.73
CA TYR C 480 -13.59 -46.72 1.85
C TYR C 480 -13.93 -47.08 3.28
N TYR C 481 -15.10 -46.63 3.72
CA TYR C 481 -15.63 -46.90 5.06
C TYR C 481 -16.84 -47.82 4.96
N ILE C 482 -16.91 -48.78 5.87
CA ILE C 482 -18.09 -49.68 6.02
C ILE C 482 -18.61 -49.50 7.42
N ARG C 483 -19.74 -48.81 7.55
CA ARG C 483 -20.36 -48.59 8.87
C ARG C 483 -21.16 -49.83 9.23
N VAL C 484 -20.65 -50.60 10.19
CA VAL C 484 -21.40 -51.76 10.72
C VAL C 484 -22.46 -51.21 11.67
N PRO C 485 -23.74 -51.57 11.49
CA PRO C 485 -24.78 -51.00 12.34
C PRO C 485 -24.72 -51.55 13.76
N GLN C 486 -25.43 -50.86 14.65
CA GLN C 486 -25.58 -51.27 16.06
C GLN C 486 -26.30 -52.62 16.10
N THR C 487 -25.58 -53.67 16.42
CA THR C 487 -26.17 -55.03 16.51
C THR C 487 -26.84 -55.19 17.88
N SER C 488 -27.47 -56.34 18.12
CA SER C 488 -28.14 -56.65 19.42
C SER C 488 -27.79 -58.06 19.87
N SER C 489 -26.62 -58.56 19.50
CA SER C 489 -26.20 -59.95 19.85
C SER C 489 -24.73 -59.98 20.23
N ASN C 490 -24.32 -61.04 20.90
CA ASN C 490 -22.93 -61.23 21.36
C ASN C 490 -22.18 -62.20 20.45
N ILE C 491 -22.86 -62.88 19.52
CA ILE C 491 -22.21 -63.83 18.61
C ILE C 491 -21.19 -63.27 17.63
N GLU C 492 -20.16 -64.05 17.30
CA GLU C 492 -19.10 -63.56 16.37
C GLU C 492 -19.54 -63.34 14.94
N ASN C 493 -19.57 -62.09 14.47
CA ASN C 493 -19.98 -61.79 13.08
C ASN C 493 -18.72 -61.59 12.24
N GLN C 494 -18.89 -61.59 10.94
CA GLN C 494 -17.79 -61.40 9.99
C GLN C 494 -18.23 -60.50 8.84
N ILE C 495 -17.33 -59.67 8.36
CA ILE C 495 -17.53 -58.88 7.11
C ILE C 495 -16.71 -59.56 6.00
N LYS C 496 -17.39 -59.88 4.91
CA LYS C 496 -16.78 -60.59 3.77
C LYS C 496 -16.70 -59.66 2.56
N PHE C 497 -15.56 -59.67 1.89
CA PHE C 497 -15.35 -58.96 0.60
C PHE C 497 -15.01 -60.02 -0.45
N LYS C 498 -15.70 -59.96 -1.58
CA LYS C 498 -15.46 -60.89 -2.71
C LYS C 498 -15.54 -60.13 -4.01
N ARG C 499 -14.54 -60.31 -4.86
CA ARG C 499 -14.51 -59.65 -6.17
C ARG C 499 -15.48 -60.34 -7.11
N GLU C 500 -16.30 -59.56 -7.80
CA GLU C 500 -17.35 -60.09 -8.71
C GLU C 500 -16.79 -60.11 -10.13
N GLU C 501 -16.54 -61.30 -10.65
CA GLU C 501 -16.04 -61.50 -12.03
C GLU C 501 -17.16 -62.11 -12.89
N GLY C 502 -18.40 -62.20 -12.38
CA GLY C 502 -19.49 -62.86 -13.10
C GLY C 502 -20.58 -61.89 -13.51
N ASP C 503 -21.77 -62.41 -13.72
CA ASP C 503 -22.93 -61.61 -14.21
C ASP C 503 -23.46 -60.70 -13.10
N LEU C 504 -23.00 -60.86 -11.86
CA LEU C 504 -23.46 -60.02 -10.73
C LEU C 504 -22.96 -58.57 -10.89
N ARG C 505 -22.06 -58.31 -11.82
CA ARG C 505 -21.53 -56.94 -12.06
C ARG C 505 -22.64 -56.01 -12.57
N ASN C 506 -23.77 -56.56 -13.04
CA ASN C 506 -24.90 -55.74 -13.53
C ASN C 506 -25.51 -54.92 -12.39
N LEU C 507 -25.40 -55.41 -11.15
CA LEU C 507 -26.01 -54.72 -9.97
C LEU C 507 -25.04 -53.73 -9.34
N MET C 508 -24.13 -53.15 -10.12
CA MET C 508 -23.06 -52.29 -9.57
C MET C 508 -23.67 -51.06 -8.87
N ASN C 509 -23.10 -50.70 -7.73
CA ASN C 509 -23.49 -49.51 -6.93
C ASN C 509 -24.97 -49.63 -6.50
N SER C 510 -25.35 -50.79 -6.00
CA SER C 510 -26.71 -51.02 -5.48
C SER C 510 -26.63 -52.01 -4.32
N SER C 511 -27.61 -51.93 -3.44
CA SER C 511 -27.76 -52.82 -2.28
C SER C 511 -28.98 -53.72 -2.52
N VAL C 512 -28.77 -55.02 -2.40
CA VAL C 512 -29.82 -56.01 -2.77
C VAL C 512 -30.54 -56.45 -1.52
N ASN C 513 -31.85 -56.22 -1.48
CA ASN C 513 -32.70 -56.71 -0.37
C ASN C 513 -32.96 -58.20 -0.58
N ILE C 514 -32.77 -58.99 0.47
CA ILE C 514 -33.07 -60.44 0.43
C ILE C 514 -34.44 -60.66 1.06
N ILE C 515 -35.35 -61.24 0.29
CA ILE C 515 -36.73 -61.53 0.76
C ILE C 515 -36.88 -63.03 1.04
N ASN C 517 -39.41 -64.11 3.78
CA ASN C 517 -40.89 -64.24 3.78
C ASN C 517 -41.37 -64.63 2.38
N LEU C 518 -42.48 -64.02 1.93
CA LEU C 518 -43.09 -64.25 0.61
C LEU C 518 -43.46 -65.74 0.48
N ASN C 519 -44.35 -66.19 1.37
CA ASN C 519 -44.79 -67.60 1.41
C ASN C 519 -46.20 -67.67 2.01
N HIS C 524 -48.06 -58.31 -0.26
CA HIS C 524 -46.64 -58.14 0.18
C HIS C 524 -46.16 -56.72 -0.12
N TYR C 525 -45.59 -56.05 0.86
CA TYR C 525 -45.03 -54.68 0.69
C TYR C 525 -43.73 -54.59 1.49
N TYR C 526 -42.76 -53.88 0.94
CA TYR C 526 -41.44 -53.69 1.56
C TYR C 526 -41.08 -52.21 1.51
N THR C 527 -40.67 -51.67 2.65
CA THR C 527 -40.34 -50.24 2.78
C THR C 527 -38.85 -50.09 3.12
N ARG C 528 -38.14 -49.31 2.30
CA ARG C 528 -36.72 -48.98 2.55
C ARG C 528 -36.51 -47.50 2.28
N GLN C 529 -35.37 -46.97 2.71
CA GLN C 529 -34.97 -45.58 2.37
C GLN C 529 -34.84 -45.49 0.86
N SER C 530 -35.47 -44.50 0.26
CA SER C 530 -35.44 -44.33 -1.20
C SER C 530 -34.08 -43.78 -1.61
N PRO C 531 -33.36 -44.43 -2.53
CA PRO C 531 -32.14 -43.83 -3.08
C PRO C 531 -32.43 -42.55 -3.84
N ASP C 532 -31.45 -41.67 -3.91
CA ASP C 532 -31.59 -40.39 -4.67
C ASP C 532 -31.87 -40.69 -6.14
N VAL C 533 -32.26 -39.67 -6.87
CA VAL C 533 -32.54 -39.81 -8.33
C VAL C 533 -31.27 -40.31 -9.03
N HIS C 534 -31.48 -41.15 -10.04
CA HIS C 534 -30.41 -41.80 -10.85
C HIS C 534 -29.65 -42.86 -10.05
N ASP C 535 -29.97 -43.07 -8.77
CA ASP C 535 -29.32 -44.15 -7.97
C ASP C 535 -30.12 -45.44 -8.11
N TYR C 536 -29.67 -46.49 -7.45
CA TYR C 536 -30.22 -47.85 -7.68
C TYR C 536 -30.54 -48.52 -6.35
N ILE C 537 -31.51 -49.41 -6.39
CA ILE C 537 -31.89 -50.30 -5.27
C ILE C 537 -32.29 -51.65 -5.86
N SER C 538 -31.81 -52.71 -5.25
CA SER C 538 -32.02 -54.08 -5.78
C SER C 538 -32.83 -54.89 -4.78
N TYR C 539 -33.65 -55.79 -5.30
CA TYR C 539 -34.47 -56.70 -4.49
C TYR C 539 -34.24 -58.12 -4.97
N GLU C 540 -34.10 -59.04 -4.02
CA GLU C 540 -33.90 -60.48 -4.35
C GLU C 540 -35.00 -61.28 -3.67
N PHE C 541 -35.67 -62.12 -4.42
CA PHE C 541 -36.84 -62.87 -3.91
C PHE C 541 -36.94 -64.21 -4.63
N THR C 542 -37.70 -65.12 -4.03
CA THR C 542 -37.97 -66.46 -4.58
C THR C 542 -39.49 -66.61 -4.74
N ILE C 543 -39.88 -67.23 -5.85
CA ILE C 543 -41.32 -67.44 -6.15
C ILE C 543 -41.77 -68.69 -5.43
N PRO C 544 -42.87 -68.63 -4.65
CA PRO C 544 -43.37 -69.79 -3.92
C PRO C 544 -44.08 -70.80 -4.84
N THR C 552 -44.97 -71.77 -12.14
CA THR C 552 -45.68 -70.74 -12.96
C THR C 552 -46.72 -70.02 -12.09
N SER C 553 -46.76 -68.69 -12.17
CA SER C 553 -47.68 -67.85 -11.38
C SER C 553 -47.81 -66.47 -12.02
N ASN C 554 -48.72 -65.64 -11.51
CA ASN C 554 -48.94 -64.26 -12.01
C ASN C 554 -48.24 -63.31 -11.05
N ILE C 555 -47.25 -62.57 -11.54
CA ILE C 555 -46.49 -61.64 -10.66
C ILE C 555 -46.64 -60.21 -11.17
N ARG C 556 -47.07 -59.31 -10.30
CA ARG C 556 -47.21 -57.86 -10.61
C ARG C 556 -46.32 -57.11 -9.64
N LEU C 557 -45.36 -56.36 -10.16
CA LEU C 557 -44.40 -55.59 -9.33
C LEU C 557 -44.65 -54.11 -9.55
N TYR C 558 -44.88 -53.38 -8.48
CA TYR C 558 -45.01 -51.90 -8.61
C TYR C 558 -44.50 -51.23 -7.36
N THR C 559 -44.26 -49.93 -7.49
CA THR C 559 -43.87 -49.09 -6.35
C THR C 559 -44.99 -48.12 -6.01
N SER C 560 -44.74 -47.31 -4.99
CA SER C 560 -45.68 -46.30 -4.49
C SER C 560 -44.91 -45.00 -4.27
N TYR C 561 -45.50 -43.89 -4.75
CA TYR C 561 -44.96 -42.51 -4.56
C TYR C 561 -43.61 -42.32 -5.27
N ASN C 562 -43.10 -43.33 -5.97
CA ASN C 562 -41.76 -43.22 -6.61
C ASN C 562 -41.75 -43.97 -7.92
N GLN C 563 -41.11 -43.38 -8.93
CA GLN C 563 -41.01 -43.98 -10.28
C GLN C 563 -39.62 -44.59 -10.44
N GLY C 564 -39.57 -45.87 -10.80
CA GLY C 564 -38.31 -46.60 -10.97
C GLY C 564 -38.33 -47.47 -12.21
N ILE C 565 -37.20 -47.57 -12.87
CA ILE C 565 -37.05 -48.34 -14.13
C ILE C 565 -36.58 -49.72 -13.71
N GLY C 566 -37.50 -50.67 -13.68
CA GLY C 566 -37.20 -52.08 -13.34
C GLY C 566 -36.33 -52.72 -14.40
N THR C 567 -35.40 -53.56 -13.99
CA THR C 567 -34.51 -54.29 -14.92
C THR C 567 -34.41 -55.74 -14.47
N LEU C 568 -35.58 -56.36 -14.28
CA LEU C 568 -35.69 -57.71 -13.69
C LEU C 568 -34.73 -58.69 -14.38
N PHE C 569 -33.86 -59.28 -13.60
CA PHE C 569 -32.99 -60.40 -14.04
C PHE C 569 -33.41 -61.69 -13.33
N ARG C 570 -33.00 -62.82 -13.92
CA ARG C 570 -33.22 -64.15 -13.32
C ARG C 570 -31.86 -64.75 -12.96
N VAL C 571 -31.81 -65.42 -11.82
CA VAL C 571 -30.60 -66.15 -11.35
C VAL C 571 -30.71 -67.58 -11.84
N THR C 572 -29.66 -68.08 -12.47
CA THR C 572 -29.61 -69.49 -12.94
C THR C 572 -28.53 -70.29 -12.20
N TYR C 578 -23.21 -67.13 -9.68
CA TYR C 578 -24.48 -67.52 -10.33
C TYR C 578 -24.76 -66.60 -11.54
N ASN C 579 -25.39 -67.16 -12.55
CA ASN C 579 -25.65 -66.45 -13.82
C ASN C 579 -26.83 -65.50 -13.66
N LEU C 580 -26.79 -64.40 -14.41
CA LEU C 580 -27.91 -63.44 -14.50
C LEU C 580 -28.31 -63.30 -15.96
N ILE C 581 -29.61 -63.37 -16.22
CA ILE C 581 -30.18 -63.20 -17.59
C ILE C 581 -31.28 -62.15 -17.49
N ASN C 582 -31.35 -61.27 -18.50
CA ASN C 582 -32.29 -60.12 -18.46
C ASN C 582 -33.63 -60.61 -19.01
N ILE C 583 -34.70 -60.51 -18.22
CA ILE C 583 -36.01 -61.11 -18.62
C ILE C 583 -36.90 -60.01 -19.19
N GLN C 584 -37.16 -58.96 -18.42
CA GLN C 584 -37.91 -57.78 -18.90
C GLN C 584 -37.03 -56.54 -18.80
N GLN C 585 -37.22 -55.59 -19.72
CA GLN C 585 -36.44 -54.33 -19.73
C GLN C 585 -37.37 -53.13 -19.51
N ASN C 586 -36.86 -52.14 -18.80
CA ASN C 586 -37.49 -50.79 -18.69
C ASN C 586 -38.88 -50.93 -18.07
N LEU C 587 -39.00 -51.65 -16.96
CA LEU C 587 -40.30 -51.78 -16.26
C LEU C 587 -40.48 -50.55 -15.39
N ASN C 588 -41.27 -49.57 -15.85
CA ASN C 588 -41.69 -48.43 -15.01
C ASN C 588 -42.70 -48.95 -13.98
N LEU C 589 -42.41 -48.73 -12.71
CA LEU C 589 -43.13 -49.41 -11.60
C LEU C 589 -43.92 -48.40 -10.77
N LEU C 590 -44.14 -47.16 -11.23
CA LEU C 590 -44.95 -46.20 -10.47
C LEU C 590 -46.42 -46.59 -10.65
N ASN C 591 -46.97 -47.34 -9.70
CA ASN C 591 -48.38 -47.78 -9.71
C ASN C 591 -48.69 -48.59 -10.97
N SER C 592 -47.69 -49.31 -11.47
CA SER C 592 -47.83 -50.13 -12.70
C SER C 592 -48.85 -51.25 -12.48
N THR C 593 -49.65 -51.52 -13.48
CA THR C 593 -50.67 -52.61 -13.44
C THR C 593 -50.24 -53.77 -14.33
N LYS C 594 -49.01 -53.77 -14.84
CA LYS C 594 -48.53 -54.85 -15.74
C LYS C 594 -48.37 -56.14 -14.93
N SER C 595 -48.19 -57.25 -15.62
CA SER C 595 -47.94 -58.57 -14.97
C SER C 595 -46.96 -59.38 -15.79
N ILE C 596 -46.21 -60.24 -15.12
CA ILE C 596 -45.21 -61.12 -15.78
C ILE C 596 -45.43 -62.55 -15.28
N ARG C 597 -45.37 -63.51 -16.20
CA ARG C 597 -45.38 -64.93 -15.82
C ARG C 597 -44.07 -65.27 -15.11
N LEU C 598 -44.16 -65.83 -13.92
CA LEU C 598 -42.99 -66.07 -13.06
C LEU C 598 -42.89 -67.56 -12.75
N LEU C 599 -41.70 -68.12 -12.99
CA LEU C 599 -41.47 -69.57 -12.72
C LEU C 599 -41.46 -69.81 -11.22
N ASN C 600 -42.17 -70.84 -10.78
CA ASN C 600 -42.26 -71.19 -9.34
C ASN C 600 -40.91 -71.78 -8.92
N GLY C 601 -40.50 -71.47 -7.69
CA GLY C 601 -39.28 -72.02 -7.07
C GLY C 601 -38.03 -71.60 -7.81
N ALA C 602 -37.97 -70.35 -8.28
CA ALA C 602 -36.78 -69.79 -8.94
C ALA C 602 -36.47 -68.44 -8.32
N ILE C 603 -35.18 -68.10 -8.29
CA ILE C 603 -34.70 -66.85 -7.64
C ILE C 603 -34.68 -65.75 -8.69
N TYR C 604 -35.22 -64.60 -8.35
CA TYR C 604 -35.29 -63.43 -9.26
C TYR C 604 -34.74 -62.20 -8.56
N ILE C 605 -34.14 -61.32 -9.34
CA ILE C 605 -33.59 -60.03 -8.85
C ILE C 605 -34.22 -58.90 -9.64
N LEU C 606 -34.66 -57.87 -8.95
CA LEU C 606 -35.27 -56.67 -9.58
C LEU C 606 -34.40 -55.46 -9.22
N LYS C 607 -33.63 -54.98 -10.17
CA LYS C 607 -32.92 -53.69 -10.02
C LYS C 607 -33.91 -52.55 -10.30
N VAL C 608 -33.90 -51.55 -9.44
CA VAL C 608 -34.78 -50.35 -9.60
C VAL C 608 -33.89 -49.11 -9.60
N GLU C 609 -34.02 -48.29 -10.62
CA GLU C 609 -33.33 -46.99 -10.73
C GLU C 609 -34.34 -45.90 -10.40
N VAL C 610 -34.12 -45.20 -9.30
CA VAL C 610 -35.05 -44.14 -8.86
C VAL C 610 -34.98 -42.98 -9.85
N THR C 611 -36.13 -42.63 -10.44
CA THR C 611 -36.21 -41.53 -11.44
C THR C 611 -36.99 -40.35 -10.88
N GLU C 612 -38.07 -40.60 -10.17
CA GLU C 612 -38.91 -39.55 -9.55
C GLU C 612 -38.94 -39.77 -8.04
N LEU C 613 -38.33 -38.87 -7.29
CA LEU C 613 -38.22 -39.00 -5.81
C LEU C 613 -39.26 -38.09 -5.17
N ASN C 614 -40.38 -38.66 -4.74
CA ASN C 614 -41.44 -37.88 -4.06
C ASN C 614 -41.47 -38.19 -2.56
N ASN C 615 -40.99 -39.36 -2.16
CA ASN C 615 -41.07 -39.81 -0.75
C ASN C 615 -39.67 -40.17 -0.26
N TYR C 616 -39.45 -39.99 1.03
CA TYR C 616 -38.19 -40.38 1.68
C TYR C 616 -38.01 -41.90 1.57
N ASN C 617 -39.10 -42.65 1.67
CA ASN C 617 -39.07 -44.13 1.65
C ASN C 617 -39.47 -44.64 0.27
N ILE C 618 -38.93 -45.79 -0.08
CA ILE C 618 -39.29 -46.52 -1.32
C ILE C 618 -40.13 -47.72 -0.89
N LYS C 619 -41.27 -47.89 -1.55
CA LYS C 619 -42.18 -49.02 -1.27
C LYS C 619 -42.27 -49.90 -2.52
N LEU C 620 -42.33 -51.20 -2.33
CA LEU C 620 -42.44 -52.15 -3.46
C LEU C 620 -43.43 -53.24 -3.10
N HIS C 621 -44.26 -53.63 -4.05
CA HIS C 621 -45.32 -54.63 -3.85
C HIS C 621 -45.08 -55.83 -4.76
N ILE C 622 -45.62 -56.97 -4.34
CA ILE C 622 -45.58 -58.22 -5.14
C ILE C 622 -46.98 -58.50 -5.70
#